data_9JEO
#
_entry.id   9JEO
#
_cell.length_a   61.128
_cell.length_b   118.714
_cell.length_c   254.613
_cell.angle_alpha   90.00
_cell.angle_beta   90.00
_cell.angle_gamma   90.00
#
_symmetry.space_group_name_H-M   'P 21 21 21'
#
loop_
_entity.id
_entity.type
_entity.pdbx_description
1 polymer 'NodB homology domain-containing protein'
2 branched 2-acetamido-2-deoxy-beta-D-glucopyranose-(1-4)-2-amino-2-deoxy-beta-D-glucopyranose
3 non-polymer 'ZINC ION'
4 non-polymer 'SODIUM ION'
5 water water
#
_entity_poly.entity_id   1
_entity_poly.type   'polypeptide(L)'
_entity_poly.pdbx_seq_one_letter_code
;QTAPKGTIYLTFDDGPINASIDVINVLNEQGVKGTFYFNAWHLDGIGDENEDRALEALKLALDTGHVVANHSYAHMVHNC
VDEFGPTSGAECNATGDHQINAYQDPVYDASTFADNLVVFERYLPNINSYPNYFGEELARLPYTNGWRITKDFKADGLCA
TSDDLKPWEPGYVCDLDNPSNSVKASIEVQNILANKGYQTHGWDVDWSPENWGIPMPANSLTEAEAFLGYVDAALNSCAP
TTINPINSKAHGFPCGTPLHADKVVVLTHEFLYEDGKRGMGATQNLPKLAKFLRIAKEAGYVFDTIDNYTPVWQVGNAYA
AGDYVTHSGTVYKAVTAHIAQQDWAPSSTSSLWTNADPATNWTLNVSYEAGDVVTYQGLRYLVNVPHVSQADWTPNTQNT
LFTALRSHHHHHH
;
_entity_poly.pdbx_strand_id   A,B,C,D
#
# COMPACT_ATOMS: atom_id res chain seq x y z
N PRO A 4 -11.07 -6.65 0.46
CA PRO A 4 -11.34 -6.05 -0.85
C PRO A 4 -12.09 -6.97 -1.78
N LYS A 5 -12.92 -6.37 -2.64
CA LYS A 5 -13.72 -7.17 -3.60
C LYS A 5 -12.82 -7.66 -4.76
N GLY A 6 -11.76 -6.94 -5.03
CA GLY A 6 -10.93 -7.30 -6.17
C GLY A 6 -9.77 -6.35 -6.35
N THR A 7 -8.99 -6.64 -7.38
CA THR A 7 -7.79 -5.85 -7.64
C THR A 7 -7.87 -5.26 -9.03
N ILE A 8 -7.64 -3.97 -9.13
CA ILE A 8 -7.59 -3.30 -10.42
C ILE A 8 -6.12 -3.06 -10.76
N TYR A 9 -5.73 -3.41 -12.00
CA TYR A 9 -4.41 -3.09 -12.52
C TYR A 9 -4.62 -1.96 -13.53
N LEU A 10 -4.32 -0.72 -13.12
CA LEU A 10 -4.43 0.41 -14.03
C LEU A 10 -3.20 0.43 -14.92
N THR A 11 -3.40 0.34 -16.24
CA THR A 11 -2.28 0.29 -17.17
C THR A 11 -2.47 1.38 -18.20
N PHE A 12 -1.36 2.03 -18.55
CA PHE A 12 -1.36 3.18 -19.45
C PHE A 12 -0.41 2.87 -20.60
N ASP A 13 -0.90 3.00 -21.83
CA ASP A 13 -0.12 2.68 -23.02
C ASP A 13 0.34 3.93 -23.78
N ASP A 14 1.53 3.83 -24.40
CA ASP A 14 2.03 4.67 -25.49
C ASP A 14 2.79 5.91 -25.00
N GLY A 15 3.09 5.99 -23.71
CA GLY A 15 4.02 7.00 -23.24
C GLY A 15 5.46 6.57 -23.57
N PRO A 16 6.47 7.31 -23.08
CA PRO A 16 6.34 8.47 -22.20
C PRO A 16 6.17 9.76 -23.01
N ILE A 17 5.14 10.53 -22.70
CA ILE A 17 4.88 11.81 -23.36
C ILE A 17 4.59 12.85 -22.28
N ASN A 18 4.50 14.11 -22.69
CA ASN A 18 4.25 15.17 -21.70
C ASN A 18 3.03 14.86 -20.87
N ALA A 19 1.96 14.38 -21.50
CA ALA A 19 0.72 14.09 -20.77
C ALA A 19 0.89 13.01 -19.73
N SER A 20 1.92 12.16 -19.86
CA SER A 20 2.17 11.15 -18.83
C SER A 20 2.42 11.80 -17.48
N ILE A 21 3.05 12.97 -17.46
CA ILE A 21 3.37 13.62 -16.19
C ILE A 21 2.10 14.00 -15.44
N ASP A 22 1.09 14.51 -16.17
CA ASP A 22 -0.18 14.89 -15.55
C ASP A 22 -0.93 13.67 -15.02
N VAL A 23 -0.91 12.57 -15.77
CA VAL A 23 -1.53 11.33 -15.31
C VAL A 23 -0.83 10.83 -14.06
N ILE A 24 0.51 10.79 -14.10
CA ILE A 24 1.27 10.33 -12.95
C ILE A 24 1.01 11.24 -11.75
N ASN A 25 0.91 12.55 -11.97
CA ASN A 25 0.65 13.45 -10.85
C ASN A 25 -0.70 13.16 -10.21
N VAL A 26 -1.70 12.79 -11.01
CA VAL A 26 -3.02 12.42 -10.48
C VAL A 26 -2.92 11.15 -9.64
N LEU A 27 -2.25 10.12 -10.17
CA LEU A 27 -2.05 8.89 -9.40
C LEU A 27 -1.30 9.17 -8.10
N ASN A 28 -0.23 9.95 -8.18
CA ASN A 28 0.59 10.15 -6.98
C ASN A 28 -0.19 10.90 -5.90
N GLU A 29 -1.13 11.75 -6.28
CA GLU A 29 -1.91 12.46 -5.27
C GLU A 29 -2.71 11.51 -4.39
N GLN A 30 -3.01 10.31 -4.88
CA GLN A 30 -3.72 9.32 -4.08
C GLN A 30 -2.88 8.09 -3.79
N GLY A 31 -1.57 8.12 -4.08
CA GLY A 31 -0.72 7.00 -3.73
C GLY A 31 -0.89 5.76 -4.57
N VAL A 32 -1.63 5.83 -5.68
CA VAL A 32 -1.89 4.68 -6.55
C VAL A 32 -0.72 4.50 -7.51
N LYS A 33 -0.34 3.24 -7.76
CA LYS A 33 0.73 2.90 -8.69
C LYS A 33 0.13 2.29 -9.95
N GLY A 34 0.62 2.73 -11.10
CA GLY A 34 0.17 2.22 -12.38
C GLY A 34 1.30 1.46 -13.05
N THR A 35 0.92 0.77 -14.12
CA THR A 35 1.87 0.10 -15.01
C THR A 35 1.86 0.84 -16.34
N PHE A 36 3.04 1.23 -16.82
CA PHE A 36 3.18 2.04 -18.02
C PHE A 36 3.88 1.25 -19.10
N TYR A 37 3.17 1.03 -20.20
CA TYR A 37 3.69 0.30 -21.35
C TYR A 37 4.24 1.35 -22.32
N PHE A 38 5.56 1.53 -22.29
CA PHE A 38 6.22 2.65 -22.94
C PHE A 38 6.81 2.29 -24.32
N ASN A 39 6.86 3.31 -25.17
CA ASN A 39 7.49 3.26 -26.49
C ASN A 39 8.62 4.30 -26.48
N ALA A 40 9.87 3.84 -26.58
CA ALA A 40 10.99 4.77 -26.49
C ALA A 40 11.11 5.75 -27.66
N TRP A 41 10.37 5.58 -28.76
CA TRP A 41 10.54 6.55 -29.83
C TRP A 41 10.16 7.96 -29.39
N HIS A 42 9.37 8.09 -28.31
CA HIS A 42 9.04 9.42 -27.79
C HIS A 42 10.26 10.10 -27.17
N LEU A 43 11.17 9.33 -26.55
CA LEU A 43 12.42 9.91 -26.06
C LEU A 43 13.25 10.47 -27.21
N ASP A 44 13.20 9.82 -28.37
CA ASP A 44 13.91 10.29 -29.55
C ASP A 44 13.21 11.47 -30.23
N GLY A 45 12.00 11.82 -29.80
CA GLY A 45 11.28 12.95 -30.35
C GLY A 45 10.64 12.72 -31.69
N ILE A 46 10.40 11.46 -32.08
CA ILE A 46 9.90 11.15 -33.41
C ILE A 46 8.52 10.49 -33.35
N GLY A 47 7.87 10.47 -32.19
CA GLY A 47 6.59 9.83 -32.05
C GLY A 47 5.38 10.71 -32.31
N ASP A 48 5.60 11.96 -32.75
CA ASP A 48 4.53 12.87 -33.16
C ASP A 48 3.50 13.12 -32.04
N GLU A 49 3.98 13.21 -30.81
CA GLU A 49 3.21 13.73 -29.69
C GLU A 49 3.96 14.92 -29.08
N ASN A 50 3.29 15.64 -28.19
CA ASN A 50 3.98 16.59 -27.31
C ASN A 50 4.86 15.77 -26.38
N GLU A 51 6.17 15.73 -26.64
CA GLU A 51 7.00 14.78 -25.91
C GLU A 51 8.37 15.34 -25.55
N ASP A 52 8.53 16.66 -25.51
CA ASP A 52 9.81 17.20 -25.10
C ASP A 52 10.14 16.85 -23.65
N ARG A 53 9.13 16.60 -22.82
CA ARG A 53 9.33 16.17 -21.44
C ARG A 53 9.26 14.66 -21.28
N ALA A 54 9.53 13.91 -22.34
CA ALA A 54 9.45 12.44 -22.28
C ALA A 54 10.42 11.87 -21.24
N LEU A 55 11.67 12.34 -21.23
CA LEU A 55 12.62 11.76 -20.29
C LEU A 55 12.26 12.11 -18.86
N GLU A 56 11.75 13.33 -18.66
CA GLU A 56 11.26 13.73 -17.35
C GLU A 56 10.09 12.85 -16.92
N ALA A 57 9.23 12.48 -17.87
CA ALA A 57 8.10 11.60 -17.56
C ALA A 57 8.57 10.20 -17.19
N LEU A 58 9.53 9.65 -17.94
CA LEU A 58 10.09 8.35 -17.62
C LEU A 58 10.71 8.35 -16.21
N LYS A 59 11.51 9.37 -15.90
CA LYS A 59 12.13 9.46 -14.57
C LYS A 59 11.08 9.58 -13.48
N LEU A 60 10.04 10.36 -13.72
CA LEU A 60 8.99 10.55 -12.71
C LEU A 60 8.25 9.24 -12.44
N ALA A 61 7.92 8.49 -13.49
CA ALA A 61 7.28 7.19 -13.27
C ALA A 61 8.14 6.30 -12.38
N LEU A 62 9.44 6.20 -12.70
CA LEU A 62 10.33 5.34 -11.93
C LEU A 62 10.56 5.89 -10.53
N ASP A 63 10.72 7.22 -10.40
CA ASP A 63 11.01 7.80 -9.09
C ASP A 63 9.82 7.75 -8.13
N THR A 64 8.59 7.66 -8.64
CA THR A 64 7.44 7.58 -7.74
C THR A 64 6.79 6.20 -7.71
N GLY A 65 7.52 5.17 -8.15
CA GLY A 65 7.14 3.80 -7.84
C GLY A 65 6.21 3.14 -8.83
N HIS A 66 6.04 3.68 -10.02
CA HIS A 66 5.23 3.04 -11.04
C HIS A 66 6.08 2.03 -11.81
N VAL A 67 5.42 1.03 -12.37
CA VAL A 67 6.11 -0.03 -13.11
C VAL A 67 6.21 0.35 -14.58
N VAL A 68 7.42 0.26 -15.12
CA VAL A 68 7.70 0.53 -16.52
C VAL A 68 7.84 -0.79 -17.25
N ALA A 69 7.07 -0.96 -18.33
CA ALA A 69 7.04 -2.20 -19.10
C ALA A 69 7.20 -1.88 -20.58
N ASN A 70 7.33 -2.93 -21.39
CA ASN A 70 7.84 -2.80 -22.75
C ASN A 70 6.71 -2.86 -23.77
N HIS A 71 6.54 -1.78 -24.55
CA HIS A 71 5.47 -1.73 -25.55
C HIS A 71 6.02 -1.65 -26.98
N SER A 72 7.32 -1.90 -27.16
CA SER A 72 8.11 -1.83 -28.40
C SER A 72 8.60 -0.42 -28.70
N TYR A 73 9.66 -0.32 -29.52
CA TYR A 73 10.31 0.98 -29.72
C TYR A 73 9.35 2.01 -30.33
N ALA A 74 8.67 1.67 -31.43
CA ALA A 74 7.89 2.64 -32.18
C ALA A 74 6.46 2.15 -32.47
N HIS A 75 5.95 1.24 -31.65
CA HIS A 75 4.54 0.88 -31.76
C HIS A 75 4.20 0.28 -33.13
N MET A 76 5.19 -0.40 -33.74
CA MET A 76 5.10 -1.04 -35.05
C MET A 76 4.80 -0.07 -36.17
N VAL A 77 5.07 1.23 -35.98
CA VAL A 77 4.77 2.18 -37.04
C VAL A 77 5.70 2.01 -38.25
N HIS A 78 6.83 1.31 -38.08
CA HIS A 78 7.61 0.94 -39.25
C HIS A 78 6.79 0.14 -40.24
N ASN A 79 5.76 -0.57 -39.77
CA ASN A 79 4.92 -1.32 -40.69
C ASN A 79 3.80 -0.49 -41.31
N CYS A 80 3.69 0.78 -40.97
CA CYS A 80 2.66 1.65 -41.51
C CYS A 80 3.17 2.47 -42.70
N VAL A 81 4.47 2.47 -42.95
CA VAL A 81 5.09 3.35 -43.93
C VAL A 81 6.05 2.53 -44.78
N ASP A 82 6.42 3.10 -45.94
CA ASP A 82 7.38 2.41 -46.82
C ASP A 82 8.77 2.37 -46.21
N GLU A 83 9.22 3.45 -45.60
CA GLU A 83 10.55 3.50 -45.04
C GLU A 83 10.49 4.21 -43.70
N PHE A 84 10.83 3.50 -42.64
CA PHE A 84 10.73 4.08 -41.31
C PHE A 84 11.82 5.13 -41.08
N GLY A 85 11.40 6.26 -40.53
CA GLY A 85 12.31 7.34 -40.26
C GLY A 85 11.69 8.31 -39.27
N PRO A 86 12.38 9.43 -39.04
CA PRO A 86 11.93 10.37 -38.01
C PRO A 86 10.54 10.94 -38.25
N THR A 87 10.05 10.96 -39.50
CA THR A 87 8.75 11.53 -39.82
C THR A 87 7.64 10.48 -39.91
N SER A 88 7.96 9.21 -39.70
CA SER A 88 6.96 8.16 -39.92
C SER A 88 5.77 8.26 -38.98
N GLY A 89 6.00 8.63 -37.71
CA GLY A 89 4.88 8.77 -36.80
C GLY A 89 3.87 9.81 -37.30
N ALA A 90 4.36 10.91 -37.84
CA ALA A 90 3.49 11.94 -38.38
C ALA A 90 2.79 11.47 -39.65
N GLU A 91 3.52 10.78 -40.54
CA GLU A 91 2.93 10.25 -41.76
C GLU A 91 1.78 9.28 -41.44
N CYS A 92 2.02 8.36 -40.51
CA CYS A 92 0.98 7.40 -40.13
C CYS A 92 -0.19 8.07 -39.42
N ASN A 93 0.07 9.14 -38.66
CA ASN A 93 -1.05 9.85 -38.05
C ASN A 93 -1.90 10.54 -39.10
N ALA A 94 -1.29 10.96 -40.21
CA ALA A 94 -2.06 11.61 -41.28
C ALA A 94 -2.98 10.62 -41.98
N THR A 95 -2.63 9.34 -42.04
CA THR A 95 -3.51 8.36 -42.68
C THR A 95 -4.42 7.63 -41.71
N GLY A 96 -4.03 7.53 -40.44
CA GLY A 96 -4.78 6.72 -39.48
C GLY A 96 -4.68 5.23 -39.70
N ASP A 97 -3.67 4.77 -40.45
CA ASP A 97 -3.58 3.40 -40.94
C ASP A 97 -2.80 2.48 -40.00
N HIS A 98 -2.71 2.82 -38.71
CA HIS A 98 -1.86 2.07 -37.77
C HIS A 98 -2.20 0.58 -37.71
N GLN A 99 -3.48 0.21 -37.81
CA GLN A 99 -3.87 -1.18 -37.66
C GLN A 99 -3.67 -2.02 -38.92
N ILE A 100 -3.41 -1.39 -40.05
CA ILE A 100 -3.33 -2.08 -41.34
C ILE A 100 -1.90 -2.54 -41.57
N ASN A 101 -1.72 -3.85 -41.75
CA ASN A 101 -0.39 -4.44 -41.92
C ASN A 101 0.52 -4.13 -40.73
N ALA A 102 -0.06 -4.02 -39.53
CA ALA A 102 0.69 -3.57 -38.36
C ALA A 102 1.81 -4.54 -37.98
N TYR A 103 1.61 -5.83 -38.25
CA TYR A 103 2.65 -6.85 -38.07
C TYR A 103 2.91 -7.50 -39.43
N GLN A 104 4.20 -7.60 -39.78
CA GLN A 104 4.55 -8.16 -41.07
C GLN A 104 5.58 -9.28 -40.90
N ASP A 105 6.86 -8.93 -40.67
CA ASP A 105 7.94 -9.87 -40.38
C ASP A 105 8.05 -10.00 -38.87
N PRO A 106 7.56 -11.09 -38.28
CA PRO A 106 7.47 -11.13 -36.81
C PRO A 106 8.84 -11.12 -36.15
N VAL A 107 9.87 -11.64 -36.81
CA VAL A 107 11.20 -11.62 -36.18
C VAL A 107 11.69 -10.18 -36.04
N TYR A 108 11.56 -9.39 -37.11
CA TYR A 108 11.90 -7.97 -37.01
C TYR A 108 10.97 -7.26 -36.02
N ASP A 109 9.67 -7.50 -36.10
CA ASP A 109 8.74 -6.81 -35.21
C ASP A 109 9.06 -7.10 -33.75
N ALA A 110 9.32 -8.35 -33.42
CA ALA A 110 9.71 -8.70 -32.05
C ALA A 110 11.02 -8.02 -31.67
N SER A 111 11.96 -7.93 -32.61
CA SER A 111 13.23 -7.26 -32.34
C SER A 111 13.03 -5.81 -31.90
N THR A 112 11.91 -5.16 -32.26
CA THR A 112 11.76 -3.77 -31.80
C THR A 112 11.39 -3.66 -30.32
N PHE A 113 11.00 -4.77 -29.68
CA PHE A 113 10.93 -4.78 -28.22
C PHE A 113 12.32 -4.77 -27.60
N ALA A 114 13.26 -5.48 -28.21
CA ALA A 114 14.64 -5.44 -27.71
C ALA A 114 15.26 -4.06 -27.96
N ASP A 115 15.01 -3.49 -29.14
CA ASP A 115 15.49 -2.14 -29.43
C ASP A 115 14.99 -1.14 -28.41
N ASN A 116 13.74 -1.32 -27.96
CA ASN A 116 13.13 -0.39 -27.02
C ASN A 116 13.97 -0.28 -25.76
N LEU A 117 14.47 -1.42 -25.27
CA LEU A 117 15.26 -1.43 -24.04
C LEU A 117 16.62 -0.78 -24.24
N VAL A 118 17.23 -0.98 -25.42
CA VAL A 118 18.50 -0.32 -25.71
C VAL A 118 18.34 1.19 -25.60
N VAL A 119 17.24 1.71 -26.13
CA VAL A 119 17.01 3.15 -26.09
C VAL A 119 16.73 3.64 -24.66
N PHE A 120 15.90 2.90 -23.89
CA PHE A 120 15.67 3.30 -22.49
C PHE A 120 17.00 3.45 -21.75
N GLU A 121 17.88 2.45 -21.90
CA GLU A 121 19.13 2.41 -21.13
C GLU A 121 20.13 3.42 -21.63
N ARG A 122 19.96 3.93 -22.85
CA ARG A 122 20.78 5.04 -23.32
C ARG A 122 20.33 6.34 -22.69
N TYR A 123 19.02 6.58 -22.64
CA TYR A 123 18.51 7.83 -22.08
C TYR A 123 18.57 7.86 -20.57
N LEU A 124 18.46 6.72 -19.92
CA LEU A 124 18.47 6.67 -18.45
C LEU A 124 19.42 5.55 -18.07
N PRO A 125 20.72 5.82 -18.01
CA PRO A 125 21.69 4.74 -17.86
C PRO A 125 21.55 3.92 -16.58
N ASN A 126 20.98 4.49 -15.50
CA ASN A 126 20.80 3.71 -14.27
C ASN A 126 19.42 3.07 -14.15
N ILE A 127 18.70 2.91 -15.26
CA ILE A 127 17.32 2.44 -15.18
C ILE A 127 17.25 1.04 -14.57
N ASN A 128 18.28 0.19 -14.76
CA ASN A 128 18.14 -1.14 -14.20
C ASN A 128 18.50 -1.20 -12.71
N SER A 129 18.79 -0.06 -12.09
CA SER A 129 18.90 0.05 -10.65
C SER A 129 17.56 0.29 -9.96
N TYR A 130 16.46 0.43 -10.72
CA TYR A 130 15.10 0.61 -10.20
C TYR A 130 14.40 -0.73 -10.12
N PRO A 131 13.91 -1.10 -8.94
CA PRO A 131 13.20 -2.38 -8.82
C PRO A 131 11.89 -2.41 -9.59
N ASN A 132 11.33 -1.25 -9.92
CA ASN A 132 10.07 -1.19 -10.63
C ASN A 132 10.27 -1.07 -12.14
N TYR A 133 11.49 -1.22 -12.64
CA TYR A 133 11.75 -1.29 -14.08
C TYR A 133 11.62 -2.73 -14.51
N PHE A 134 10.54 -3.04 -15.25
CA PHE A 134 10.28 -4.39 -15.72
C PHE A 134 10.36 -4.48 -17.24
N GLY A 135 11.18 -3.64 -17.86
CA GLY A 135 11.22 -3.59 -19.32
C GLY A 135 11.60 -4.91 -19.96
N GLU A 136 12.44 -5.71 -19.29
CA GLU A 136 12.88 -6.98 -19.87
C GLU A 136 11.94 -8.13 -19.60
N GLU A 137 10.91 -7.94 -18.76
CA GLU A 137 10.10 -9.05 -18.30
C GLU A 137 8.61 -8.93 -18.58
N LEU A 138 8.11 -7.71 -18.83
CA LEU A 138 6.67 -7.50 -19.03
C LEU A 138 6.49 -6.73 -20.32
N ALA A 139 5.55 -7.18 -21.16
CA ALA A 139 5.32 -6.52 -22.43
C ALA A 139 3.84 -6.51 -22.74
N ARG A 140 3.46 -5.69 -23.69
CA ARG A 140 2.12 -5.73 -24.27
C ARG A 140 2.26 -5.40 -25.74
N LEU A 141 1.59 -6.15 -26.61
CA LEU A 141 1.76 -5.90 -28.05
C LEU A 141 0.90 -4.73 -28.50
N PRO A 142 1.44 -3.80 -29.28
CA PRO A 142 0.60 -2.79 -29.95
C PRO A 142 -0.62 -3.41 -30.59
N TYR A 143 -1.78 -2.78 -30.35
CA TYR A 143 -3.09 -3.01 -30.97
C TYR A 143 -3.77 -4.27 -30.47
N THR A 144 -3.14 -5.06 -29.60
CA THR A 144 -3.51 -6.48 -29.52
C THR A 144 -3.79 -6.91 -28.10
N ASN A 145 -5.00 -7.40 -27.86
CA ASN A 145 -5.36 -7.96 -26.55
C ASN A 145 -4.91 -9.43 -26.53
N GLY A 146 -3.60 -9.61 -26.45
CA GLY A 146 -3.00 -10.93 -26.42
C GLY A 146 -2.27 -11.16 -25.10
N TRP A 147 -2.24 -12.42 -24.68
CA TRP A 147 -1.74 -12.77 -23.35
C TRP A 147 -0.76 -13.93 -23.43
N ARG A 148 0.35 -13.82 -22.68
CA ARG A 148 1.27 -14.95 -22.48
C ARG A 148 1.62 -14.91 -20.99
N ILE A 149 0.93 -15.70 -20.19
CA ILE A 149 1.03 -15.62 -18.73
C ILE A 149 1.68 -16.86 -18.16
N THR A 150 1.13 -18.04 -18.48
CA THR A 150 1.72 -19.31 -18.09
C THR A 150 1.63 -20.25 -19.27
N LYS A 151 2.29 -21.41 -19.10
CA LYS A 151 2.18 -22.49 -20.06
C LYS A 151 0.74 -22.81 -20.43
N ASP A 152 -0.19 -22.66 -19.48
CA ASP A 152 -1.60 -22.96 -19.73
C ASP A 152 -2.51 -21.74 -19.70
N PHE A 153 -1.96 -20.55 -19.88
CA PHE A 153 -2.75 -19.31 -19.81
C PHE A 153 -2.19 -18.41 -20.92
N LYS A 154 -2.80 -18.52 -22.10
CA LYS A 154 -2.44 -17.75 -23.27
C LYS A 154 -3.72 -17.32 -24.00
N ALA A 155 -3.63 -16.23 -24.75
CA ALA A 155 -4.74 -15.78 -25.58
C ALA A 155 -4.17 -14.94 -26.71
N ASP A 156 -4.86 -14.89 -27.84
CA ASP A 156 -4.44 -14.03 -28.95
C ASP A 156 -5.62 -13.21 -29.45
N GLY A 157 -5.36 -11.94 -29.81
CA GLY A 157 -6.39 -11.14 -30.42
C GLY A 157 -6.51 -11.45 -31.89
N LEU A 158 -7.48 -12.29 -32.25
CA LEU A 158 -7.51 -12.82 -33.62
C LEU A 158 -8.08 -11.84 -34.63
N CYS A 159 -8.61 -10.70 -34.18
CA CYS A 159 -9.10 -9.66 -35.05
C CYS A 159 -8.42 -8.32 -34.80
N ALA A 160 -7.27 -8.31 -34.10
CA ALA A 160 -6.72 -7.05 -33.59
C ALA A 160 -6.21 -6.15 -34.69
N THR A 161 -5.59 -6.73 -35.72
CA THR A 161 -5.01 -5.97 -36.82
C THR A 161 -5.44 -6.61 -38.14
N SER A 162 -5.20 -5.89 -39.24
CA SER A 162 -5.90 -6.16 -40.48
C SER A 162 -4.93 -6.14 -41.64
N ASP A 163 -5.31 -6.81 -42.74
CA ASP A 163 -4.58 -6.71 -44.00
C ASP A 163 -5.25 -5.74 -44.96
N ASP A 164 -6.35 -5.09 -44.57
CA ASP A 164 -7.12 -4.30 -45.54
C ASP A 164 -7.83 -3.11 -44.89
N LEU A 165 -8.96 -3.33 -44.23
CA LEU A 165 -9.76 -2.25 -43.66
C LEU A 165 -9.47 -2.08 -42.17
N LYS A 166 -9.65 -0.86 -41.69
CA LYS A 166 -9.62 -0.64 -40.24
C LYS A 166 -10.81 -1.34 -39.60
N PRO A 167 -10.65 -1.85 -38.38
CA PRO A 167 -11.73 -2.65 -37.76
C PRO A 167 -13.01 -1.87 -37.50
N TRP A 168 -12.96 -0.54 -37.46
CA TRP A 168 -14.17 0.27 -37.28
C TRP A 168 -14.81 0.70 -38.59
N GLU A 169 -14.27 0.28 -39.75
CA GLU A 169 -14.89 0.65 -41.01
C GLU A 169 -16.02 -0.34 -41.36
N PRO A 170 -17.07 0.12 -42.04
CA PRO A 170 -18.28 -0.72 -42.15
C PRO A 170 -18.06 -2.05 -42.87
N GLY A 171 -17.17 -2.12 -43.86
CA GLY A 171 -16.94 -3.36 -44.58
C GLY A 171 -15.97 -4.34 -43.92
N TYR A 172 -15.47 -4.00 -42.73
CA TYR A 172 -14.48 -4.86 -42.08
C TYR A 172 -15.07 -6.22 -41.74
N VAL A 173 -14.32 -7.29 -42.03
CA VAL A 173 -14.73 -8.66 -41.75
C VAL A 173 -13.57 -9.37 -41.09
N CYS A 174 -13.84 -10.08 -40.00
CA CYS A 174 -12.84 -10.93 -39.36
C CYS A 174 -13.30 -12.38 -39.46
N ASP A 175 -12.38 -13.27 -39.86
CA ASP A 175 -12.64 -14.70 -39.96
C ASP A 175 -11.76 -15.40 -38.93
N LEU A 176 -12.38 -15.88 -37.85
CA LEU A 176 -11.59 -16.49 -36.77
C LEU A 176 -10.86 -17.75 -37.25
N ASP A 177 -11.38 -18.40 -38.28
CA ASP A 177 -10.78 -19.61 -38.82
C ASP A 177 -9.65 -19.33 -39.81
N ASN A 178 -9.55 -18.10 -40.31
CA ASN A 178 -8.45 -17.70 -41.19
C ASN A 178 -8.10 -16.26 -40.89
N PRO A 179 -7.34 -16.01 -39.83
CA PRO A 179 -7.04 -14.63 -39.43
C PRO A 179 -6.13 -13.94 -40.43
N SER A 180 -6.08 -12.61 -40.32
CA SER A 180 -5.25 -11.82 -41.21
C SER A 180 -3.78 -12.22 -41.09
N ASN A 181 -3.01 -11.94 -42.15
CA ASN A 181 -1.56 -12.13 -42.07
C ASN A 181 -0.94 -11.30 -40.94
N SER A 182 -1.47 -10.10 -40.70
CA SER A 182 -0.95 -9.27 -39.62
C SER A 182 -1.22 -9.92 -38.27
N VAL A 183 -2.42 -10.47 -38.07
CA VAL A 183 -2.70 -11.19 -36.83
C VAL A 183 -1.76 -12.39 -36.70
N LYS A 184 -1.57 -13.17 -37.78
CA LYS A 184 -0.71 -14.34 -37.67
C LYS A 184 0.71 -13.94 -37.27
N ALA A 185 1.20 -12.84 -37.83
CA ALA A 185 2.52 -12.36 -37.46
C ALA A 185 2.56 -11.90 -36.00
N SER A 186 1.49 -11.23 -35.52
CA SER A 186 1.51 -10.82 -34.12
C SER A 186 1.51 -12.02 -33.17
N ILE A 187 0.88 -13.13 -33.57
CA ILE A 187 0.93 -14.33 -32.73
C ILE A 187 2.36 -14.82 -32.62
N GLU A 188 3.08 -14.85 -33.73
CA GLU A 188 4.49 -15.25 -33.68
C GLU A 188 5.30 -14.29 -32.82
N VAL A 189 4.99 -12.99 -32.87
CA VAL A 189 5.69 -12.02 -32.01
C VAL A 189 5.50 -12.38 -30.54
N GLN A 190 4.24 -12.65 -30.14
CA GLN A 190 3.97 -13.11 -28.77
C GLN A 190 4.87 -14.29 -28.40
N ASN A 191 4.99 -15.26 -29.30
CA ASN A 191 5.76 -16.46 -29.00
C ASN A 191 7.23 -16.14 -28.88
N ILE A 192 7.73 -15.26 -29.74
CA ILE A 192 9.14 -14.86 -29.65
C ILE A 192 9.41 -14.18 -28.31
N LEU A 193 8.55 -13.25 -27.90
CA LEU A 193 8.78 -12.60 -26.61
C LEU A 193 8.73 -13.60 -25.46
N ALA A 194 7.75 -14.52 -25.50
CA ALA A 194 7.66 -15.51 -24.43
C ALA A 194 8.96 -16.32 -24.32
N ASN A 195 9.60 -16.62 -25.45
CA ASN A 195 10.85 -17.35 -25.40
C ASN A 195 12.01 -16.52 -24.89
N LYS A 196 11.88 -15.20 -24.90
CA LYS A 196 12.85 -14.32 -24.26
C LYS A 196 12.54 -14.04 -22.79
N GLY A 197 11.53 -14.70 -22.23
CA GLY A 197 11.23 -14.56 -20.83
C GLY A 197 10.18 -13.53 -20.49
N TYR A 198 9.53 -12.94 -21.48
CA TYR A 198 8.42 -12.03 -21.23
C TYR A 198 7.16 -12.77 -20.83
N GLN A 199 6.38 -12.13 -19.98
CA GLN A 199 4.94 -12.30 -19.98
C GLN A 199 4.33 -11.12 -20.69
N THR A 200 3.21 -11.36 -21.37
CA THR A 200 2.48 -10.27 -21.99
C THR A 200 1.05 -10.28 -21.45
N HIS A 201 0.53 -9.09 -21.19
CA HIS A 201 -0.79 -8.93 -20.60
C HIS A 201 -1.63 -8.08 -21.52
N GLY A 202 -2.88 -8.51 -21.71
CA GLY A 202 -3.85 -7.73 -22.44
C GLY A 202 -4.70 -6.93 -21.45
N TRP A 203 -6.00 -6.83 -21.68
CA TRP A 203 -6.82 -6.03 -20.76
C TRP A 203 -8.24 -6.57 -20.72
N ASP A 204 -8.94 -6.21 -19.64
CA ASP A 204 -10.35 -6.53 -19.42
C ASP A 204 -11.29 -5.43 -19.88
N VAL A 205 -10.91 -4.16 -19.65
CA VAL A 205 -11.74 -3.00 -19.95
C VAL A 205 -10.81 -1.90 -20.41
N ASP A 206 -11.33 -1.04 -21.30
CA ASP A 206 -10.55 -0.01 -21.99
C ASP A 206 -11.25 1.33 -21.80
N TRP A 207 -10.58 2.28 -21.15
CA TRP A 207 -11.15 3.62 -20.96
C TRP A 207 -10.75 4.42 -22.17
N SER A 208 -11.65 4.48 -23.15
CA SER A 208 -11.27 4.84 -24.50
C SER A 208 -12.52 5.32 -25.24
N PRO A 209 -12.35 5.91 -26.42
CA PRO A 209 -13.51 6.09 -27.31
C PRO A 209 -14.10 4.74 -27.66
N GLU A 210 -15.38 4.74 -28.03
CA GLU A 210 -16.05 3.49 -28.41
C GLU A 210 -15.25 2.74 -29.47
N ASN A 211 -14.77 3.47 -30.48
CA ASN A 211 -13.84 2.92 -31.46
C ASN A 211 -12.90 4.03 -31.89
N TRP A 212 -11.75 3.62 -32.43
CA TRP A 212 -10.67 4.55 -32.71
C TRP A 212 -10.85 5.32 -34.02
N GLY A 213 -11.98 5.15 -34.69
CA GLY A 213 -12.32 6.00 -35.80
C GLY A 213 -13.08 7.25 -35.41
N ILE A 214 -13.42 7.40 -34.13
CA ILE A 214 -14.18 8.54 -33.64
C ILE A 214 -13.29 9.78 -33.68
N PRO A 215 -13.69 10.85 -34.34
CA PRO A 215 -12.89 12.09 -34.30
C PRO A 215 -12.88 12.66 -32.89
N MET A 216 -11.81 13.36 -32.56
CA MET A 216 -11.63 13.94 -31.23
C MET A 216 -11.87 12.91 -30.13
N PRO A 217 -11.11 11.80 -30.12
CA PRO A 217 -11.44 10.68 -29.23
C PRO A 217 -11.27 10.97 -27.75
N ALA A 218 -10.57 12.05 -27.37
CA ALA A 218 -10.49 12.40 -25.95
C ALA A 218 -11.79 12.98 -25.43
N ASN A 219 -12.65 13.48 -26.31
CA ASN A 219 -13.90 14.10 -25.85
C ASN A 219 -14.96 13.07 -25.47
N SER A 220 -14.88 11.86 -26.00
CA SER A 220 -15.95 10.88 -25.78
C SER A 220 -15.55 9.79 -24.80
N LEU A 221 -15.05 10.16 -23.62
CA LEU A 221 -14.65 9.16 -22.63
C LEU A 221 -15.77 8.95 -21.60
N THR A 222 -15.94 7.70 -21.19
CA THR A 222 -16.95 7.34 -20.20
C THR A 222 -16.72 8.09 -18.89
N GLU A 223 -17.81 8.50 -18.24
CA GLU A 223 -17.70 9.11 -16.91
C GLU A 223 -17.15 8.11 -15.90
N ALA A 224 -16.52 8.66 -14.84
CA ALA A 224 -15.88 7.82 -13.82
C ALA A 224 -16.86 6.83 -13.20
N GLU A 225 -18.04 7.30 -12.81
CA GLU A 225 -19.03 6.41 -12.19
C GLU A 225 -19.47 5.32 -13.16
N ALA A 226 -19.77 5.68 -14.41
CA ALA A 226 -20.14 4.64 -15.37
C ALA A 226 -18.98 3.68 -15.62
N PHE A 227 -17.75 4.18 -15.60
CA PHE A 227 -16.62 3.30 -15.88
C PHE A 227 -16.38 2.32 -14.74
N LEU A 228 -16.58 2.77 -13.48
CA LEU A 228 -16.53 1.81 -12.39
C LEU A 228 -17.57 0.72 -12.57
N GLY A 229 -18.71 1.06 -13.16
CA GLY A 229 -19.70 0.03 -13.51
C GLY A 229 -19.14 -0.99 -14.50
N TYR A 230 -18.36 -0.53 -15.48
CA TYR A 230 -17.74 -1.46 -16.43
C TYR A 230 -16.74 -2.37 -15.72
N VAL A 231 -15.99 -1.82 -14.77
CA VAL A 231 -15.02 -2.61 -14.00
C VAL A 231 -15.75 -3.66 -13.17
N ASP A 232 -16.83 -3.25 -12.50
CA ASP A 232 -17.68 -4.19 -11.77
C ASP A 232 -18.15 -5.33 -12.66
N ALA A 233 -18.59 -5.03 -13.87
CA ALA A 233 -19.13 -6.03 -14.78
C ALA A 233 -18.05 -6.99 -15.27
N ALA A 234 -16.79 -6.54 -15.31
CA ALA A 234 -15.67 -7.37 -15.76
C ALA A 234 -15.15 -8.31 -14.68
N LEU A 235 -15.38 -7.99 -13.42
CA LEU A 235 -14.92 -8.84 -12.32
C LEU A 235 -15.48 -10.26 -12.45
N ASN A 236 -14.59 -11.23 -12.67
CA ASN A 236 -14.94 -12.64 -12.77
C ASN A 236 -15.97 -12.94 -13.87
N SER A 237 -15.91 -12.22 -15.00
CA SER A 237 -16.86 -12.48 -16.08
C SER A 237 -16.17 -12.74 -17.41
N CYS A 238 -14.87 -13.01 -17.39
CA CYS A 238 -14.09 -13.30 -18.61
C CYS A 238 -14.23 -12.18 -19.65
N ALA A 239 -14.09 -10.95 -19.16
CA ALA A 239 -14.26 -9.78 -20.02
C ALA A 239 -13.33 -9.73 -21.24
N PRO A 240 -12.11 -10.29 -21.23
CA PRO A 240 -11.30 -10.24 -22.46
C PRO A 240 -11.96 -10.99 -23.62
N THR A 241 -12.85 -11.94 -23.37
CA THR A 241 -13.54 -12.60 -24.48
C THR A 241 -14.82 -11.91 -24.90
N THR A 242 -15.43 -11.11 -24.03
CA THR A 242 -16.72 -10.47 -24.32
C THR A 242 -16.60 -8.99 -24.68
N ILE A 243 -15.43 -8.39 -24.51
CA ILE A 243 -15.26 -6.96 -24.74
C ILE A 243 -15.53 -6.63 -26.21
N ASN A 244 -16.11 -5.43 -26.44
CA ASN A 244 -16.27 -4.86 -27.77
C ASN A 244 -15.35 -3.65 -27.92
N PRO A 245 -14.94 -3.30 -29.15
CA PRO A 245 -15.25 -3.89 -30.46
C PRO A 245 -14.47 -5.20 -30.72
N ILE A 246 -14.68 -5.83 -31.89
CA ILE A 246 -14.17 -7.18 -32.12
C ILE A 246 -12.64 -7.19 -32.12
N ASN A 247 -12.00 -6.10 -32.57
CA ASN A 247 -10.55 -6.04 -32.58
C ASN A 247 -9.95 -5.95 -31.17
N SER A 248 -10.77 -5.74 -30.14
CA SER A 248 -10.28 -5.69 -28.76
C SER A 248 -10.34 -7.04 -28.04
N LYS A 249 -10.98 -8.04 -28.64
CA LYS A 249 -11.16 -9.33 -27.97
C LYS A 249 -9.86 -10.13 -27.90
N ALA A 250 -9.73 -10.88 -26.81
CA ALA A 250 -8.65 -11.84 -26.58
C ALA A 250 -9.20 -13.25 -26.76
N HIS A 251 -9.14 -13.76 -27.98
CA HIS A 251 -9.71 -15.08 -28.28
C HIS A 251 -8.86 -16.17 -27.64
N GLY A 252 -9.54 -17.18 -27.12
CA GLY A 252 -8.87 -18.27 -26.43
C GLY A 252 -8.54 -18.02 -24.98
N PHE A 253 -8.83 -16.83 -24.46
CA PHE A 253 -8.58 -16.53 -23.05
C PHE A 253 -9.25 -17.59 -22.19
N PRO A 254 -8.55 -18.20 -21.23
CA PRO A 254 -9.13 -19.34 -20.50
C PRO A 254 -10.06 -18.87 -19.40
N CYS A 255 -11.37 -18.82 -19.69
CA CYS A 255 -12.31 -18.29 -18.71
C CYS A 255 -12.25 -19.07 -17.41
N GLY A 256 -12.29 -18.34 -16.30
CA GLY A 256 -12.23 -18.96 -14.99
C GLY A 256 -10.85 -19.41 -14.56
N THR A 257 -9.81 -19.12 -15.33
CA THR A 257 -8.46 -19.50 -14.91
C THR A 257 -8.16 -18.86 -13.55
N PRO A 258 -7.52 -19.59 -12.63
CA PRO A 258 -7.45 -19.10 -11.25
C PRO A 258 -6.62 -17.84 -11.09
N LEU A 259 -5.56 -17.68 -11.88
CA LEU A 259 -4.73 -16.47 -11.81
C LEU A 259 -5.53 -15.21 -12.14
N HIS A 260 -6.58 -15.32 -12.94
CA HIS A 260 -7.33 -14.13 -13.27
C HIS A 260 -8.49 -13.86 -12.29
N ALA A 261 -8.72 -14.74 -11.33
CA ALA A 261 -9.86 -14.53 -10.42
C ALA A 261 -9.71 -13.23 -9.62
N ASP A 262 -10.83 -12.50 -9.50
CA ASP A 262 -10.96 -11.28 -8.70
C ASP A 262 -10.05 -10.16 -9.19
N LYS A 263 -9.75 -10.12 -10.50
CA LYS A 263 -8.86 -9.11 -11.06
C LYS A 263 -9.45 -8.46 -12.30
N VAL A 264 -9.16 -7.19 -12.47
CA VAL A 264 -9.58 -6.45 -13.66
C VAL A 264 -8.39 -5.62 -14.12
N VAL A 265 -7.92 -5.87 -15.35
CA VAL A 265 -6.85 -5.09 -15.96
C VAL A 265 -7.49 -4.00 -16.80
N VAL A 266 -7.18 -2.75 -16.49
CA VAL A 266 -7.75 -1.58 -17.16
C VAL A 266 -6.71 -1.02 -18.10
N LEU A 267 -7.11 -0.77 -19.33
CA LEU A 267 -6.27 -0.09 -20.32
C LEU A 267 -6.74 1.34 -20.49
N THR A 268 -5.79 2.28 -20.52
CA THR A 268 -6.07 3.59 -21.09
C THR A 268 -4.76 4.14 -21.66
N HIS A 269 -4.85 5.32 -22.28
CA HIS A 269 -3.70 5.94 -22.95
C HIS A 269 -3.52 7.35 -22.43
N GLU A 270 -2.31 7.71 -22.01
CA GLU A 270 -2.11 9.04 -21.45
C GLU A 270 -2.44 10.12 -22.47
N PHE A 271 -2.35 9.82 -23.77
CA PHE A 271 -2.62 10.90 -24.73
C PHE A 271 -4.08 11.32 -24.75
N LEU A 272 -4.98 10.59 -24.08
CA LEU A 272 -6.37 11.00 -23.96
C LEU A 272 -6.58 12.02 -22.85
N TYR A 273 -5.53 12.34 -22.08
CA TYR A 273 -5.61 13.19 -20.90
C TYR A 273 -4.88 14.52 -21.12
N GLU A 274 -4.87 14.95 -22.38
CA GLU A 274 -4.18 16.15 -22.83
C GLU A 274 -5.16 17.02 -23.60
N ASP A 275 -5.08 18.34 -23.37
CA ASP A 275 -5.86 19.28 -24.17
C ASP A 275 -5.07 19.55 -25.43
N GLY A 276 -5.61 19.14 -26.57
CA GLY A 276 -4.83 19.25 -27.79
C GLY A 276 -5.57 18.66 -28.97
N LYS A 277 -4.82 18.02 -29.87
CA LYS A 277 -5.38 17.59 -31.14
C LYS A 277 -6.50 16.56 -31.01
N ARG A 278 -6.61 15.88 -29.87
CA ARG A 278 -7.62 14.84 -29.70
C ARG A 278 -8.84 15.30 -28.92
N GLY A 279 -8.85 16.54 -28.48
CA GLY A 279 -9.94 17.11 -27.72
C GLY A 279 -9.45 17.70 -26.44
N MET A 280 -10.40 17.96 -25.54
CA MET A 280 -10.08 18.61 -24.27
C MET A 280 -9.87 17.52 -23.21
N GLY A 281 -8.81 16.74 -23.41
CA GLY A 281 -8.60 15.56 -22.58
C GLY A 281 -8.13 15.89 -21.18
N ALA A 282 -7.28 16.90 -21.03
CA ALA A 282 -6.83 17.27 -19.69
C ALA A 282 -7.99 17.86 -18.89
N THR A 283 -8.72 18.79 -19.50
CA THR A 283 -9.85 19.42 -18.82
C THR A 283 -10.93 18.41 -18.45
N GLN A 284 -11.25 17.51 -19.38
CA GLN A 284 -12.35 16.59 -19.16
C GLN A 284 -11.94 15.33 -18.41
N ASN A 285 -10.77 14.77 -18.69
CA ASN A 285 -10.52 13.40 -18.27
C ASN A 285 -9.59 13.26 -17.06
N LEU A 286 -8.68 14.19 -16.81
CA LEU A 286 -7.93 14.13 -15.56
C LEU A 286 -8.85 14.16 -14.34
N PRO A 287 -9.93 14.96 -14.31
CA PRO A 287 -10.87 14.82 -13.17
C PRO A 287 -11.57 13.49 -13.15
N LYS A 288 -11.85 12.89 -14.31
CA LYS A 288 -12.48 11.57 -14.33
C LYS A 288 -11.57 10.53 -13.70
N LEU A 289 -10.29 10.56 -14.07
CA LEU A 289 -9.33 9.61 -13.54
C LEU A 289 -9.21 9.77 -12.03
N ALA A 290 -9.07 11.02 -11.56
CA ALA A 290 -8.96 11.25 -10.14
C ALA A 290 -10.19 10.75 -9.39
N LYS A 291 -11.38 11.03 -9.91
CA LYS A 291 -12.60 10.55 -9.27
C LYS A 291 -12.66 9.03 -9.27
N PHE A 292 -12.24 8.40 -10.37
CA PHE A 292 -12.31 6.94 -10.45
C PHE A 292 -11.48 6.30 -9.35
N LEU A 293 -10.27 6.82 -9.10
CA LEU A 293 -9.45 6.26 -8.03
C LEU A 293 -10.19 6.30 -6.70
N ARG A 294 -10.89 7.41 -6.42
CA ARG A 294 -11.58 7.54 -5.15
C ARG A 294 -12.76 6.58 -5.05
N ILE A 295 -13.61 6.54 -6.08
CA ILE A 295 -14.81 5.72 -5.97
C ILE A 295 -14.48 4.23 -6.06
N ALA A 296 -13.42 3.85 -6.77
CA ALA A 296 -13.05 2.44 -6.81
C ALA A 296 -12.58 1.97 -5.43
N LYS A 297 -11.78 2.79 -4.76
CA LYS A 297 -11.32 2.42 -3.42
C LYS A 297 -12.49 2.36 -2.46
N GLU A 298 -13.42 3.31 -2.57
CA GLU A 298 -14.61 3.30 -1.72
C GLU A 298 -15.46 2.06 -1.98
N ALA A 299 -15.48 1.56 -3.22
CA ALA A 299 -16.25 0.36 -3.53
C ALA A 299 -15.56 -0.93 -3.09
N GLY A 300 -14.34 -0.86 -2.57
CA GLY A 300 -13.65 -2.06 -2.11
C GLY A 300 -12.60 -2.62 -3.05
N TYR A 301 -12.21 -1.89 -4.10
CA TYR A 301 -11.08 -2.34 -4.92
C TYR A 301 -9.75 -1.85 -4.36
N VAL A 302 -8.70 -2.64 -4.60
CA VAL A 302 -7.35 -2.14 -4.37
C VAL A 302 -6.63 -2.08 -5.71
N PHE A 303 -5.62 -1.23 -5.81
CA PHE A 303 -4.89 -1.05 -7.07
C PHE A 303 -3.52 -1.72 -6.94
N ASP A 304 -3.09 -2.40 -7.99
CA ASP A 304 -1.77 -3.01 -7.96
C ASP A 304 -1.15 -2.91 -9.34
N THR A 305 0.11 -3.29 -9.45
CA THR A 305 0.83 -3.21 -10.70
C THR A 305 1.01 -4.61 -11.30
N ILE A 306 1.25 -4.67 -12.61
CA ILE A 306 1.20 -5.93 -13.36
C ILE A 306 2.28 -6.90 -12.92
N ASP A 307 3.39 -6.40 -12.38
CA ASP A 307 4.43 -7.29 -11.88
C ASP A 307 3.93 -8.16 -10.73
N ASN A 308 2.87 -7.76 -10.03
CA ASN A 308 2.30 -8.59 -8.98
C ASN A 308 1.09 -9.39 -9.45
N TYR A 309 0.69 -9.24 -10.71
CA TYR A 309 -0.45 -10.00 -11.24
C TYR A 309 -0.22 -11.50 -11.06
N THR A 310 0.98 -11.97 -11.42
CA THR A 310 1.44 -13.30 -11.02
C THR A 310 2.23 -13.10 -9.74
N PRO A 311 1.77 -13.59 -8.59
CA PRO A 311 2.36 -13.15 -7.32
C PRO A 311 3.82 -13.57 -7.20
N VAL A 312 4.64 -12.69 -6.64
CA VAL A 312 6.03 -13.02 -6.41
C VAL A 312 6.11 -14.04 -5.27
N TRP A 313 6.95 -15.07 -5.44
CA TRP A 313 7.19 -16.07 -4.40
C TRP A 313 7.70 -15.38 -3.14
N GLN A 314 7.17 -15.78 -1.98
CA GLN A 314 7.62 -15.16 -0.73
C GLN A 314 7.82 -16.22 0.35
N VAL A 315 8.94 -16.12 1.06
CA VAL A 315 9.16 -16.99 2.22
C VAL A 315 7.99 -16.84 3.18
N GLY A 316 7.46 -17.97 3.65
CA GLY A 316 6.37 -17.94 4.60
C GLY A 316 5.00 -18.05 3.99
N ASN A 317 4.85 -17.83 2.68
CA ASN A 317 3.54 -17.95 2.08
C ASN A 317 3.13 -19.42 1.97
N ALA A 318 1.83 -19.62 1.92
CA ALA A 318 1.22 -20.93 1.85
C ALA A 318 0.76 -21.15 0.43
N TYR A 319 1.22 -22.23 -0.19
CA TYR A 319 0.91 -22.51 -1.59
C TYR A 319 0.16 -23.83 -1.69
N ALA A 320 -1.00 -23.78 -2.33
CA ALA A 320 -1.71 -25.01 -2.69
C ALA A 320 -1.11 -25.59 -3.96
N ALA A 321 -1.23 -26.91 -4.13
CA ALA A 321 -0.77 -27.49 -5.39
C ALA A 321 -1.48 -26.79 -6.54
N GLY A 322 -0.71 -26.39 -7.54
CA GLY A 322 -1.26 -25.70 -8.69
C GLY A 322 -1.21 -24.19 -8.63
N ASP A 323 -0.86 -23.60 -7.49
CA ASP A 323 -0.70 -22.15 -7.40
C ASP A 323 0.50 -21.69 -8.23
N TYR A 324 0.36 -20.51 -8.84
CA TYR A 324 1.44 -19.93 -9.64
C TYR A 324 2.13 -18.80 -8.87
N VAL A 325 3.44 -18.68 -9.07
CA VAL A 325 4.23 -17.56 -8.57
C VAL A 325 5.21 -17.15 -9.67
N THR A 326 5.82 -15.98 -9.51
CA THR A 326 7.07 -15.74 -10.19
C THR A 326 8.20 -15.74 -9.17
N HIS A 327 9.36 -16.22 -9.62
CA HIS A 327 10.57 -16.19 -8.82
C HIS A 327 11.74 -15.83 -9.72
N SER A 328 12.40 -14.72 -9.38
CA SER A 328 13.43 -14.12 -10.24
C SER A 328 12.95 -13.97 -11.67
N GLY A 329 11.66 -13.62 -11.81
CA GLY A 329 11.07 -13.33 -13.09
C GLY A 329 10.56 -14.53 -13.86
N THR A 330 10.70 -15.74 -13.34
CA THR A 330 10.27 -16.97 -14.02
C THR A 330 9.00 -17.48 -13.37
N VAL A 331 8.08 -17.96 -14.19
CA VAL A 331 6.80 -18.46 -13.69
C VAL A 331 6.96 -19.89 -13.24
N TYR A 332 6.43 -20.20 -12.05
CA TYR A 332 6.44 -21.55 -11.52
C TYR A 332 5.05 -21.95 -11.03
N LYS A 333 4.79 -23.26 -11.04
CA LYS A 333 3.54 -23.84 -10.57
C LYS A 333 3.85 -24.82 -9.44
N ALA A 334 3.15 -24.70 -8.32
CA ALA A 334 3.45 -25.55 -7.17
C ALA A 334 3.08 -27.00 -7.47
N VAL A 335 4.00 -27.91 -7.16
CA VAL A 335 3.76 -29.34 -7.35
C VAL A 335 2.92 -29.91 -6.21
N THR A 336 3.18 -29.47 -4.99
CA THR A 336 2.56 -29.99 -3.80
C THR A 336 2.23 -28.82 -2.89
N ALA A 337 1.19 -28.97 -2.09
CA ALA A 337 0.88 -27.93 -1.11
C ALA A 337 1.98 -27.85 -0.07
N HIS A 338 2.43 -26.63 0.23
CA HIS A 338 3.51 -26.45 1.19
C HIS A 338 3.56 -24.99 1.61
N ILE A 339 4.30 -24.74 2.69
CA ILE A 339 4.64 -23.42 3.19
C ILE A 339 6.08 -23.13 2.77
N ALA A 340 6.30 -22.01 2.09
CA ALA A 340 7.63 -21.70 1.55
C ALA A 340 8.64 -21.43 2.66
N GLN A 341 9.84 -22.00 2.50
CA GLN A 341 10.96 -21.78 3.40
C GLN A 341 12.09 -21.12 2.62
N GLN A 342 12.95 -20.36 3.33
CA GLN A 342 13.93 -19.54 2.62
C GLN A 342 14.87 -20.38 1.76
N ASP A 343 15.24 -21.58 2.19
CA ASP A 343 16.22 -22.34 1.42
C ASP A 343 15.60 -23.20 0.32
N TRP A 344 14.28 -23.20 0.19
CA TRP A 344 13.64 -24.05 -0.80
C TRP A 344 12.89 -23.19 -1.81
N ALA A 345 13.61 -22.32 -2.52
CA ALA A 345 12.97 -21.49 -3.53
C ALA A 345 12.73 -22.27 -4.82
N PRO A 346 11.80 -21.82 -5.66
CA PRO A 346 11.66 -22.41 -7.00
C PRO A 346 12.98 -22.37 -7.76
N SER A 347 13.20 -23.38 -8.59
CA SER A 347 14.42 -23.44 -9.40
C SER A 347 14.22 -24.49 -10.48
N SER A 348 15.23 -24.62 -11.35
CA SER A 348 15.23 -25.65 -12.38
C SER A 348 15.40 -27.07 -11.82
N THR A 349 15.68 -27.23 -10.52
CA THR A 349 15.75 -28.58 -9.95
C THR A 349 14.81 -28.82 -8.78
N SER A 350 13.99 -27.83 -8.41
CA SER A 350 13.15 -27.95 -7.23
C SER A 350 12.11 -29.05 -7.38
N SER A 351 11.90 -29.84 -6.32
CA SER A 351 10.82 -30.83 -6.31
C SER A 351 9.45 -30.21 -5.96
N LEU A 352 9.43 -28.97 -5.47
CA LEU A 352 8.21 -28.31 -5.04
C LEU A 352 7.52 -27.51 -6.13
N TRP A 353 8.23 -27.22 -7.22
CA TRP A 353 7.77 -26.33 -8.27
C TRP A 353 8.14 -26.93 -9.61
N THR A 354 7.36 -26.60 -10.64
CA THR A 354 7.82 -26.77 -12.01
C THR A 354 7.78 -25.42 -12.72
N ASN A 355 8.65 -25.28 -13.71
CA ASN A 355 8.68 -24.06 -14.51
C ASN A 355 7.42 -24.04 -15.37
N ALA A 356 6.68 -22.94 -15.30
CA ALA A 356 5.45 -22.86 -16.08
C ALA A 356 5.43 -21.59 -16.93
N ASP A 357 6.62 -21.13 -17.36
CA ASP A 357 6.70 -20.02 -18.31
C ASP A 357 5.87 -20.31 -19.55
N PRO A 358 5.33 -19.26 -20.19
CA PRO A 358 4.54 -19.46 -21.41
C PRO A 358 5.42 -19.65 -22.65
N ALA A 359 6.70 -19.96 -22.46
CA ALA A 359 7.64 -20.14 -23.55
C ALA A 359 7.47 -21.51 -24.19
N THR A 360 7.97 -21.65 -25.41
CA THR A 360 7.91 -22.93 -26.09
C THR A 360 9.27 -23.54 -26.41
N ASN A 361 10.37 -22.86 -26.14
CA ASN A 361 11.64 -23.56 -26.23
C ASN A 361 11.68 -24.65 -25.16
N TRP A 362 12.36 -25.76 -25.46
CA TRP A 362 12.56 -26.77 -24.42
C TRP A 362 13.25 -26.16 -23.22
N THR A 363 12.74 -26.47 -22.04
CA THR A 363 13.20 -25.88 -20.78
C THR A 363 13.24 -26.94 -19.69
N LEU A 364 14.19 -26.80 -18.76
CA LEU A 364 14.31 -27.69 -17.61
C LEU A 364 13.14 -27.56 -16.62
N ASN A 365 12.75 -28.69 -16.03
CA ASN A 365 11.78 -28.74 -14.92
C ASN A 365 10.40 -28.25 -15.33
N VAL A 366 10.00 -28.54 -16.59
CA VAL A 366 8.67 -28.23 -17.09
C VAL A 366 7.83 -29.50 -17.06
N SER A 367 6.56 -29.37 -16.65
CA SER A 367 5.62 -30.49 -16.72
C SER A 367 5.03 -30.53 -18.13
N TYR A 368 5.63 -31.36 -19.00
CA TYR A 368 5.21 -31.45 -20.38
C TYR A 368 4.04 -32.43 -20.53
N GLU A 369 3.15 -32.11 -21.46
CA GLU A 369 2.04 -32.99 -21.77
C GLU A 369 2.17 -33.47 -23.21
N ALA A 370 1.66 -34.68 -23.46
CA ALA A 370 1.61 -35.23 -24.80
C ALA A 370 0.98 -34.22 -25.78
N GLY A 371 1.66 -33.99 -26.90
CA GLY A 371 1.21 -33.05 -27.89
C GLY A 371 1.85 -31.67 -27.81
N ASP A 372 2.47 -31.31 -26.70
CA ASP A 372 3.26 -30.08 -26.62
C ASP A 372 4.37 -30.11 -27.68
N VAL A 373 4.72 -28.96 -28.23
CA VAL A 373 5.82 -28.85 -29.20
C VAL A 373 6.91 -27.98 -28.59
N VAL A 374 8.14 -28.48 -28.58
CA VAL A 374 9.26 -27.72 -28.06
C VAL A 374 10.28 -27.49 -29.16
N THR A 375 11.08 -26.43 -28.99
CA THR A 375 12.22 -26.18 -29.88
C THR A 375 13.51 -26.35 -29.11
N TYR A 376 14.46 -27.08 -29.69
CA TYR A 376 15.74 -27.28 -29.03
C TYR A 376 16.82 -27.39 -30.10
N GLN A 377 17.87 -26.59 -29.95
CA GLN A 377 18.96 -26.58 -30.93
C GLN A 377 18.42 -26.37 -32.34
N GLY A 378 17.44 -25.48 -32.47
CA GLY A 378 16.88 -25.10 -33.73
C GLY A 378 15.93 -26.10 -34.37
N LEU A 379 15.59 -27.18 -33.67
CA LEU A 379 14.70 -28.20 -34.20
C LEU A 379 13.46 -28.32 -33.33
N ARG A 380 12.33 -28.66 -33.96
CA ARG A 380 11.07 -28.81 -33.26
C ARG A 380 10.79 -30.28 -32.97
N TYR A 381 10.22 -30.53 -31.79
CA TYR A 381 9.88 -31.87 -31.35
C TYR A 381 8.49 -31.88 -30.74
N LEU A 382 7.78 -32.97 -30.96
CA LEU A 382 6.51 -33.23 -30.30
C LEU A 382 6.77 -34.04 -29.03
N VAL A 383 6.10 -33.68 -27.94
CA VAL A 383 6.13 -34.49 -26.75
C VAL A 383 5.21 -35.68 -26.96
N ASN A 384 5.74 -36.89 -26.74
CA ASN A 384 4.98 -38.12 -26.91
C ASN A 384 4.25 -38.54 -25.63
N VAL A 385 4.89 -38.35 -24.49
CA VAL A 385 4.34 -38.84 -23.22
C VAL A 385 4.58 -37.77 -22.17
N PRO A 386 3.64 -37.55 -21.27
CA PRO A 386 3.81 -36.51 -20.25
C PRO A 386 4.97 -36.86 -19.34
N HIS A 387 5.75 -35.84 -18.99
CA HIS A 387 6.89 -36.03 -18.10
C HIS A 387 7.34 -34.66 -17.61
N VAL A 388 8.18 -34.65 -16.59
CA VAL A 388 8.82 -33.42 -16.14
C VAL A 388 10.24 -33.40 -16.69
N SER A 389 10.58 -32.38 -17.47
CA SER A 389 11.88 -32.38 -18.12
C SER A 389 13.00 -32.28 -17.09
N GLN A 390 14.15 -32.84 -17.45
CA GLN A 390 15.36 -32.72 -16.65
C GLN A 390 16.56 -32.75 -17.59
N ALA A 391 17.72 -32.43 -17.03
CA ALA A 391 18.89 -32.09 -17.86
C ALA A 391 19.29 -33.23 -18.77
N ASP A 392 19.16 -34.48 -18.31
CA ASP A 392 19.52 -35.68 -19.04
C ASP A 392 18.50 -36.09 -20.08
N TRP A 393 17.32 -35.49 -20.09
CA TRP A 393 16.24 -35.87 -21.00
C TRP A 393 16.00 -34.83 -22.09
N THR A 394 17.07 -34.30 -22.65
CA THR A 394 16.91 -33.36 -23.75
C THR A 394 16.26 -34.06 -24.95
N PRO A 395 15.51 -33.32 -25.77
CA PRO A 395 14.72 -33.94 -26.84
C PRO A 395 15.54 -34.75 -27.83
N ASN A 396 16.75 -34.34 -28.14
CA ASN A 396 17.56 -35.05 -29.14
C ASN A 396 18.11 -36.37 -28.61
N THR A 397 17.99 -36.64 -27.32
CA THR A 397 18.48 -37.87 -26.72
C THR A 397 17.39 -38.80 -26.23
N GLN A 398 16.11 -38.47 -26.40
CA GLN A 398 15.06 -39.29 -25.79
C GLN A 398 13.96 -39.54 -26.80
N ASN A 399 14.14 -40.59 -27.61
CA ASN A 399 13.14 -40.90 -28.63
C ASN A 399 11.81 -41.33 -28.04
N THR A 400 11.78 -41.82 -26.80
CA THR A 400 10.51 -42.21 -26.20
C THR A 400 9.70 -40.99 -25.79
N LEU A 401 10.37 -39.96 -25.25
CA LEU A 401 9.69 -38.76 -24.78
C LEU A 401 9.33 -37.80 -25.90
N PHE A 402 10.17 -37.71 -26.95
CA PHE A 402 10.04 -36.70 -28.00
C PHE A 402 10.17 -37.35 -29.37
N THR A 403 9.44 -36.81 -30.33
CA THR A 403 9.63 -37.15 -31.74
C THR A 403 9.91 -35.89 -32.51
N ALA A 404 11.08 -35.82 -33.14
CA ALA A 404 11.38 -34.67 -33.97
C ALA A 404 10.37 -34.58 -35.11
N LEU A 405 9.89 -33.36 -35.38
CA LEU A 405 8.94 -33.18 -36.46
C LEU A 405 9.52 -33.54 -37.82
N ARG A 406 10.84 -33.73 -37.93
CA ARG A 406 11.44 -34.20 -39.19
C ARG A 406 11.76 -35.71 -39.17
N SER A 407 11.59 -36.38 -38.04
CA SER A 407 11.91 -37.80 -37.91
C SER A 407 10.92 -38.66 -38.70
N HIS A 408 11.37 -39.86 -39.07
CA HIS A 408 10.46 -40.84 -39.67
C HIS A 408 9.46 -41.38 -38.63
N HIS A 409 9.77 -41.23 -37.34
CA HIS A 409 8.84 -41.63 -36.29
C HIS A 409 7.63 -40.71 -36.18
N HIS A 410 7.64 -39.55 -36.84
CA HIS A 410 6.47 -38.65 -36.89
C HIS A 410 5.56 -39.05 -38.08
N THR B 2 40.68 -37.24 -10.83
CA THR B 2 42.03 -36.95 -11.31
C THR B 2 42.06 -35.67 -12.13
N ALA B 3 42.63 -34.62 -11.56
CA ALA B 3 42.64 -33.32 -12.21
C ALA B 3 43.64 -33.30 -13.36
N PRO B 4 43.32 -32.56 -14.43
CA PRO B 4 44.30 -32.37 -15.52
C PRO B 4 45.46 -31.48 -15.08
N LYS B 5 46.49 -31.40 -15.94
CA LYS B 5 47.56 -30.43 -15.72
C LYS B 5 46.98 -29.02 -15.57
N GLY B 6 45.98 -28.72 -16.37
CA GLY B 6 45.30 -27.44 -16.32
C GLY B 6 44.19 -27.51 -17.35
N THR B 7 43.35 -26.48 -17.35
CA THR B 7 42.25 -26.36 -18.30
C THR B 7 42.55 -25.16 -19.18
N ILE B 8 42.56 -25.36 -20.49
CA ILE B 8 42.77 -24.29 -21.45
C ILE B 8 41.41 -23.90 -22.02
N TYR B 9 41.13 -22.59 -22.05
CA TYR B 9 39.91 -22.04 -22.67
C TYR B 9 40.37 -21.37 -23.96
N LEU B 10 40.21 -22.05 -25.08
CA LEU B 10 40.61 -21.50 -26.37
C LEU B 10 39.49 -20.61 -26.87
N THR B 11 39.81 -19.33 -27.10
CA THR B 11 38.79 -18.35 -27.44
C THR B 11 39.19 -17.63 -28.72
N PHE B 12 38.20 -17.32 -29.55
CA PHE B 12 38.42 -16.75 -30.88
C PHE B 12 37.62 -15.45 -30.97
N ASP B 13 38.28 -14.35 -31.31
CA ASP B 13 37.62 -13.07 -31.45
C ASP B 13 37.42 -12.68 -32.92
N ASP B 14 36.30 -11.99 -33.17
CA ASP B 14 36.04 -11.11 -34.31
C ASP B 14 35.34 -11.81 -35.47
N GLY B 15 34.95 -13.07 -35.30
CA GLY B 15 34.06 -13.70 -36.26
C GLY B 15 32.64 -13.13 -36.13
N PRO B 16 31.66 -13.71 -36.82
CA PRO B 16 31.81 -14.87 -37.72
C PRO B 16 32.21 -14.46 -39.12
N ILE B 17 33.25 -15.08 -39.68
CA ILE B 17 33.71 -14.79 -41.02
C ILE B 17 33.95 -16.12 -41.73
N ASN B 18 34.29 -16.06 -43.03
CA ASN B 18 34.49 -17.29 -43.78
C ASN B 18 35.56 -18.18 -43.14
N ALA B 19 36.65 -17.56 -42.66
CA ALA B 19 37.72 -18.33 -42.04
C ALA B 19 37.29 -18.99 -40.74
N SER B 20 36.17 -18.54 -40.12
CA SER B 20 35.67 -19.21 -38.94
C SER B 20 35.32 -20.67 -39.22
N ILE B 21 34.81 -20.96 -40.42
CA ILE B 21 34.42 -22.34 -40.75
C ILE B 21 35.63 -23.27 -40.74
N ASP B 22 36.76 -22.79 -41.27
CA ASP B 22 37.95 -23.64 -41.29
C ASP B 22 38.49 -23.89 -39.89
N VAL B 23 38.44 -22.86 -39.04
CA VAL B 23 38.90 -23.03 -37.65
C VAL B 23 37.99 -23.99 -36.90
N ILE B 24 36.66 -23.83 -37.05
CA ILE B 24 35.73 -24.72 -36.38
C ILE B 24 35.94 -26.16 -36.85
N ASN B 25 36.17 -26.35 -38.15
CA ASN B 25 36.40 -27.72 -38.63
C ASN B 25 37.62 -28.34 -37.97
N VAL B 26 38.68 -27.53 -37.77
CA VAL B 26 39.88 -28.03 -37.09
C VAL B 26 39.57 -28.39 -35.63
N LEU B 27 38.88 -27.50 -34.89
CA LEU B 27 38.50 -27.84 -33.52
C LEU B 27 37.65 -29.10 -33.47
N ASN B 28 36.69 -29.23 -34.37
CA ASN B 28 35.82 -30.41 -34.33
C ASN B 28 36.62 -31.69 -34.58
N GLU B 29 37.56 -31.65 -35.52
CA GLU B 29 38.37 -32.85 -35.80
C GLU B 29 39.17 -33.27 -34.57
N GLN B 30 39.57 -32.31 -33.74
CA GLN B 30 40.34 -32.57 -32.53
C GLN B 30 39.47 -32.82 -31.29
N GLY B 31 38.16 -32.76 -31.43
CA GLY B 31 37.26 -32.92 -30.29
C GLY B 31 37.32 -31.79 -29.28
N VAL B 32 37.63 -30.58 -29.71
CA VAL B 32 37.79 -29.43 -28.81
C VAL B 32 36.64 -28.46 -29.08
N LYS B 33 36.06 -27.90 -28.02
CA LYS B 33 35.07 -26.84 -28.16
C LYS B 33 35.74 -25.50 -27.86
N GLY B 34 35.45 -24.50 -28.68
CA GLY B 34 35.94 -23.15 -28.48
C GLY B 34 34.85 -22.20 -28.02
N THR B 35 35.29 -21.03 -27.56
CA THR B 35 34.40 -19.92 -27.26
C THR B 35 34.63 -18.82 -28.28
N PHE B 36 33.56 -18.39 -28.94
CA PHE B 36 33.66 -17.45 -30.05
C PHE B 36 33.02 -16.13 -29.64
N TYR B 37 33.83 -15.07 -29.67
CA TYR B 37 33.40 -13.71 -29.31
C TYR B 37 33.10 -12.99 -30.63
N PHE B 38 31.81 -12.96 -31.00
CA PHE B 38 31.36 -12.58 -32.34
C PHE B 38 30.89 -11.13 -32.42
N ASN B 39 31.08 -10.54 -33.61
CA ASN B 39 30.61 -9.20 -33.98
C ASN B 39 29.60 -9.37 -35.12
N ALA B 40 28.35 -9.01 -34.87
CA ALA B 40 27.34 -9.31 -35.87
C ALA B 40 27.42 -8.44 -37.12
N TRP B 41 28.23 -7.37 -37.13
CA TRP B 41 28.33 -6.59 -38.36
C TRP B 41 28.85 -7.43 -39.54
N HIS B 42 29.46 -8.59 -39.27
CA HIS B 42 29.87 -9.45 -40.38
C HIS B 42 28.66 -10.14 -41.01
N LEU B 43 27.62 -10.42 -40.22
CA LEU B 43 26.38 -10.95 -40.79
C LEU B 43 25.74 -9.95 -41.73
N ASP B 44 25.85 -8.65 -41.43
CA ASP B 44 25.35 -7.59 -42.29
C ASP B 44 26.25 -7.33 -43.50
N GLY B 45 27.43 -7.94 -43.56
CA GLY B 45 28.27 -7.78 -44.72
C GLY B 45 29.04 -6.48 -44.79
N ILE B 46 29.21 -5.79 -43.65
CA ILE B 46 29.89 -4.50 -43.65
C ILE B 46 31.20 -4.52 -42.87
N GLY B 47 31.68 -5.69 -42.44
CA GLY B 47 32.88 -5.72 -41.62
C GLY B 47 34.20 -5.82 -42.34
N ASP B 48 34.20 -5.69 -43.68
CA ASP B 48 35.41 -5.64 -44.51
C ASP B 48 36.28 -6.89 -44.38
N GLU B 49 35.65 -8.05 -44.23
CA GLU B 49 36.35 -9.33 -44.32
C GLU B 49 35.66 -10.18 -45.38
N ASN B 50 36.29 -11.32 -45.71
CA ASN B 50 35.58 -12.34 -46.49
C ASN B 50 34.53 -12.97 -45.58
N GLU B 51 33.26 -12.61 -45.81
CA GLU B 51 32.24 -12.90 -44.81
C GLU B 51 30.90 -13.27 -45.43
N ASP B 52 30.88 -13.64 -46.71
CA ASP B 52 29.64 -14.08 -47.33
C ASP B 52 29.09 -15.35 -46.67
N ARG B 53 29.95 -16.15 -46.03
CA ARG B 53 29.54 -17.34 -45.31
C ARG B 53 29.42 -17.12 -43.80
N ALA B 54 29.27 -15.86 -43.36
CA ALA B 54 29.20 -15.56 -41.94
C ALA B 54 28.05 -16.28 -41.25
N LEU B 55 26.85 -16.28 -41.85
CA LEU B 55 25.72 -16.93 -41.20
C LEU B 55 25.94 -18.44 -41.12
N GLU B 56 26.49 -19.03 -42.19
CA GLU B 56 26.84 -20.44 -42.16
C GLU B 56 27.83 -20.75 -41.04
N ALA B 57 28.83 -19.86 -40.84
CA ALA B 57 29.79 -20.08 -39.78
C ALA B 57 29.13 -20.01 -38.41
N LEU B 58 28.22 -19.06 -38.22
CA LEU B 58 27.52 -18.95 -36.94
C LEU B 58 26.71 -20.21 -36.67
N LYS B 59 25.97 -20.67 -37.68
CA LYS B 59 25.19 -21.88 -37.53
C LYS B 59 26.09 -23.09 -37.24
N LEU B 60 27.23 -23.17 -37.94
CA LEU B 60 28.16 -24.28 -37.71
C LEU B 60 28.71 -24.28 -36.28
N ALA B 61 29.10 -23.10 -35.78
CA ALA B 61 29.57 -23.02 -34.39
C ALA B 61 28.49 -23.54 -33.43
N LEU B 62 27.25 -23.08 -33.60
CA LEU B 62 26.20 -23.50 -32.67
C LEU B 62 25.85 -24.98 -32.85
N ASP B 63 25.79 -25.45 -34.08
CA ASP B 63 25.40 -26.83 -34.34
C ASP B 63 26.45 -27.84 -33.91
N THR B 64 27.72 -27.43 -33.78
CA THR B 64 28.73 -28.37 -33.34
C THR B 64 29.21 -28.07 -31.92
N GLY B 65 28.40 -27.36 -31.12
CA GLY B 65 28.62 -27.28 -29.68
C GLY B 65 29.58 -26.22 -29.19
N HIS B 66 30.01 -25.29 -30.03
CA HIS B 66 30.86 -24.23 -29.54
C HIS B 66 30.04 -23.13 -28.89
N VAL B 67 30.66 -22.38 -28.00
CA VAL B 67 29.97 -21.35 -27.24
C VAL B 67 30.09 -20.04 -27.99
N VAL B 68 28.95 -19.37 -28.17
CA VAL B 68 28.87 -18.07 -28.83
C VAL B 68 28.68 -17.00 -27.77
N ALA B 69 29.56 -16.00 -27.77
CA ALA B 69 29.59 -14.93 -26.77
C ALA B 69 29.61 -13.57 -27.47
N ASN B 70 29.49 -12.50 -26.69
CA ASN B 70 29.16 -11.18 -27.22
C ASN B 70 30.42 -10.29 -27.27
N HIS B 71 30.78 -9.80 -28.46
CA HIS B 71 31.95 -8.96 -28.65
C HIS B 71 31.60 -7.56 -29.17
N SER B 72 30.32 -7.20 -29.16
CA SER B 72 29.70 -5.96 -29.66
C SER B 72 29.41 -6.02 -31.16
N TYR B 73 28.48 -5.19 -31.62
CA TYR B 73 27.98 -5.26 -32.99
C TYR B 73 29.10 -5.09 -34.01
N ALA B 74 29.89 -4.02 -33.87
CA ALA B 74 30.85 -3.65 -34.92
C ALA B 74 32.22 -3.33 -34.32
N HIS B 75 32.53 -3.88 -33.15
CA HIS B 75 33.89 -3.82 -32.63
C HIS B 75 34.34 -2.39 -32.32
N MET B 76 33.39 -1.53 -31.97
CA MET B 76 33.62 -0.11 -31.66
C MET B 76 34.13 0.67 -32.87
N VAL B 77 33.97 0.13 -34.08
CA VAL B 77 34.50 0.83 -35.26
C VAL B 77 33.77 2.16 -35.48
N HIS B 78 32.57 2.34 -34.93
CA HIS B 78 31.94 3.65 -34.98
C HIS B 78 32.79 4.74 -34.33
N ASN B 79 33.68 4.38 -33.41
CA ASN B 79 34.53 5.40 -32.77
C ASN B 79 35.82 5.66 -33.53
N CYS B 80 36.01 4.99 -34.66
CA CYS B 80 37.16 5.15 -35.53
C CYS B 80 36.90 6.09 -36.70
N VAL B 81 35.65 6.49 -36.93
CA VAL B 81 35.24 7.25 -38.11
C VAL B 81 34.29 8.37 -37.68
N ASP B 82 34.13 9.36 -38.57
CA ASP B 82 33.21 10.46 -38.28
C ASP B 82 31.76 9.98 -38.26
N GLU B 83 31.35 9.18 -39.24
CA GLU B 83 29.98 8.71 -39.31
C GLU B 83 29.97 7.23 -39.67
N PHE B 84 29.36 6.42 -38.83
CA PHE B 84 29.38 4.98 -39.06
C PHE B 84 28.45 4.58 -40.20
N GLY B 85 28.93 3.72 -41.07
CA GLY B 85 28.16 3.24 -42.20
C GLY B 85 28.78 2.00 -42.80
N PRO B 86 28.24 1.56 -43.94
CA PRO B 86 28.73 0.30 -44.55
C PRO B 86 30.20 0.30 -44.94
N THR B 87 30.85 1.46 -45.12
CA THR B 87 32.24 1.48 -45.51
C THR B 87 33.19 1.78 -44.35
N SER B 88 32.69 1.89 -43.13
CA SER B 88 33.53 2.31 -42.02
C SER B 88 34.59 1.26 -41.69
N GLY B 89 34.22 -0.01 -41.80
CA GLY B 89 35.20 -1.06 -41.56
C GLY B 89 36.38 -0.97 -42.52
N ALA B 90 36.08 -0.69 -43.80
CA ALA B 90 37.16 -0.52 -44.78
C ALA B 90 37.97 0.75 -44.50
N GLU B 91 37.30 1.84 -44.09
CA GLU B 91 38.02 3.08 -43.84
C GLU B 91 38.97 2.96 -42.66
N CYS B 92 38.50 2.34 -41.58
CA CYS B 92 39.35 2.15 -40.41
C CYS B 92 40.48 1.17 -40.72
N ASN B 93 40.24 0.18 -41.59
CA ASN B 93 41.31 -0.72 -42.00
C ASN B 93 42.40 0.00 -42.78
N ALA B 94 42.01 1.03 -43.52
CA ALA B 94 42.98 1.79 -44.32
C ALA B 94 43.89 2.65 -43.43
N THR B 95 43.38 3.15 -42.31
CA THR B 95 44.21 3.92 -41.39
C THR B 95 44.87 3.05 -40.31
N GLY B 96 44.28 1.91 -39.98
CA GLY B 96 44.75 1.12 -38.85
C GLY B 96 44.56 1.80 -37.51
N ASP B 97 43.59 2.73 -37.40
CA ASP B 97 43.43 3.55 -36.21
C ASP B 97 42.47 2.95 -35.18
N HIS B 98 42.29 1.63 -35.20
CA HIS B 98 41.26 0.98 -34.39
C HIS B 98 41.41 1.27 -32.90
N GLN B 99 42.64 1.31 -32.40
CA GLN B 99 42.87 1.51 -30.97
C GLN B 99 42.75 2.95 -30.53
N ILE B 100 42.59 3.90 -31.45
CA ILE B 100 42.64 5.33 -31.12
C ILE B 100 41.23 5.85 -30.93
N ASN B 101 40.94 6.39 -29.74
CA ASN B 101 39.61 6.86 -29.37
C ASN B 101 38.60 5.74 -29.50
N ALA B 102 39.03 4.50 -29.22
CA ALA B 102 38.19 3.33 -29.46
C ALA B 102 36.94 3.33 -28.59
N TYR B 103 37.00 3.95 -27.42
CA TYR B 103 35.84 4.12 -26.57
C TYR B 103 35.66 5.61 -26.30
N GLN B 104 34.42 6.08 -26.41
CA GLN B 104 34.17 7.51 -26.25
C GLN B 104 32.99 7.72 -25.31
N ASP B 105 31.77 7.47 -25.79
CA ASP B 105 30.57 7.55 -24.97
C ASP B 105 30.28 6.15 -24.45
N PRO B 106 30.57 5.85 -23.18
CA PRO B 106 30.47 4.44 -22.74
C PRO B 106 29.04 3.92 -22.75
N VAL B 107 28.06 4.77 -22.49
CA VAL B 107 26.67 4.33 -22.56
C VAL B 107 26.33 3.85 -23.96
N TYR B 108 26.71 4.65 -24.97
CA TYR B 108 26.44 4.20 -26.33
C TYR B 108 27.29 3.00 -26.69
N ASP B 109 28.58 3.04 -26.37
CA ASP B 109 29.45 1.89 -26.67
C ASP B 109 28.92 0.60 -26.05
N ALA B 110 28.49 0.66 -24.79
CA ALA B 110 27.92 -0.56 -24.18
C ALA B 110 26.64 -0.98 -24.89
N SER B 111 25.85 -0.01 -25.36
CA SER B 111 24.62 -0.36 -26.05
C SER B 111 24.88 -1.17 -27.32
N THR B 112 26.08 -1.10 -27.91
CA THR B 112 26.31 -1.91 -29.09
C THR B 112 26.52 -3.39 -28.77
N PHE B 113 26.68 -3.75 -27.48
CA PHE B 113 26.62 -5.17 -27.13
C PHE B 113 25.17 -5.66 -27.16
N ALA B 114 24.23 -4.80 -26.74
CA ALA B 114 22.83 -5.20 -26.84
C ALA B 114 22.37 -5.23 -28.30
N ASP B 115 22.81 -4.26 -29.12
CA ASP B 115 22.50 -4.30 -30.54
C ASP B 115 22.99 -5.59 -31.18
N ASN B 116 24.15 -6.08 -30.72
CA ASN B 116 24.71 -7.31 -31.29
C ASN B 116 23.71 -8.45 -31.18
N LEU B 117 23.08 -8.58 -30.02
CA LEU B 117 22.15 -9.68 -29.79
C LEU B 117 20.92 -9.54 -30.66
N VAL B 118 20.44 -8.31 -30.84
CA VAL B 118 19.27 -8.10 -31.69
C VAL B 118 19.56 -8.59 -33.11
N VAL B 119 20.77 -8.33 -33.61
CA VAL B 119 21.11 -8.75 -34.95
C VAL B 119 21.28 -10.27 -35.02
N PHE B 120 21.95 -10.88 -34.04
CA PHE B 120 22.03 -12.35 -34.00
C PHE B 120 20.64 -12.97 -34.11
N GLU B 121 19.70 -12.48 -33.29
CA GLU B 121 18.38 -13.09 -33.19
C GLU B 121 17.49 -12.76 -34.39
N ARG B 122 17.87 -11.80 -35.22
CA ARG B 122 17.22 -11.59 -36.50
C ARG B 122 17.74 -12.54 -37.56
N TYR B 123 19.06 -12.73 -37.63
CA TYR B 123 19.61 -13.64 -38.65
C TYR B 123 19.38 -15.10 -38.32
N LEU B 124 19.35 -15.46 -37.04
CA LEU B 124 19.12 -16.85 -36.64
C LEU B 124 17.99 -16.84 -35.61
N PRO B 125 16.73 -16.84 -36.08
CA PRO B 125 15.60 -16.65 -35.16
C PRO B 125 15.50 -17.69 -34.05
N ASN B 126 16.05 -18.88 -34.21
CA ASN B 126 16.00 -19.88 -33.14
C ASN B 126 17.26 -19.95 -32.32
N ILE B 127 18.10 -18.92 -32.35
CA ILE B 127 19.38 -19.01 -31.66
C ILE B 127 19.21 -19.24 -30.16
N ASN B 128 18.16 -18.70 -29.52
CA ASN B 128 18.09 -18.93 -28.08
C ASN B 128 17.55 -20.31 -27.70
N SER B 129 17.24 -21.16 -28.66
CA SER B 129 17.00 -22.57 -28.35
C SER B 129 18.29 -23.41 -28.27
N TYR B 130 19.47 -22.79 -28.46
CA TYR B 130 20.74 -23.51 -28.29
C TYR B 130 21.29 -23.26 -26.90
N PRO B 131 21.59 -24.32 -26.15
CA PRO B 131 22.17 -24.14 -24.82
C PRO B 131 23.53 -23.51 -24.85
N ASN B 132 24.24 -23.58 -25.98
CA ASN B 132 25.59 -23.04 -26.08
C ASN B 132 25.59 -21.59 -26.60
N TYR B 133 24.42 -20.97 -26.76
CA TYR B 133 24.32 -19.55 -27.06
C TYR B 133 24.35 -18.77 -25.75
N PHE B 134 25.47 -18.05 -25.51
CA PHE B 134 25.65 -17.28 -24.28
C PHE B 134 25.79 -15.78 -24.56
N GLY B 135 25.19 -15.31 -25.66
CA GLY B 135 25.38 -13.92 -26.05
C GLY B 135 24.93 -12.91 -25.01
N GLU B 136 23.90 -13.25 -24.21
CA GLU B 136 23.41 -12.34 -23.18
C GLU B 136 24.18 -12.44 -21.87
N GLU B 137 25.11 -13.38 -21.72
CA GLU B 137 25.73 -13.61 -20.41
C GLU B 137 27.25 -13.51 -20.41
N LEU B 138 27.90 -13.61 -21.56
CA LEU B 138 29.36 -13.64 -21.67
C LEU B 138 29.80 -12.63 -22.71
N ALA B 139 30.77 -11.79 -22.36
CA ALA B 139 31.23 -10.77 -23.28
C ALA B 139 32.73 -10.60 -23.12
N ARG B 140 33.33 -9.93 -24.10
CA ARG B 140 34.72 -9.50 -24.02
C ARG B 140 34.79 -8.17 -24.75
N LEU B 141 35.50 -7.21 -24.16
CA LEU B 141 35.53 -5.89 -24.81
C LEU B 141 36.56 -5.86 -25.93
N PRO B 142 36.23 -5.27 -27.09
CA PRO B 142 37.26 -5.04 -28.12
C PRO B 142 38.48 -4.35 -27.52
N TYR B 143 39.65 -4.85 -27.89
CA TYR B 143 40.98 -4.31 -27.62
C TYR B 143 41.44 -4.51 -26.19
N THR B 144 40.63 -5.04 -25.28
CA THR B 144 40.84 -4.75 -23.87
C THR B 144 40.88 -6.01 -23.02
N ASN B 145 42.00 -6.22 -22.33
CA ASN B 145 42.14 -7.35 -21.41
C ASN B 145 41.53 -6.94 -20.07
N GLY B 146 40.20 -6.92 -20.05
CA GLY B 146 39.44 -6.52 -18.88
C GLY B 146 38.53 -7.65 -18.46
N TRP B 147 38.30 -7.75 -17.14
CA TRP B 147 37.62 -8.89 -16.55
C TRP B 147 36.55 -8.42 -15.56
N ARG B 148 35.39 -9.08 -15.59
CA ARG B 148 34.31 -8.87 -14.62
C ARG B 148 33.78 -10.27 -14.31
N ILE B 149 34.27 -10.89 -13.25
CA ILE B 149 33.99 -12.30 -12.97
C ILE B 149 33.14 -12.46 -11.71
N THR B 150 33.61 -11.93 -10.58
CA THR B 150 32.85 -11.89 -9.34
C THR B 150 32.96 -10.50 -8.73
N LYS B 151 32.18 -10.29 -7.67
CA LYS B 151 32.30 -9.08 -6.86
C LYS B 151 33.75 -8.80 -6.49
N ASP B 152 34.57 -9.84 -6.32
CA ASP B 152 35.96 -9.67 -5.88
C ASP B 152 36.97 -10.09 -6.94
N PHE B 153 36.59 -10.15 -8.21
CA PHE B 153 37.48 -10.63 -9.26
C PHE B 153 37.17 -9.75 -10.47
N LYS B 154 37.94 -8.68 -10.62
CA LYS B 154 37.77 -7.72 -11.69
C LYS B 154 39.15 -7.25 -12.11
N ALA B 155 39.25 -6.77 -13.35
CA ALA B 155 40.51 -6.19 -13.82
C ALA B 155 40.20 -5.30 -15.01
N ASP B 156 41.05 -4.30 -15.26
CA ASP B 156 40.88 -3.44 -16.42
C ASP B 156 42.20 -3.26 -17.15
N GLY B 157 42.14 -3.22 -18.48
CA GLY B 157 43.32 -2.93 -19.27
C GLY B 157 43.60 -1.45 -19.32
N LEU B 158 44.54 -0.97 -18.49
CA LEU B 158 44.66 0.48 -18.31
C LEU B 158 45.46 1.16 -19.42
N CYS B 159 46.06 0.39 -20.33
CA CYS B 159 46.76 0.90 -21.51
C CYS B 159 46.20 0.31 -22.79
N ALA B 160 44.98 -0.24 -22.74
CA ALA B 160 44.47 -1.02 -23.87
C ALA B 160 44.23 -0.14 -25.10
N THR B 161 43.70 1.06 -24.90
CA THR B 161 43.37 1.96 -26.00
C THR B 161 43.90 3.35 -25.69
N SER B 162 43.89 4.22 -26.69
CA SER B 162 44.69 5.45 -26.67
C SER B 162 43.88 6.64 -27.15
N ASP B 163 44.29 7.84 -26.70
CA ASP B 163 43.72 9.08 -27.23
C ASP B 163 44.53 9.67 -28.39
N ASP B 164 45.68 9.10 -28.73
CA ASP B 164 46.56 9.73 -29.72
C ASP B 164 47.41 8.75 -30.51
N LEU B 165 48.42 8.18 -29.88
CA LEU B 165 49.39 7.32 -30.55
C LEU B 165 49.05 5.85 -30.30
N LYS B 166 49.36 5.02 -31.29
CA LYS B 166 49.14 3.59 -31.15
C LYS B 166 50.20 3.01 -30.22
N PRO B 167 49.85 1.96 -29.46
CA PRO B 167 50.79 1.45 -28.45
C PRO B 167 52.09 0.95 -29.05
N TRP B 168 52.12 0.66 -30.34
CA TRP B 168 53.32 0.20 -31.03
C TRP B 168 54.03 1.29 -31.81
N GLU B 169 53.53 2.56 -31.77
CA GLU B 169 54.20 3.66 -32.46
C GLU B 169 55.27 4.28 -31.57
N PRO B 170 56.29 4.89 -32.16
CA PRO B 170 57.27 5.63 -31.35
C PRO B 170 56.62 6.82 -30.65
N GLY B 171 57.05 7.07 -29.42
CA GLY B 171 56.52 8.16 -28.62
C GLY B 171 55.33 7.81 -27.74
N TYR B 172 54.74 6.62 -27.92
CA TYR B 172 53.59 6.25 -27.12
C TYR B 172 53.96 6.17 -25.64
N VAL B 173 53.16 6.82 -24.81
CA VAL B 173 53.31 6.78 -23.36
C VAL B 173 51.98 6.40 -22.74
N CYS B 174 52.01 5.44 -21.82
CA CYS B 174 50.83 5.13 -21.01
C CYS B 174 51.08 5.67 -19.61
N ASP B 175 50.13 6.45 -19.11
CA ASP B 175 50.21 7.10 -17.81
C ASP B 175 49.27 6.34 -16.87
N LEU B 176 49.82 5.44 -16.06
CA LEU B 176 48.93 4.63 -15.24
C LEU B 176 48.27 5.43 -14.12
N ASP B 177 48.78 6.62 -13.81
CA ASP B 177 48.13 7.51 -12.84
C ASP B 177 47.07 8.40 -13.47
N ASN B 178 46.96 8.43 -14.80
CA ASN B 178 45.95 9.23 -15.48
C ASN B 178 45.69 8.58 -16.84
N PRO B 179 45.01 7.45 -16.87
CA PRO B 179 44.88 6.69 -18.13
C PRO B 179 44.11 7.48 -19.17
N SER B 180 44.14 6.96 -20.39
CA SER B 180 43.54 7.68 -21.50
C SER B 180 42.03 7.79 -21.30
N ASN B 181 41.44 8.78 -21.98
CA ASN B 181 39.98 8.92 -21.96
C ASN B 181 39.32 7.67 -22.53
N SER B 182 39.94 7.09 -23.56
CA SER B 182 39.36 5.86 -24.13
C SER B 182 39.38 4.72 -23.11
N VAL B 183 40.47 4.59 -22.37
CA VAL B 183 40.52 3.55 -21.34
C VAL B 183 39.48 3.80 -20.27
N LYS B 184 39.34 5.04 -19.82
CA LYS B 184 38.34 5.36 -18.80
C LYS B 184 36.92 5.01 -19.26
N ALA B 185 36.58 5.34 -20.50
CA ALA B 185 35.27 4.94 -21.03
C ALA B 185 35.14 3.42 -21.09
N SER B 186 36.21 2.69 -21.47
CA SER B 186 36.08 1.24 -21.53
C SER B 186 35.82 0.65 -20.15
N ILE B 187 36.37 1.24 -19.10
CA ILE B 187 36.08 0.79 -17.75
C ILE B 187 34.59 0.95 -17.46
N GLU B 188 34.02 2.10 -17.85
CA GLU B 188 32.59 2.26 -17.62
C GLU B 188 31.76 1.27 -18.44
N VAL B 189 32.20 0.94 -19.67
CA VAL B 189 31.49 -0.10 -20.43
C VAL B 189 31.48 -1.41 -19.67
N GLN B 190 32.63 -1.82 -19.11
CA GLN B 190 32.67 -3.04 -18.31
C GLN B 190 31.63 -3.00 -17.20
N ASN B 191 31.55 -1.87 -16.51
CA ASN B 191 30.64 -1.75 -15.36
C ASN B 191 29.19 -1.81 -15.81
N ILE B 192 28.89 -1.19 -16.96
CA ILE B 192 27.53 -1.25 -17.52
C ILE B 192 27.16 -2.69 -17.86
N LEU B 193 28.06 -3.42 -18.52
CA LEU B 193 27.74 -4.80 -18.88
C LEU B 193 27.56 -5.68 -17.64
N ALA B 194 28.42 -5.50 -16.63
CA ALA B 194 28.30 -6.27 -15.41
C ALA B 194 26.94 -6.04 -14.74
N ASN B 195 26.45 -4.79 -14.80
CA ASN B 195 25.12 -4.49 -14.25
C ASN B 195 24.00 -5.11 -15.07
N LYS B 196 24.27 -5.46 -16.33
CA LYS B 196 23.30 -6.17 -17.16
C LYS B 196 23.38 -7.69 -17.00
N GLY B 197 24.21 -8.17 -16.08
CA GLY B 197 24.35 -9.58 -15.83
C GLY B 197 25.44 -10.28 -16.61
N TYR B 198 26.27 -9.55 -17.35
CA TYR B 198 27.40 -10.18 -18.03
C TYR B 198 28.55 -10.49 -17.08
N GLN B 199 29.26 -11.57 -17.38
CA GLN B 199 30.67 -11.65 -17.02
C GLN B 199 31.51 -11.29 -18.25
N THR B 200 32.65 -10.63 -18.03
CA THR B 200 33.58 -10.39 -19.13
C THR B 200 34.88 -11.09 -18.82
N HIS B 201 35.48 -11.71 -19.84
CA HIS B 201 36.73 -12.42 -19.68
C HIS B 201 37.78 -11.84 -20.60
N GLY B 202 38.99 -11.68 -20.06
CA GLY B 202 40.13 -11.26 -20.84
C GLY B 202 40.92 -12.48 -21.27
N TRP B 203 42.25 -12.42 -21.23
CA TRP B 203 43.04 -13.57 -21.64
C TRP B 203 44.37 -13.60 -20.89
N ASP B 204 44.98 -14.79 -20.88
CA ASP B 204 46.30 -15.04 -20.30
C ASP B 204 47.41 -15.00 -21.35
N VAL B 205 47.13 -15.53 -22.54
CA VAL B 205 48.09 -15.64 -23.63
C VAL B 205 47.36 -15.35 -24.94
N ASP B 206 48.08 -14.78 -25.91
CA ASP B 206 47.50 -14.32 -27.16
C ASP B 206 48.30 -14.88 -28.34
N TRP B 207 47.66 -15.72 -29.16
CA TRP B 207 48.34 -16.29 -30.33
C TRP B 207 48.16 -15.32 -31.47
N SER B 208 49.15 -14.48 -31.66
CA SER B 208 48.99 -13.25 -32.42
C SER B 208 50.33 -12.81 -33.00
N PRO B 209 50.37 -11.73 -33.79
CA PRO B 209 51.66 -11.05 -34.02
C PRO B 209 52.16 -10.41 -32.74
N GLU B 210 53.49 -10.25 -32.66
CA GLU B 210 54.10 -9.60 -31.50
C GLU B 210 53.41 -8.27 -31.16
N ASN B 211 53.12 -7.47 -32.19
CA ASN B 211 52.30 -6.27 -32.03
C ASN B 211 51.51 -6.07 -33.32
N TRP B 212 50.43 -5.30 -33.21
CA TRP B 212 49.46 -5.20 -34.29
C TRP B 212 49.81 -4.17 -35.35
N GLY B 213 51.00 -3.56 -35.25
CA GLY B 213 51.53 -2.75 -36.33
C GLY B 213 52.41 -3.50 -37.31
N ILE B 214 52.72 -4.77 -37.02
CA ILE B 214 53.51 -5.61 -37.93
C ILE B 214 52.71 -5.82 -39.22
N PRO B 215 53.28 -5.54 -40.38
CA PRO B 215 52.57 -5.85 -41.64
C PRO B 215 52.55 -7.35 -41.90
N MET B 216 51.46 -7.81 -42.56
CA MET B 216 51.19 -9.23 -42.77
C MET B 216 51.12 -9.97 -41.43
N PRO B 217 50.20 -9.58 -40.55
CA PRO B 217 50.24 -10.13 -39.18
C PRO B 217 49.99 -11.64 -39.10
N ALA B 218 49.48 -12.28 -40.16
CA ALA B 218 49.23 -13.73 -40.10
C ALA B 218 50.50 -14.55 -40.32
N ASN B 219 51.52 -13.96 -40.91
CA ASN B 219 52.71 -14.72 -41.24
C ASN B 219 53.62 -14.98 -40.03
N SER B 220 53.53 -14.16 -38.99
CA SER B 220 54.46 -14.27 -37.87
C SER B 220 53.85 -14.90 -36.62
N LEU B 221 53.17 -16.04 -36.75
CA LEU B 221 52.56 -16.67 -35.58
C LEU B 221 53.52 -17.66 -34.97
N THR B 222 53.61 -17.63 -33.63
CA THR B 222 54.42 -18.57 -32.87
C THR B 222 54.14 -20.00 -33.31
N GLU B 223 55.18 -20.84 -33.36
CA GLU B 223 54.96 -22.26 -33.65
C GLU B 223 54.21 -22.94 -32.50
N ALA B 224 53.58 -24.09 -32.82
CA ALA B 224 52.72 -24.74 -31.83
C ALA B 224 53.49 -25.15 -30.57
N GLU B 225 54.71 -25.71 -30.72
CA GLU B 225 55.45 -26.14 -29.54
C GLU B 225 55.84 -24.96 -28.67
N ALA B 226 56.34 -23.88 -29.28
CA ALA B 226 56.65 -22.67 -28.55
C ALA B 226 55.41 -22.10 -27.87
N PHE B 227 54.26 -22.18 -28.54
CA PHE B 227 53.06 -21.61 -27.95
C PHE B 227 52.61 -22.42 -26.74
N LEU B 228 52.71 -23.76 -26.81
CA LEU B 228 52.46 -24.57 -25.62
C LEU B 228 53.37 -24.16 -24.48
N GLY B 229 54.61 -23.78 -24.80
CA GLY B 229 55.51 -23.26 -23.79
C GLY B 229 54.96 -22.01 -23.12
N TYR B 230 54.31 -21.12 -23.90
CA TYR B 230 53.72 -19.93 -23.28
C TYR B 230 52.55 -20.29 -22.38
N VAL B 231 51.74 -21.28 -22.80
CA VAL B 231 50.65 -21.75 -21.96
C VAL B 231 51.18 -22.32 -20.66
N ASP B 232 52.19 -23.19 -20.74
CA ASP B 232 52.85 -23.71 -19.54
C ASP B 232 53.27 -22.59 -18.60
N ALA B 233 53.89 -21.54 -19.14
CA ALA B 233 54.39 -20.47 -18.29
C ALA B 233 53.25 -19.63 -17.71
N ALA B 234 52.11 -19.57 -18.39
CA ALA B 234 50.96 -18.84 -17.88
C ALA B 234 50.25 -19.57 -16.74
N LEU B 235 50.41 -20.88 -16.62
CA LEU B 235 49.66 -21.65 -15.62
C LEU B 235 50.02 -21.21 -14.21
N ASN B 236 49.03 -20.69 -13.47
CA ASN B 236 49.18 -20.27 -12.06
C ASN B 236 50.29 -19.23 -11.89
N SER B 237 50.44 -18.34 -12.85
CA SER B 237 51.49 -17.34 -12.77
C SER B 237 50.98 -15.93 -13.06
N CYS B 238 49.67 -15.71 -12.96
CA CYS B 238 49.08 -14.38 -13.15
C CYS B 238 49.54 -13.74 -14.46
N ALA B 239 49.45 -14.51 -15.54
CA ALA B 239 49.88 -14.01 -16.84
C ALA B 239 49.16 -12.76 -17.31
N PRO B 240 47.89 -12.49 -16.97
CA PRO B 240 47.30 -11.23 -17.44
C PRO B 240 48.03 -10.00 -16.93
N THR B 241 48.79 -10.08 -15.85
CA THR B 241 49.52 -8.91 -15.37
C THR B 241 50.96 -8.83 -15.86
N THR B 242 51.49 -9.89 -16.47
CA THR B 242 52.87 -9.89 -16.93
C THR B 242 52.96 -9.94 -18.44
N ILE B 243 51.86 -10.26 -19.12
CA ILE B 243 51.84 -10.34 -20.57
C ILE B 243 52.32 -9.03 -21.20
N ASN B 244 53.01 -9.16 -22.34
CA ASN B 244 53.41 -8.06 -23.21
C ASN B 244 52.67 -8.17 -24.53
N PRO B 245 52.43 -7.05 -25.23
CA PRO B 245 52.88 -5.69 -24.92
C PRO B 245 51.95 -4.99 -23.92
N ILE B 246 52.30 -3.75 -23.56
CA ILE B 246 51.65 -3.08 -22.45
C ILE B 246 50.13 -2.96 -22.65
N ASN B 247 49.68 -2.81 -23.90
CA ASN B 247 48.24 -2.64 -24.15
C ASN B 247 47.46 -3.95 -24.00
N SER B 248 48.15 -5.07 -23.79
CA SER B 248 47.52 -6.35 -23.54
C SER B 248 47.40 -6.68 -22.06
N LYS B 249 48.00 -5.87 -21.18
CA LYS B 249 47.94 -6.18 -19.75
C LYS B 249 46.55 -5.95 -19.15
N ALA B 250 46.21 -6.77 -18.16
CA ALA B 250 44.99 -6.64 -17.35
C ALA B 250 45.35 -6.14 -15.94
N HIS B 251 45.43 -4.82 -15.77
CA HIS B 251 45.87 -4.27 -14.49
C HIS B 251 44.87 -4.52 -13.36
N GLY B 252 45.41 -4.80 -12.17
CA GLY B 252 44.60 -5.09 -11.00
C GLY B 252 44.04 -6.50 -10.93
N PHE B 253 44.41 -7.38 -11.87
CA PHE B 253 43.95 -8.76 -11.82
C PHE B 253 44.29 -9.37 -10.46
N PRO B 254 43.34 -10.03 -9.80
CA PRO B 254 43.63 -10.57 -8.46
C PRO B 254 44.42 -11.86 -8.52
N CYS B 255 45.75 -11.77 -8.58
CA CYS B 255 46.57 -12.97 -8.74
C CYS B 255 46.28 -13.95 -7.61
N GLY B 256 46.15 -15.22 -7.96
CA GLY B 256 45.86 -16.23 -6.98
C GLY B 256 44.40 -16.44 -6.69
N THR B 257 43.50 -15.66 -7.30
CA THR B 257 42.08 -15.82 -7.02
C THR B 257 41.64 -17.26 -7.35
N PRO B 258 40.78 -17.87 -6.54
CA PRO B 258 40.51 -19.32 -6.71
C PRO B 258 39.95 -19.70 -8.06
N LEU B 259 39.07 -18.87 -8.66
CA LEU B 259 38.49 -19.24 -9.95
C LEU B 259 39.50 -19.29 -11.07
N HIS B 260 40.68 -18.66 -10.93
CA HIS B 260 41.65 -18.71 -12.02
C HIS B 260 42.70 -19.78 -11.82
N ALA B 261 42.67 -20.53 -10.71
CA ALA B 261 43.70 -21.53 -10.48
C ALA B 261 43.65 -22.63 -11.54
N ASP B 262 44.84 -23.03 -12.01
CA ASP B 262 44.98 -24.13 -12.96
C ASP B 262 44.26 -23.88 -14.28
N LYS B 263 44.11 -22.61 -14.68
CA LYS B 263 43.40 -22.25 -15.90
C LYS B 263 44.24 -21.30 -16.74
N VAL B 264 44.13 -21.44 -18.07
CA VAL B 264 44.77 -20.52 -19.00
C VAL B 264 43.75 -20.19 -20.09
N VAL B 265 43.44 -18.89 -20.26
CA VAL B 265 42.53 -18.45 -21.32
C VAL B 265 43.40 -18.02 -22.48
N VAL B 266 43.19 -18.61 -23.66
CA VAL B 266 43.98 -18.29 -24.86
C VAL B 266 43.12 -17.45 -25.80
N LEU B 267 43.71 -16.38 -26.32
CA LEU B 267 43.03 -15.52 -27.28
C LEU B 267 43.68 -15.72 -28.66
N THR B 268 42.85 -15.85 -29.69
CA THR B 268 43.35 -15.68 -31.05
C THR B 268 42.19 -15.17 -31.90
N HIS B 269 42.46 -14.94 -33.19
CA HIS B 269 41.48 -14.37 -34.13
C HIS B 269 41.38 -15.27 -35.35
N GLU B 270 40.16 -15.66 -35.74
CA GLU B 270 40.03 -16.48 -36.94
C GLU B 270 40.64 -15.82 -38.15
N PHE B 271 40.67 -14.48 -38.20
CA PHE B 271 41.19 -13.89 -39.43
C PHE B 271 42.68 -14.15 -39.62
N LEU B 272 43.37 -14.64 -38.61
CA LEU B 272 44.77 -15.03 -38.76
C LEU B 272 44.93 -16.41 -39.40
N TYR B 273 43.83 -17.13 -39.66
CA TYR B 273 43.85 -18.48 -40.20
C TYR B 273 43.28 -18.51 -41.62
N GLU B 274 43.47 -17.41 -42.35
CA GLU B 274 42.96 -17.24 -43.70
C GLU B 274 44.10 -16.89 -44.64
N ASP B 275 44.14 -17.52 -45.81
CA ASP B 275 45.07 -17.10 -46.86
C ASP B 275 44.48 -15.86 -47.52
N GLY B 276 45.13 -14.73 -47.33
CA GLY B 276 44.56 -13.50 -47.86
C GLY B 276 45.37 -12.26 -47.53
N LYS B 277 44.68 -11.15 -47.29
CA LYS B 277 45.33 -9.85 -47.17
C LYS B 277 46.29 -9.75 -45.99
N ARG B 278 46.18 -10.61 -44.98
CA ARG B 278 47.09 -10.60 -43.84
C ARG B 278 48.23 -11.60 -43.97
N GLY B 279 48.26 -12.37 -45.04
CA GLY B 279 49.30 -13.36 -45.22
C GLY B 279 48.70 -14.71 -45.50
N MET B 280 49.56 -15.73 -45.44
CA MET B 280 49.17 -17.09 -45.74
C MET B 280 48.73 -17.81 -44.45
N GLY B 281 47.68 -17.27 -43.83
CA GLY B 281 47.26 -17.76 -42.53
C GLY B 281 46.62 -19.14 -42.54
N ALA B 282 45.92 -19.50 -43.61
CA ALA B 282 45.32 -20.83 -43.62
C ALA B 282 46.39 -21.89 -43.83
N THR B 283 47.32 -21.63 -44.76
CA THR B 283 48.37 -22.60 -45.06
C THR B 283 49.35 -22.74 -43.90
N GLN B 284 49.72 -21.65 -43.24
CA GLN B 284 50.70 -21.69 -42.16
C GLN B 284 50.08 -21.97 -40.79
N ASN B 285 48.91 -21.39 -40.48
CA ASN B 285 48.45 -21.40 -39.09
C ASN B 285 47.40 -22.45 -38.79
N LEU B 286 46.64 -22.93 -39.77
CA LEU B 286 45.75 -24.04 -39.47
C LEU B 286 46.49 -25.29 -39.07
N PRO B 287 47.63 -25.66 -39.68
CA PRO B 287 48.42 -26.77 -39.13
C PRO B 287 48.97 -26.48 -37.73
N LYS B 288 49.37 -25.23 -37.42
CA LYS B 288 49.84 -24.91 -36.07
C LYS B 288 48.74 -25.13 -35.04
N LEU B 289 47.52 -24.67 -35.37
CA LEU B 289 46.38 -24.85 -34.47
C LEU B 289 46.12 -26.32 -34.18
N ALA B 290 46.07 -27.14 -35.23
CA ALA B 290 45.84 -28.58 -35.05
C ALA B 290 46.93 -29.20 -34.18
N LYS B 291 48.19 -28.85 -34.44
CA LYS B 291 49.28 -29.43 -33.67
C LYS B 291 49.22 -29.01 -32.22
N PHE B 292 48.93 -27.73 -31.97
CA PHE B 292 48.84 -27.24 -30.59
C PHE B 292 47.79 -28.01 -29.80
N LEU B 293 46.61 -28.22 -30.41
CA LEU B 293 45.57 -28.98 -29.70
C LEU B 293 46.05 -30.37 -29.36
N ARG B 294 46.76 -31.01 -30.29
CA ARG B 294 47.25 -32.36 -30.05
C ARG B 294 48.30 -32.38 -28.93
N ILE B 295 49.29 -31.49 -28.98
CA ILE B 295 50.37 -31.59 -28.01
C ILE B 295 49.93 -31.07 -26.64
N ALA B 296 48.95 -30.16 -26.60
CA ALA B 296 48.41 -29.73 -25.32
C ALA B 296 47.71 -30.88 -24.59
N LYS B 297 46.89 -31.66 -25.31
CA LYS B 297 46.26 -32.82 -24.69
C LYS B 297 47.30 -33.88 -24.34
N GLU B 298 48.30 -34.04 -25.19
CA GLU B 298 49.38 -34.97 -24.88
C GLU B 298 50.12 -34.59 -23.61
N ALA B 299 50.20 -33.28 -23.30
CA ALA B 299 50.83 -32.80 -22.08
C ALA B 299 49.94 -32.88 -20.86
N GLY B 300 48.67 -33.24 -21.01
CA GLY B 300 47.77 -33.41 -19.89
C GLY B 300 46.76 -32.31 -19.70
N TYR B 301 46.77 -31.27 -20.53
CA TYR B 301 45.72 -30.25 -20.46
C TYR B 301 44.40 -30.79 -21.02
N VAL B 302 43.30 -30.20 -20.57
CA VAL B 302 41.99 -30.42 -21.18
C VAL B 302 41.47 -29.07 -21.69
N PHE B 303 40.60 -29.10 -22.69
CA PHE B 303 40.04 -27.86 -23.22
C PHE B 303 38.61 -27.69 -22.75
N ASP B 304 38.25 -26.46 -22.38
CA ASP B 304 36.86 -26.20 -21.99
C ASP B 304 36.42 -24.86 -22.57
N THR B 305 35.14 -24.56 -22.39
CA THR B 305 34.55 -23.33 -22.87
C THR B 305 34.26 -22.38 -21.71
N ILE B 306 34.15 -21.09 -22.03
CA ILE B 306 34.16 -20.05 -21.00
C ILE B 306 32.91 -20.12 -20.13
N ASP B 307 31.81 -20.65 -20.66
CA ASP B 307 30.63 -20.84 -19.82
C ASP B 307 30.91 -21.74 -18.61
N ASN B 308 31.93 -22.60 -18.68
CA ASN B 308 32.28 -23.44 -17.55
C ASN B 308 33.43 -22.88 -16.73
N TYR B 309 33.97 -21.72 -17.11
CA TYR B 309 35.07 -21.14 -16.34
C TYR B 309 34.68 -20.92 -14.89
N THR B 310 33.49 -20.34 -14.66
CA THR B 310 32.86 -20.38 -13.35
C THR B 310 31.95 -21.60 -13.34
N PRO B 311 32.20 -22.60 -12.52
CA PRO B 311 31.49 -23.89 -12.71
C PRO B 311 30.02 -23.76 -12.38
N VAL B 312 29.19 -24.42 -13.19
CA VAL B 312 27.74 -24.41 -12.99
C VAL B 312 27.40 -25.24 -11.76
N TRP B 313 26.52 -24.72 -10.91
CA TRP B 313 26.08 -25.45 -9.72
C TRP B 313 25.47 -26.79 -10.13
N GLN B 314 25.79 -27.85 -9.40
CA GLN B 314 25.25 -29.15 -9.77
C GLN B 314 24.87 -29.96 -8.54
N VAL B 315 23.67 -30.53 -8.56
CA VAL B 315 23.20 -31.38 -7.48
C VAL B 315 24.23 -32.48 -7.22
N GLY B 316 24.53 -32.73 -5.95
CA GLY B 316 25.44 -33.79 -5.58
C GLY B 316 26.88 -33.36 -5.43
N ASN B 317 27.24 -32.17 -5.90
CA ASN B 317 28.60 -31.70 -5.79
C ASN B 317 28.89 -31.24 -4.36
N ALA B 318 30.12 -31.47 -3.92
CA ALA B 318 30.55 -31.01 -2.61
C ALA B 318 31.15 -29.62 -2.74
N TYR B 319 30.67 -28.69 -1.94
CA TYR B 319 31.15 -27.30 -1.99
C TYR B 319 31.80 -26.91 -0.67
N ALA B 320 33.00 -26.31 -0.75
CA ALA B 320 33.62 -25.72 0.42
C ALA B 320 33.16 -24.28 0.58
N ALA B 321 33.16 -23.80 1.82
CA ALA B 321 32.90 -22.38 2.04
C ALA B 321 33.82 -21.55 1.15
N GLY B 322 33.26 -20.54 0.49
CA GLY B 322 34.02 -19.70 -0.41
C GLY B 322 34.06 -20.14 -1.86
N ASP B 323 33.59 -21.35 -2.19
CA ASP B 323 33.55 -21.81 -3.57
C ASP B 323 32.58 -20.96 -4.40
N TYR B 324 32.95 -20.65 -5.63
CA TYR B 324 32.06 -19.93 -6.53
C TYR B 324 31.40 -20.87 -7.53
N VAL B 325 30.12 -20.61 -7.84
CA VAL B 325 29.39 -21.29 -8.92
C VAL B 325 28.57 -20.24 -9.67
N THR B 326 28.06 -20.64 -10.85
CA THR B 326 26.93 -19.94 -11.45
C THR B 326 25.68 -20.81 -11.33
N HIS B 327 24.56 -20.16 -11.12
CA HIS B 327 23.28 -20.84 -11.11
C HIS B 327 22.32 -19.95 -11.87
N SER B 328 21.74 -20.49 -12.95
CA SER B 328 20.90 -19.71 -13.87
C SER B 328 21.57 -18.40 -14.26
N GLY B 329 22.87 -18.45 -14.50
CA GLY B 329 23.59 -17.30 -15.01
C GLY B 329 24.07 -16.32 -13.96
N THR B 330 23.75 -16.54 -12.69
CA THR B 330 24.16 -15.63 -11.61
C THR B 330 25.30 -16.27 -10.83
N VAL B 331 26.29 -15.45 -10.43
CA VAL B 331 27.42 -15.94 -9.64
C VAL B 331 27.03 -15.98 -8.17
N TYR B 332 27.34 -17.08 -7.50
CA TYR B 332 27.15 -17.24 -6.07
C TYR B 332 28.41 -17.77 -5.41
N LYS B 333 28.54 -17.46 -4.12
CA LYS B 333 29.66 -17.87 -3.27
C LYS B 333 29.11 -18.66 -2.09
N ALA B 334 29.68 -19.84 -1.85
CA ALA B 334 29.15 -20.72 -0.81
C ALA B 334 29.43 -20.15 0.58
N VAL B 335 28.39 -20.15 1.43
CA VAL B 335 28.54 -19.66 2.80
C VAL B 335 29.14 -20.73 3.71
N THR B 336 28.73 -21.97 3.53
CA THR B 336 29.16 -23.06 4.40
C THR B 336 29.39 -24.29 3.56
N ALA B 337 30.31 -25.15 4.03
CA ALA B 337 30.56 -26.40 3.34
C ALA B 337 29.30 -27.27 3.37
N HIS B 338 28.95 -27.86 2.24
CA HIS B 338 27.78 -28.73 2.18
C HIS B 338 27.83 -29.51 0.88
N ILE B 339 26.93 -30.48 0.77
CA ILE B 339 26.71 -31.20 -0.47
C ILE B 339 25.39 -30.72 -1.07
N ALA B 340 25.45 -30.27 -2.32
CA ALA B 340 24.26 -29.72 -2.97
C ALA B 340 23.19 -30.80 -3.15
N GLN B 341 21.95 -30.44 -2.81
CA GLN B 341 20.77 -31.26 -3.06
C GLN B 341 19.79 -30.48 -3.94
N GLN B 342 18.90 -31.20 -4.64
CA GLN B 342 18.06 -30.59 -5.67
C GLN B 342 17.20 -29.44 -5.14
N ASP B 343 16.74 -29.52 -3.89
CA ASP B 343 15.87 -28.45 -3.40
C ASP B 343 16.62 -27.29 -2.78
N TRP B 344 17.95 -27.37 -2.69
CA TRP B 344 18.69 -26.31 -2.01
C TRP B 344 19.52 -25.50 -2.99
N ALA B 345 18.93 -25.03 -4.09
CA ALA B 345 19.74 -24.30 -5.06
C ALA B 345 20.04 -22.89 -4.56
N PRO B 346 21.12 -22.27 -5.09
CA PRO B 346 21.39 -20.87 -4.77
C PRO B 346 20.20 -19.99 -5.15
N SER B 347 20.02 -18.89 -4.42
CA SER B 347 18.90 -18.00 -4.68
C SER B 347 19.14 -16.71 -3.91
N SER B 348 18.25 -15.76 -4.12
CA SER B 348 18.29 -14.52 -3.35
C SER B 348 17.88 -14.68 -1.88
N THR B 349 17.40 -15.85 -1.47
CA THR B 349 17.10 -16.07 -0.05
C THR B 349 17.88 -17.23 0.57
N SER B 350 18.74 -17.89 -0.18
CA SER B 350 19.39 -19.09 0.32
C SER B 350 20.34 -18.76 1.47
N SER B 351 20.29 -19.56 2.55
CA SER B 351 21.28 -19.42 3.62
C SER B 351 22.62 -20.02 3.25
N LEU B 352 22.68 -20.80 2.18
CA LEU B 352 23.89 -21.54 1.82
C LEU B 352 24.79 -20.78 0.86
N TRP B 353 24.28 -19.71 0.24
CA TRP B 353 25.00 -19.01 -0.80
C TRP B 353 24.74 -17.52 -0.65
N THR B 354 25.71 -16.71 -1.09
CA THR B 354 25.42 -15.29 -1.32
C THR B 354 25.67 -14.97 -2.79
N ASN B 355 24.94 -13.96 -3.28
CA ASN B 355 25.15 -13.48 -4.65
C ASN B 355 26.50 -12.76 -4.74
N ALA B 356 27.35 -13.18 -5.68
CA ALA B 356 28.67 -12.57 -5.87
C ALA B 356 28.88 -12.11 -7.31
N ASP B 357 27.81 -11.69 -7.98
CA ASP B 357 27.95 -11.11 -9.32
C ASP B 357 28.88 -9.91 -9.26
N PRO B 358 29.58 -9.61 -10.35
CA PRO B 358 30.44 -8.42 -10.40
C PRO B 358 29.70 -7.12 -10.64
N ALA B 359 28.36 -7.14 -10.58
CA ALA B 359 27.54 -5.93 -10.72
C ALA B 359 27.69 -5.02 -9.48
N THR B 360 27.44 -3.72 -9.67
CA THR B 360 27.50 -2.77 -8.57
C THR B 360 26.14 -2.16 -8.21
N ASN B 361 25.07 -2.50 -8.93
CA ASN B 361 23.73 -2.15 -8.45
C ASN B 361 23.45 -2.94 -7.18
N TRP B 362 22.75 -2.30 -6.23
CA TRP B 362 22.34 -2.99 -5.02
C TRP B 362 21.52 -4.23 -5.38
N THR B 363 21.85 -5.33 -4.74
CA THR B 363 21.28 -6.64 -5.06
C THR B 363 21.03 -7.38 -3.77
N LEU B 364 19.99 -8.22 -3.77
CA LEU B 364 19.63 -9.05 -2.62
C LEU B 364 20.65 -10.16 -2.37
N ASN B 365 20.86 -10.44 -1.08
CA ASN B 365 21.67 -11.59 -0.63
C ASN B 365 23.13 -11.46 -1.03
N VAL B 366 23.66 -10.24 -1.01
CA VAL B 366 25.07 -9.96 -1.29
C VAL B 366 25.78 -9.67 0.02
N SER B 367 26.99 -10.19 0.17
CA SER B 367 27.81 -9.92 1.35
C SER B 367 28.57 -8.60 1.13
N TYR B 368 28.01 -7.50 1.61
CA TYR B 368 28.60 -6.18 1.40
C TYR B 368 29.64 -5.87 2.46
N GLU B 369 30.71 -5.21 2.05
CA GLU B 369 31.75 -4.78 2.98
C GLU B 369 31.76 -3.27 3.07
N ALA B 370 32.20 -2.77 4.23
CA ALA B 370 32.30 -1.33 4.37
C ALA B 370 33.20 -0.81 3.27
N GLY B 371 32.78 0.30 2.64
CA GLY B 371 33.50 0.87 1.54
C GLY B 371 32.94 0.51 0.18
N ASP B 372 32.10 -0.53 0.08
CA ASP B 372 31.42 -0.84 -1.17
C ASP B 372 30.50 0.31 -1.54
N VAL B 373 30.32 0.54 -2.84
CA VAL B 373 29.37 1.52 -3.31
C VAL B 373 28.35 0.79 -4.16
N VAL B 374 27.07 1.05 -3.89
CA VAL B 374 25.96 0.44 -4.63
C VAL B 374 25.10 1.52 -5.25
N THR B 375 24.39 1.14 -6.31
CA THR B 375 23.44 2.03 -6.94
C THR B 375 22.04 1.47 -6.76
N TYR B 376 21.10 2.34 -6.40
CA TYR B 376 19.75 1.90 -6.15
C TYR B 376 18.80 3.05 -6.46
N GLN B 377 17.82 2.78 -7.31
CA GLN B 377 16.88 3.81 -7.75
C GLN B 377 17.63 5.05 -8.24
N GLY B 378 18.70 4.82 -9.01
CA GLY B 378 19.42 5.91 -9.64
C GLY B 378 20.32 6.69 -8.73
N LEU B 379 20.48 6.28 -7.48
CA LEU B 379 21.28 6.99 -6.49
C LEU B 379 22.42 6.10 -6.00
N ARG B 380 23.58 6.69 -5.74
CA ARG B 380 24.71 5.94 -5.22
C ARG B 380 24.74 5.98 -3.71
N TYR B 381 25.17 4.87 -3.09
CA TYR B 381 25.24 4.74 -1.63
C TYR B 381 26.54 4.06 -1.24
N LEU B 382 27.17 4.61 -0.21
CA LEU B 382 28.30 3.96 0.43
C LEU B 382 27.81 3.00 1.51
N VAL B 383 28.43 1.82 1.55
CA VAL B 383 28.21 0.87 2.63
C VAL B 383 29.06 1.27 3.82
N ASN B 384 28.42 1.54 4.96
CA ASN B 384 29.13 1.87 6.19
C ASN B 384 29.45 0.65 7.04
N VAL B 385 28.59 -0.36 7.01
CA VAL B 385 28.65 -1.47 7.96
C VAL B 385 28.55 -2.77 7.14
N PRO B 386 29.48 -3.71 7.27
CA PRO B 386 29.36 -4.96 6.51
C PRO B 386 28.11 -5.72 6.93
N HIS B 387 27.40 -6.30 5.96
CA HIS B 387 26.14 -7.00 6.18
C HIS B 387 25.79 -7.75 4.91
N VAL B 388 24.95 -8.76 5.07
CA VAL B 388 24.34 -9.44 3.92
C VAL B 388 23.01 -8.75 3.61
N SER B 389 22.87 -8.25 2.37
CA SER B 389 21.68 -7.50 2.03
C SER B 389 20.44 -8.38 2.06
N GLN B 390 19.31 -7.77 2.39
CA GLN B 390 18.01 -8.43 2.38
C GLN B 390 16.95 -7.38 2.03
N ALA B 391 15.73 -7.86 1.78
CA ALA B 391 14.70 -7.05 1.12
C ALA B 391 14.31 -5.82 1.94
N ASP B 392 14.26 -5.95 3.25
CA ASP B 392 13.86 -4.81 4.07
C ASP B 392 15.04 -3.88 4.37
N TRP B 393 16.24 -4.22 3.92
CA TRP B 393 17.43 -3.39 4.15
C TRP B 393 17.85 -2.65 2.89
N THR B 394 16.89 -2.10 2.16
CA THR B 394 17.21 -1.30 0.98
C THR B 394 17.98 -0.04 1.40
N PRO B 395 18.88 0.44 0.53
CA PRO B 395 19.73 1.58 0.89
C PRO B 395 18.98 2.84 1.23
N ASN B 396 17.86 3.11 0.56
CA ASN B 396 17.14 4.34 0.84
C ASN B 396 16.46 4.34 2.21
N THR B 397 16.31 3.17 2.84
CA THR B 397 15.63 3.07 4.15
C THR B 397 16.58 2.77 5.30
N GLN B 398 17.86 2.58 5.05
CA GLN B 398 18.82 2.12 6.07
C GLN B 398 19.97 3.10 6.15
N ASN B 399 19.78 4.19 6.91
CA ASN B 399 20.81 5.22 6.92
C ASN B 399 21.92 4.94 7.92
N THR B 400 21.87 3.82 8.63
CA THR B 400 23.05 3.38 9.36
C THR B 400 23.94 2.47 8.51
N LEU B 401 23.33 1.55 7.77
CA LEU B 401 24.10 0.66 6.90
C LEU B 401 24.67 1.38 5.70
N PHE B 402 23.97 2.40 5.20
CA PHE B 402 24.34 3.09 3.97
C PHE B 402 24.31 4.60 4.18
N THR B 403 25.14 5.30 3.39
CA THR B 403 25.06 6.75 3.28
C THR B 403 24.89 7.16 1.82
N ALA B 404 23.83 7.90 1.53
CA ALA B 404 23.60 8.41 0.18
C ALA B 404 24.71 9.38 -0.20
N LEU B 405 25.23 9.23 -1.42
CA LEU B 405 26.34 10.09 -1.86
C LEU B 405 25.83 11.25 -2.72
N PRO C 4 -24.86 -7.64 4.60
CA PRO C 4 -25.94 -7.15 5.46
C PRO C 4 -25.70 -5.74 6.03
N LYS C 5 -26.78 -5.05 6.39
CA LYS C 5 -26.64 -3.73 7.05
C LYS C 5 -25.76 -3.89 8.30
N GLY C 6 -25.93 -5.01 8.99
CA GLY C 6 -25.14 -5.26 10.19
C GLY C 6 -25.56 -6.59 10.74
N THR C 7 -24.85 -7.04 11.76
CA THR C 7 -25.19 -8.27 12.47
C THR C 7 -25.55 -7.91 13.90
N ILE C 8 -26.73 -8.36 14.33
CA ILE C 8 -27.21 -8.17 15.69
C ILE C 8 -27.05 -9.49 16.42
N TYR C 9 -26.45 -9.45 17.61
CA TYR C 9 -26.33 -10.59 18.52
C TYR C 9 -27.33 -10.33 19.63
N LEU C 10 -28.50 -10.96 19.54
CA LEU C 10 -29.52 -10.79 20.57
C LEU C 10 -29.16 -11.70 21.74
N THR C 11 -28.94 -11.13 22.92
CA THR C 11 -28.51 -11.92 24.06
C THR C 11 -29.47 -11.70 25.21
N PHE C 12 -29.77 -12.77 25.94
CA PHE C 12 -30.75 -12.80 27.02
C PHE C 12 -30.06 -13.29 28.28
N ASP C 13 -30.13 -12.50 29.35
CA ASP C 13 -29.50 -12.83 30.63
C ASP C 13 -30.53 -13.29 31.68
N ASP C 14 -30.07 -14.19 32.57
CA ASP C 14 -30.62 -14.50 33.89
C ASP C 14 -31.65 -15.63 33.85
N GLY C 15 -31.82 -16.27 32.71
CA GLY C 15 -32.60 -17.50 32.66
C GLY C 15 -31.80 -18.65 33.25
N PRO C 16 -32.33 -19.88 33.15
CA PRO C 16 -33.58 -20.24 32.49
C PRO C 16 -34.77 -20.11 33.47
N ILE C 17 -35.81 -19.38 33.07
CA ILE C 17 -37.02 -19.21 33.88
C ILE C 17 -38.23 -19.53 33.00
N ASN C 18 -39.42 -19.53 33.60
CA ASN C 18 -40.61 -19.85 32.81
C ASN C 18 -40.76 -18.91 31.61
N ALA C 19 -40.52 -17.61 31.83
CA ALA C 19 -40.59 -16.63 30.76
C ALA C 19 -39.63 -16.89 29.60
N SER C 20 -38.51 -17.60 29.85
CA SER C 20 -37.59 -17.97 28.77
C SER C 20 -38.31 -18.71 27.66
N ILE C 21 -39.25 -19.58 28.03
CA ILE C 21 -39.97 -20.36 27.03
C ILE C 21 -40.73 -19.44 26.07
N ASP C 22 -41.39 -18.42 26.63
CA ASP C 22 -42.16 -17.48 25.80
C ASP C 22 -41.26 -16.68 24.88
N VAL C 23 -40.11 -16.22 25.39
CA VAL C 23 -39.14 -15.53 24.56
C VAL C 23 -38.65 -16.42 23.43
N ILE C 24 -38.28 -17.66 23.77
CA ILE C 24 -37.76 -18.58 22.76
C ILE C 24 -38.80 -18.86 21.69
N ASN C 25 -40.07 -19.03 22.11
CA ASN C 25 -41.11 -19.30 21.12
C ASN C 25 -41.26 -18.14 20.15
N VAL C 26 -41.10 -16.91 20.65
CA VAL C 26 -41.13 -15.74 19.77
C VAL C 26 -39.96 -15.77 18.79
N LEU C 27 -38.75 -16.02 19.29
CA LEU C 27 -37.61 -16.14 18.39
C LEU C 27 -37.84 -17.22 17.34
N ASN C 28 -38.34 -18.38 17.78
CA ASN C 28 -38.46 -19.52 16.87
C ASN C 28 -39.48 -19.28 15.78
N GLU C 29 -40.49 -18.44 16.04
CA GLU C 29 -41.48 -18.15 15.00
C GLU C 29 -40.84 -17.45 13.80
N GLN C 30 -39.72 -16.75 14.01
CA GLN C 30 -39.03 -16.09 12.91
C GLN C 30 -37.65 -16.68 12.65
N GLY C 31 -37.34 -17.84 13.22
CA GLY C 31 -36.08 -18.50 12.92
C GLY C 31 -34.84 -17.84 13.48
N VAL C 32 -34.99 -16.91 14.42
CA VAL C 32 -33.84 -16.18 14.99
C VAL C 32 -33.24 -16.99 16.11
N LYS C 33 -31.90 -17.03 16.18
CA LYS C 33 -31.19 -17.72 17.26
C LYS C 33 -30.62 -16.69 18.22
N GLY C 34 -30.86 -16.91 19.52
CA GLY C 34 -30.37 -16.03 20.55
C GLY C 34 -29.27 -16.72 21.35
N THR C 35 -28.53 -15.90 22.11
CA THR C 35 -27.52 -16.37 23.04
C THR C 35 -28.05 -16.14 24.45
N PHE C 36 -28.11 -17.20 25.24
CA PHE C 36 -28.71 -17.17 26.57
C PHE C 36 -27.63 -17.34 27.63
N TYR C 37 -27.45 -16.31 28.46
CA TYR C 37 -26.47 -16.34 29.55
C TYR C 37 -27.22 -16.78 30.81
N PHE C 38 -27.09 -18.07 31.14
CA PHE C 38 -27.94 -18.74 32.12
C PHE C 38 -27.27 -18.84 33.49
N ASN C 39 -28.13 -18.80 34.54
CA ASN C 39 -27.76 -19.00 35.95
C ASN C 39 -28.48 -20.28 36.43
N ALA C 40 -27.72 -21.34 36.70
CA ALA C 40 -28.33 -22.64 37.04
C ALA C 40 -29.10 -22.66 38.36
N TRP C 41 -29.01 -21.63 39.21
CA TRP C 41 -29.76 -21.67 40.46
C TRP C 41 -31.27 -21.70 40.19
N HIS C 42 -31.70 -21.30 39.00
CA HIS C 42 -33.12 -21.43 38.66
C HIS C 42 -33.52 -22.90 38.48
N LEU C 43 -32.60 -23.74 38.03
CA LEU C 43 -32.88 -25.16 37.93
C LEU C 43 -33.05 -25.78 39.32
N ASP C 44 -32.33 -25.27 40.30
CA ASP C 44 -32.47 -25.70 41.69
C ASP C 44 -33.70 -25.09 42.36
N GLY C 45 -34.37 -24.14 41.71
CA GLY C 45 -35.60 -23.62 42.26
C GLY C 45 -35.44 -22.62 43.37
N ILE C 46 -34.27 -21.97 43.47
CA ILE C 46 -33.97 -21.05 44.55
C ILE C 46 -33.74 -19.61 44.07
N GLY C 47 -34.01 -19.33 42.77
CA GLY C 47 -33.74 -18.05 42.17
C GLY C 47 -34.83 -17.00 42.31
N ASP C 48 -35.90 -17.31 43.06
CA ASP C 48 -37.00 -16.37 43.35
C ASP C 48 -37.66 -15.83 42.08
N GLU C 49 -37.80 -16.69 41.08
CA GLU C 49 -38.55 -16.38 39.87
C GLU C 49 -39.57 -17.50 39.67
N ASN C 50 -40.52 -17.28 38.75
CA ASN C 50 -41.36 -18.37 38.29
C ASN C 50 -40.48 -19.28 37.45
N GLU C 51 -40.08 -20.42 38.03
CA GLU C 51 -39.02 -21.20 37.39
C GLU C 51 -39.26 -22.70 37.49
N ASP C 52 -40.50 -23.15 37.73
CA ASP C 52 -40.75 -24.58 37.75
C ASP C 52 -40.52 -25.22 36.38
N ARG C 53 -40.61 -24.45 35.30
CA ARG C 53 -40.33 -24.94 33.96
C ARG C 53 -38.91 -24.60 33.50
N ALA C 54 -37.99 -24.34 34.43
CA ALA C 54 -36.63 -23.96 34.07
C ALA C 54 -35.92 -25.04 33.26
N LEU C 55 -36.04 -26.32 33.66
CA LEU C 55 -35.39 -27.36 32.88
C LEU C 55 -35.99 -27.46 31.48
N GLU C 56 -37.31 -27.32 31.40
CA GLU C 56 -37.98 -27.35 30.09
C GLU C 56 -37.44 -26.25 29.17
N ALA C 57 -37.24 -25.04 29.73
CA ALA C 57 -36.70 -23.92 28.98
C ALA C 57 -35.28 -24.19 28.50
N LEU C 58 -34.43 -24.74 29.37
CA LEU C 58 -33.06 -25.07 28.98
C LEU C 58 -33.06 -26.07 27.84
N LYS C 59 -33.87 -27.14 27.95
CA LYS C 59 -33.96 -28.11 26.87
C LYS C 59 -34.50 -27.47 25.60
N LEU C 60 -35.49 -26.58 25.74
CA LEU C 60 -36.07 -25.95 24.54
C LEU C 60 -35.03 -25.09 23.82
N ALA C 61 -34.26 -24.31 24.58
CA ALA C 61 -33.20 -23.51 23.99
C ALA C 61 -32.22 -24.37 23.23
N LEU C 62 -31.76 -25.47 23.84
CA LEU C 62 -30.80 -26.34 23.17
C LEU C 62 -31.42 -27.02 21.97
N ASP C 63 -32.67 -27.49 22.11
CA ASP C 63 -33.28 -28.30 21.05
C ASP C 63 -33.64 -27.49 19.83
N THR C 64 -33.82 -26.16 19.98
CA THR C 64 -34.14 -25.33 18.84
C THR C 64 -33.01 -24.40 18.44
N GLY C 65 -31.77 -24.74 18.82
CA GLY C 65 -30.60 -24.14 18.20
C GLY C 65 -30.05 -22.88 18.84
N HIS C 66 -30.54 -22.46 20.00
CA HIS C 66 -29.98 -21.28 20.64
C HIS C 66 -28.71 -21.66 21.39
N VAL C 67 -27.85 -20.67 21.62
CA VAL C 67 -26.57 -20.90 22.27
C VAL C 67 -26.72 -20.66 23.77
N VAL C 68 -26.23 -21.59 24.58
CA VAL C 68 -26.27 -21.49 26.03
C VAL C 68 -24.87 -21.14 26.52
N ALA C 69 -24.76 -20.06 27.30
CA ALA C 69 -23.47 -19.58 27.77
C ALA C 69 -23.54 -19.39 29.28
N ASN C 70 -22.40 -19.07 29.88
CA ASN C 70 -22.21 -19.18 31.34
C ASN C 70 -22.33 -17.82 32.00
N HIS C 71 -23.31 -17.66 32.89
CA HIS C 71 -23.52 -16.38 33.57
C HIS C 71 -23.29 -16.48 35.09
N SER C 72 -22.74 -17.61 35.55
CA SER C 72 -22.46 -18.02 36.93
C SER C 72 -23.68 -18.67 37.59
N TYR C 73 -23.42 -19.51 38.61
CA TYR C 73 -24.46 -20.32 39.24
C TYR C 73 -25.62 -19.46 39.76
N ALA C 74 -25.32 -18.45 40.58
CA ALA C 74 -26.40 -17.71 41.25
C ALA C 74 -26.23 -16.21 41.12
N HIS C 75 -25.56 -15.77 40.06
CA HIS C 75 -25.56 -14.35 39.72
C HIS C 75 -24.88 -13.51 40.82
N MET C 76 -23.91 -14.11 41.50
CA MET C 76 -23.17 -13.52 42.63
C MET C 76 -24.05 -13.15 43.81
N VAL C 77 -25.26 -13.71 43.90
CA VAL C 77 -26.12 -13.33 45.03
C VAL C 77 -25.56 -13.79 46.37
N HIS C 78 -24.64 -14.75 46.38
CA HIS C 78 -23.95 -15.09 47.63
C HIS C 78 -23.20 -13.89 48.23
N ASN C 79 -22.83 -12.90 47.42
CA ASN C 79 -22.18 -11.70 47.94
C ASN C 79 -23.17 -10.63 48.38
N CYS C 80 -24.47 -10.90 48.26
CA CYS C 80 -25.51 -9.95 48.66
C CYS C 80 -26.04 -10.23 50.05
N VAL C 81 -25.71 -11.40 50.63
CA VAL C 81 -26.26 -11.87 51.90
C VAL C 81 -25.12 -12.39 52.78
N ASP C 82 -25.45 -12.65 54.07
CA ASP C 82 -24.43 -13.16 54.99
C ASP C 82 -24.11 -14.63 54.73
N GLU C 83 -25.14 -15.44 54.53
CA GLU C 83 -24.97 -16.87 54.32
C GLU C 83 -25.87 -17.27 53.16
N PHE C 84 -25.25 -17.79 52.11
CA PHE C 84 -26.04 -18.16 50.92
C PHE C 84 -26.88 -19.40 51.18
N GLY C 85 -28.14 -19.36 50.79
CA GLY C 85 -29.02 -20.49 50.93
C GLY C 85 -30.25 -20.36 50.04
N PRO C 86 -31.22 -21.27 50.22
CA PRO C 86 -32.40 -21.28 49.33
C PRO C 86 -33.23 -20.01 49.36
N THR C 87 -33.15 -19.19 50.40
CA THR C 87 -33.95 -17.96 50.47
C THR C 87 -33.15 -16.70 50.11
N SER C 88 -31.87 -16.84 49.71
CA SER C 88 -31.05 -15.66 49.50
C SER C 88 -31.56 -14.82 48.34
N GLY C 89 -32.02 -15.46 47.26
CA GLY C 89 -32.55 -14.70 46.13
C GLY C 89 -33.71 -13.82 46.55
N ALA C 90 -34.61 -14.36 47.37
CA ALA C 90 -35.74 -13.58 47.87
C ALA C 90 -35.28 -12.45 48.78
N GLU C 91 -34.28 -12.71 49.62
CA GLU C 91 -33.77 -11.67 50.54
C GLU C 91 -33.11 -10.53 49.78
N CYS C 92 -32.29 -10.85 48.78
CA CYS C 92 -31.66 -9.81 47.99
C CYS C 92 -32.67 -9.05 47.14
N ASN C 93 -33.72 -9.73 46.68
CA ASN C 93 -34.78 -9.03 45.97
C ASN C 93 -35.53 -8.06 46.87
N ALA C 94 -35.65 -8.38 48.15
CA ALA C 94 -36.33 -7.46 49.07
C ALA C 94 -35.50 -6.19 49.29
N THR C 95 -34.17 -6.32 49.32
CA THR C 95 -33.32 -5.14 49.51
C THR C 95 -32.96 -4.44 48.22
N GLY C 96 -32.88 -5.17 47.11
CA GLY C 96 -32.43 -4.58 45.87
C GLY C 96 -30.95 -4.28 45.82
N ASP C 97 -30.16 -4.89 46.71
CA ASP C 97 -28.73 -4.57 46.90
C ASP C 97 -27.81 -5.41 46.03
N HIS C 98 -28.31 -5.96 44.92
CA HIS C 98 -27.51 -6.83 44.06
C HIS C 98 -26.17 -6.23 43.66
N GLN C 99 -26.15 -4.93 43.33
CA GLN C 99 -24.92 -4.32 42.85
C GLN C 99 -23.93 -3.98 43.96
N ILE C 100 -24.32 -4.11 45.22
CA ILE C 100 -23.46 -3.69 46.34
C ILE C 100 -22.64 -4.87 46.83
N ASN C 101 -21.31 -4.70 46.87
CA ASN C 101 -20.38 -5.77 47.24
C ASN C 101 -20.58 -7.00 46.37
N ALA C 102 -20.97 -6.79 45.10
CA ALA C 102 -21.35 -7.92 44.23
C ALA C 102 -20.20 -8.88 43.99
N TYR C 103 -18.96 -8.38 43.98
CA TYR C 103 -17.77 -9.21 43.84
C TYR C 103 -16.89 -8.97 45.06
N GLN C 104 -16.38 -10.06 45.66
CA GLN C 104 -15.59 -9.92 46.87
C GLN C 104 -14.33 -10.77 46.78
N ASP C 105 -14.43 -12.09 46.95
CA ASP C 105 -13.30 -12.99 46.77
C ASP C 105 -13.34 -13.44 45.31
N PRO C 106 -12.44 -12.96 44.45
CA PRO C 106 -12.57 -13.27 43.02
C PRO C 106 -12.31 -14.73 42.67
N VAL C 107 -11.46 -15.41 43.44
CA VAL C 107 -11.25 -16.84 43.22
C VAL C 107 -12.54 -17.60 43.48
N TYR C 108 -13.21 -17.31 44.60
CA TYR C 108 -14.48 -17.96 44.86
C TYR C 108 -15.53 -17.54 43.83
N ASP C 109 -15.64 -16.23 43.56
CA ASP C 109 -16.65 -15.77 42.61
C ASP C 109 -16.46 -16.41 41.23
N ALA C 110 -15.21 -16.50 40.76
CA ALA C 110 -14.98 -17.14 39.47
C ALA C 110 -15.35 -18.62 39.50
N SER C 111 -15.15 -19.28 40.64
CA SER C 111 -15.50 -20.69 40.72
C SER C 111 -17.01 -20.92 40.65
N THR C 112 -17.85 -19.89 40.88
CA THR C 112 -19.27 -20.15 40.70
C THR C 112 -19.64 -20.24 39.23
N PHE C 113 -18.73 -19.85 38.32
CA PHE C 113 -18.93 -20.17 36.91
C PHE C 113 -18.67 -21.66 36.67
N ALA C 114 -17.68 -22.22 37.36
CA ALA C 114 -17.45 -23.66 37.25
C ALA C 114 -18.60 -24.44 37.85
N ASP C 115 -19.09 -24.01 39.02
CA ASP C 115 -20.24 -24.65 39.65
C ASP C 115 -21.46 -24.65 38.73
N ASN C 116 -21.64 -23.56 37.97
CA ASN C 116 -22.76 -23.47 37.04
C ASN C 116 -22.77 -24.64 36.07
N LEU C 117 -21.59 -25.01 35.54
CA LEU C 117 -21.48 -26.11 34.60
C LEU C 117 -21.85 -27.43 35.24
N VAL C 118 -21.44 -27.64 36.49
CA VAL C 118 -21.79 -28.88 37.19
C VAL C 118 -23.30 -29.02 37.29
N VAL C 119 -23.99 -27.94 37.64
CA VAL C 119 -25.44 -28.02 37.83
C VAL C 119 -26.15 -28.24 36.50
N PHE C 120 -25.71 -27.57 35.43
CA PHE C 120 -26.29 -27.82 34.10
C PHE C 120 -26.23 -29.31 33.77
N GLU C 121 -25.06 -29.90 33.95
CA GLU C 121 -24.89 -31.31 33.61
C GLU C 121 -25.67 -32.21 34.57
N ARG C 122 -25.87 -31.77 35.80
CA ARG C 122 -26.66 -32.59 36.74
C ARG C 122 -28.11 -32.68 36.27
N TYR C 123 -28.67 -31.59 35.74
CA TYR C 123 -30.06 -31.61 35.32
C TYR C 123 -30.22 -32.12 33.90
N LEU C 124 -29.18 -32.04 33.09
CA LEU C 124 -29.22 -32.49 31.69
C LEU C 124 -27.92 -33.20 31.39
N PRO C 125 -27.82 -34.48 31.78
CA PRO C 125 -26.51 -35.16 31.71
C PRO C 125 -25.88 -35.21 30.32
N ASN C 126 -26.64 -35.11 29.24
CA ASN C 126 -26.07 -35.17 27.90
C ASN C 126 -25.84 -33.80 27.27
N ILE C 127 -25.78 -32.74 28.09
CA ILE C 127 -25.71 -31.38 27.55
C ILE C 127 -24.47 -31.18 26.69
N ASN C 128 -23.35 -31.83 27.02
CA ASN C 128 -22.17 -31.56 26.21
C ASN C 128 -22.17 -32.29 24.87
N SER C 129 -23.23 -33.05 24.56
CA SER C 129 -23.41 -33.57 23.20
C SER C 129 -24.12 -32.58 22.27
N TYR C 130 -24.51 -31.39 22.79
CA TYR C 130 -25.11 -30.35 21.93
C TYR C 130 -24.04 -29.39 21.43
N PRO C 131 -23.94 -29.17 20.13
CA PRO C 131 -22.91 -28.24 19.62
C PRO C 131 -23.16 -26.82 20.05
N ASN C 132 -24.39 -26.46 20.39
CA ASN C 132 -24.72 -25.09 20.78
C ASN C 132 -24.61 -24.87 22.28
N TYR C 133 -24.10 -25.85 23.03
CA TYR C 133 -23.78 -25.64 24.44
C TYR C 133 -22.38 -25.06 24.52
N PHE C 134 -22.28 -23.81 24.93
CA PHE C 134 -20.99 -23.12 25.03
C PHE C 134 -20.70 -22.71 26.47
N GLY C 135 -21.26 -23.45 27.42
CA GLY C 135 -21.11 -23.08 28.83
C GLY C 135 -19.67 -23.03 29.29
N GLU C 136 -18.78 -23.81 28.66
CA GLU C 136 -17.38 -23.87 29.08
C GLU C 136 -16.49 -22.83 28.39
N GLU C 137 -17.03 -22.10 27.41
CA GLU C 137 -16.21 -21.25 26.54
C GLU C 137 -16.68 -19.80 26.46
N LEU C 138 -17.94 -19.51 26.77
CA LEU C 138 -18.50 -18.16 26.65
C LEU C 138 -19.13 -17.78 27.97
N ALA C 139 -18.83 -16.57 28.44
CA ALA C 139 -19.38 -16.11 29.70
C ALA C 139 -19.71 -14.63 29.61
N ARG C 140 -20.48 -14.16 30.59
CA ARG C 140 -20.73 -12.74 30.82
C ARG C 140 -20.82 -12.55 32.32
N LEU C 141 -20.13 -11.56 32.83
CA LEU C 141 -20.14 -11.35 34.28
C LEU C 141 -21.43 -10.65 34.69
N PRO C 142 -22.09 -11.10 35.76
CA PRO C 142 -23.23 -10.35 36.32
C PRO C 142 -22.87 -8.89 36.54
N TYR C 143 -23.80 -8.01 36.13
CA TYR C 143 -23.80 -6.55 36.36
C TYR C 143 -22.80 -5.80 35.49
N THR C 144 -21.97 -6.46 34.69
CA THR C 144 -20.73 -5.83 34.28
C THR C 144 -20.53 -5.86 32.78
N ASN C 145 -20.36 -4.69 32.18
CA ASN C 145 -20.09 -4.59 30.74
C ASN C 145 -18.58 -4.74 30.53
N GLY C 146 -18.11 -5.98 30.74
CA GLY C 146 -16.70 -6.31 30.65
C GLY C 146 -16.49 -7.30 29.50
N TRP C 147 -15.34 -7.18 28.84
CA TRP C 147 -15.03 -7.91 27.62
C TRP C 147 -13.64 -8.53 27.74
N ARG C 148 -13.54 -9.81 27.33
CA ARG C 148 -12.25 -10.50 27.16
C ARG C 148 -12.38 -11.27 25.84
N ILE C 149 -11.90 -10.67 24.76
CA ILE C 149 -12.12 -11.19 23.41
C ILE C 149 -10.83 -11.71 22.82
N THR C 150 -9.79 -10.86 22.76
CA THR C 150 -8.47 -11.25 22.28
C THR C 150 -7.44 -10.62 23.19
N LYS C 151 -6.19 -11.02 22.96
CA LYS C 151 -5.07 -10.40 23.68
C LYS C 151 -5.13 -8.87 23.61
N ASP C 152 -5.64 -8.31 22.51
CA ASP C 152 -5.70 -6.86 22.34
C ASP C 152 -7.12 -6.30 22.28
N PHE C 153 -8.12 -7.04 22.80
CA PHE C 153 -9.52 -6.62 22.77
C PHE C 153 -10.09 -7.01 24.14
N LYS C 154 -10.08 -6.06 25.06
CA LYS C 154 -10.54 -6.26 26.43
C LYS C 154 -11.16 -4.96 26.91
N ALA C 155 -12.10 -5.06 27.85
CA ALA C 155 -12.64 -3.87 28.49
C ALA C 155 -13.18 -4.27 29.86
N ASP C 156 -13.31 -3.29 30.76
CA ASP C 156 -13.86 -3.56 32.08
C ASP C 156 -14.90 -2.50 32.44
N GLY C 157 -15.97 -2.93 33.10
CA GLY C 157 -16.96 -1.96 33.60
C GLY C 157 -16.48 -1.38 34.92
N LEU C 158 -15.87 -0.20 34.86
CA LEU C 158 -15.22 0.37 36.03
C LEU C 158 -16.19 1.01 37.02
N CYS C 159 -17.46 1.18 36.66
CA CYS C 159 -18.48 1.65 37.58
C CYS C 159 -19.59 0.63 37.77
N ALA C 160 -19.34 -0.64 37.44
CA ALA C 160 -20.45 -1.58 37.28
C ALA C 160 -21.11 -1.93 38.61
N THR C 161 -20.29 -2.06 39.66
CA THR C 161 -20.76 -2.47 40.97
C THR C 161 -20.13 -1.54 42.01
N SER C 162 -20.64 -1.62 43.22
CA SER C 162 -20.37 -0.58 44.21
C SER C 162 -20.04 -1.22 45.55
N ASP C 163 -19.32 -0.47 46.39
CA ASP C 163 -19.10 -0.85 47.78
C ASP C 163 -20.09 -0.23 48.75
N ASP C 164 -21.00 0.64 48.29
CA ASP C 164 -21.86 1.38 49.20
C ASP C 164 -23.19 1.79 48.58
N LEU C 165 -23.15 2.82 47.73
CA LEU C 165 -24.35 3.39 47.12
C LEU C 165 -24.63 2.76 45.77
N LYS C 166 -25.91 2.58 45.46
CA LYS C 166 -26.31 2.13 44.13
C LYS C 166 -26.09 3.23 43.10
N PRO C 167 -25.76 2.87 41.86
CA PRO C 167 -25.40 3.92 40.87
C PRO C 167 -26.54 4.85 40.52
N TRP C 168 -27.79 4.47 40.81
CA TRP C 168 -28.94 5.33 40.62
C TRP C 168 -29.38 6.06 41.89
N GLU C 169 -28.61 5.91 43.04
CA GLU C 169 -28.96 6.57 44.30
C GLU C 169 -28.27 7.93 44.41
N PRO C 170 -28.89 8.88 45.11
CA PRO C 170 -28.23 10.18 45.31
C PRO C 170 -26.97 10.03 46.15
N GLY C 171 -25.93 10.78 45.77
CA GLY C 171 -24.64 10.71 46.43
C GLY C 171 -23.66 9.74 45.82
N TYR C 172 -24.09 8.96 44.83
CA TYR C 172 -23.19 7.99 44.22
C TYR C 172 -22.08 8.70 43.48
N VAL C 173 -20.85 8.21 43.65
CA VAL C 173 -19.69 8.72 42.95
C VAL C 173 -18.92 7.54 42.38
N CYS C 174 -18.63 7.58 41.08
CA CYS C 174 -17.71 6.62 40.46
C CYS C 174 -16.38 7.31 40.22
N ASP C 175 -15.32 6.77 40.82
CA ASP C 175 -13.97 7.28 40.67
C ASP C 175 -13.18 6.34 39.76
N LEU C 176 -12.93 6.77 38.52
CA LEU C 176 -12.28 5.90 37.54
C LEU C 176 -10.82 5.63 37.87
N ASP C 177 -10.17 6.50 38.64
CA ASP C 177 -8.78 6.29 39.04
C ASP C 177 -8.65 5.36 40.25
N ASN C 178 -9.73 5.16 41.01
CA ASN C 178 -9.70 4.27 42.17
C ASN C 178 -11.06 3.61 42.30
N PRO C 179 -11.35 2.61 41.46
CA PRO C 179 -12.69 2.01 41.44
C PRO C 179 -13.00 1.27 42.73
N SER C 180 -14.26 0.91 42.87
CA SER C 180 -14.71 0.20 44.06
C SER C 180 -13.96 -1.12 44.21
N ASN C 181 -13.90 -1.61 45.44
CA ASN C 181 -13.39 -2.95 45.70
C ASN C 181 -14.17 -3.99 44.89
N SER C 182 -15.48 -3.80 44.76
CA SER C 182 -16.26 -4.76 44.01
C SER C 182 -15.86 -4.77 42.54
N VAL C 183 -15.58 -3.59 41.96
CA VAL C 183 -15.11 -3.55 40.58
C VAL C 183 -13.74 -4.21 40.44
N LYS C 184 -12.83 -3.89 41.35
CA LYS C 184 -11.49 -4.47 41.24
C LYS C 184 -11.56 -5.99 41.31
N ALA C 185 -12.43 -6.52 42.17
CA ALA C 185 -12.59 -7.97 42.25
C ALA C 185 -13.19 -8.54 40.96
N SER C 186 -14.15 -7.82 40.36
CA SER C 186 -14.73 -8.28 39.10
C SER C 186 -13.69 -8.36 37.99
N ILE C 187 -12.74 -7.41 37.95
CA ILE C 187 -11.68 -7.44 36.95
C ILE C 187 -10.85 -8.71 37.11
N GLU C 188 -10.54 -9.06 38.36
CA GLU C 188 -9.82 -10.30 38.62
C GLU C 188 -10.60 -11.52 38.19
N VAL C 189 -11.93 -11.51 38.40
CA VAL C 189 -12.76 -12.61 37.91
C VAL C 189 -12.65 -12.74 36.40
N GLN C 190 -12.73 -11.61 35.66
CA GLN C 190 -12.55 -11.66 34.20
C GLN C 190 -11.25 -12.36 33.83
N ASN C 191 -10.18 -11.99 34.53
CA ASN C 191 -8.86 -12.52 34.21
C ASN C 191 -8.78 -14.01 34.50
N ILE C 192 -9.39 -14.44 35.60
CA ILE C 192 -9.42 -15.87 35.94
C ILE C 192 -10.16 -16.65 34.85
N LEU C 193 -11.33 -16.17 34.45
CA LEU C 193 -12.09 -16.84 33.39
C LEU C 193 -11.31 -16.87 32.08
N ALA C 194 -10.68 -15.75 31.70
CA ALA C 194 -9.88 -15.75 30.47
C ALA C 194 -8.76 -16.80 30.52
N ASN C 195 -8.13 -16.96 31.69
CA ASN C 195 -7.09 -17.97 31.83
C ASN C 195 -7.64 -19.41 31.76
N LYS C 196 -8.92 -19.61 32.01
CA LYS C 196 -9.55 -20.91 31.84
C LYS C 196 -10.09 -21.13 30.43
N GLY C 197 -9.84 -20.19 29.52
CA GLY C 197 -10.25 -20.33 28.13
C GLY C 197 -11.54 -19.63 27.77
N TYR C 198 -12.17 -18.90 28.69
CA TYR C 198 -13.39 -18.21 28.32
C TYR C 198 -13.08 -16.97 27.50
N GLN C 199 -14.01 -16.63 26.62
CA GLN C 199 -14.21 -15.25 26.21
C GLN C 199 -15.41 -14.70 26.96
N THR C 200 -15.38 -13.41 27.31
CA THR C 200 -16.53 -12.76 27.90
C THR C 200 -16.96 -11.60 27.01
N HIS C 201 -18.27 -11.42 26.87
CA HIS C 201 -18.85 -10.43 25.99
C HIS C 201 -19.78 -9.52 26.79
N GLY C 202 -19.64 -8.22 26.62
CA GLY C 202 -20.56 -7.29 27.25
C GLY C 202 -21.63 -6.93 26.24
N TRP C 203 -22.03 -5.66 26.15
CA TRP C 203 -23.09 -5.31 25.22
C TRP C 203 -22.93 -3.89 24.71
N ASP C 204 -23.62 -3.61 23.59
CA ASP C 204 -23.68 -2.29 22.97
C ASP C 204 -24.93 -1.51 23.36
N VAL C 205 -26.06 -2.22 23.48
CA VAL C 205 -27.38 -1.64 23.73
CA VAL C 205 -27.35 -1.62 23.79
C VAL C 205 -28.14 -2.57 24.68
N ASP C 206 -29.01 -2.00 25.50
CA ASP C 206 -29.72 -2.74 26.53
C ASP C 206 -31.19 -2.43 26.40
N TRP C 207 -32.01 -3.45 26.15
CA TRP C 207 -33.45 -3.26 26.07
C TRP C 207 -33.99 -3.47 27.47
N SER C 208 -34.08 -2.38 28.21
CA SER C 208 -34.20 -2.44 29.68
C SER C 208 -34.88 -1.17 30.15
N PRO C 209 -35.24 -1.11 31.44
CA PRO C 209 -35.55 0.20 32.04
C PRO C 209 -34.35 1.13 31.97
N GLU C 210 -34.64 2.44 31.98
CA GLU C 210 -33.59 3.46 31.98
C GLU C 210 -32.54 3.18 33.03
N ASN C 211 -32.96 2.87 34.25
CA ASN C 211 -32.07 2.37 35.29
C ASN C 211 -32.81 1.34 36.12
N TRP C 212 -32.04 0.53 36.85
CA TRP C 212 -32.60 -0.59 37.58
C TRP C 212 -33.18 -0.19 38.95
N GLY C 213 -33.19 1.09 39.30
CA GLY C 213 -33.96 1.52 40.46
C GLY C 213 -35.42 1.82 40.18
N ILE C 214 -35.81 1.84 38.91
CA ILE C 214 -37.19 2.17 38.52
C ILE C 214 -38.13 1.07 38.98
N PRO C 215 -39.21 1.39 39.70
CA PRO C 215 -40.19 0.35 40.04
C PRO C 215 -40.95 -0.13 38.81
N MET C 216 -41.39 -1.39 38.86
CA MET C 216 -42.03 -2.06 37.74
C MET C 216 -41.20 -1.95 36.46
N PRO C 217 -39.98 -2.52 36.44
CA PRO C 217 -39.07 -2.27 35.31
C PRO C 217 -39.56 -2.81 33.97
N ALA C 218 -40.53 -3.74 33.95
CA ALA C 218 -40.99 -4.29 32.68
C ALA C 218 -41.91 -3.34 31.93
N ASN C 219 -42.44 -2.32 32.61
CA ASN C 219 -43.38 -1.41 31.98
C ASN C 219 -42.70 -0.30 31.19
N SER C 220 -41.40 -0.07 31.41
CA SER C 220 -40.75 1.08 30.76
C SER C 220 -39.73 0.64 29.71
N LEU C 221 -40.09 -0.31 28.85
CA LEU C 221 -39.22 -0.75 27.77
C LEU C 221 -39.59 0.01 26.49
N THR C 222 -38.57 0.52 25.81
CA THR C 222 -38.75 1.24 24.54
C THR C 222 -39.53 0.41 23.54
N GLU C 223 -40.29 1.09 22.68
CA GLU C 223 -41.01 0.39 21.62
C GLU C 223 -40.02 -0.08 20.54
N ALA C 224 -40.51 -1.02 19.73
CA ALA C 224 -39.65 -1.75 18.79
C ALA C 224 -39.00 -0.83 17.77
N GLU C 225 -39.80 0.03 17.12
CA GLU C 225 -39.24 0.91 16.10
C GLU C 225 -38.16 1.80 16.68
N ALA C 226 -38.44 2.41 17.83
CA ALA C 226 -37.45 3.26 18.48
C ALA C 226 -36.23 2.47 18.89
N PHE C 227 -36.45 1.22 19.34
CA PHE C 227 -35.30 0.41 19.71
C PHE C 227 -34.43 0.10 18.50
N LEU C 228 -35.05 -0.15 17.33
CA LEU C 228 -34.23 -0.38 16.13
C LEU C 228 -33.44 0.87 15.81
N GLY C 229 -33.99 2.05 16.11
CA GLY C 229 -33.23 3.28 15.97
C GLY C 229 -32.01 3.31 16.86
N TYR C 230 -32.14 2.81 18.09
CA TYR C 230 -30.99 2.74 18.98
C TYR C 230 -29.95 1.75 18.48
N VAL C 231 -30.41 0.63 17.92
CA VAL C 231 -29.50 -0.34 17.32
C VAL C 231 -28.76 0.29 16.16
N ASP C 232 -29.51 0.92 15.23
CA ASP C 232 -28.90 1.69 14.13
C ASP C 232 -27.81 2.61 14.65
N ALA C 233 -28.10 3.36 15.71
CA ALA C 233 -27.14 4.33 16.23
C ALA C 233 -25.91 3.65 16.82
N ALA C 234 -26.04 2.40 17.27
CA ALA C 234 -24.91 1.72 17.91
C ALA C 234 -23.93 1.16 16.90
N LEU C 235 -24.34 1.04 15.65
CA LEU C 235 -23.50 0.42 14.62
C LEU C 235 -22.27 1.28 14.38
N ASN C 236 -21.08 0.71 14.63
CA ASN C 236 -19.81 1.38 14.35
C ASN C 236 -19.71 2.74 15.05
N SER C 237 -20.17 2.82 16.30
CA SER C 237 -20.09 4.07 17.04
C SER C 237 -19.54 3.89 18.45
N CYS C 238 -18.87 2.77 18.72
CA CYS C 238 -18.26 2.50 20.02
C CYS C 238 -19.26 2.67 21.16
N ALA C 239 -20.48 2.18 20.95
CA ALA C 239 -21.58 2.23 21.91
C ALA C 239 -21.23 1.71 23.31
N PRO C 240 -20.39 0.67 23.47
CA PRO C 240 -20.07 0.25 24.85
C PRO C 240 -19.43 1.33 25.69
N THR C 241 -18.74 2.30 25.08
CA THR C 241 -18.16 3.40 25.86
C THR C 241 -19.11 4.58 26.04
N THR C 242 -20.09 4.78 25.14
CA THR C 242 -20.97 5.92 25.24
C THR C 242 -22.31 5.59 25.89
N ILE C 243 -22.60 4.31 26.12
CA ILE C 243 -23.88 3.91 26.67
C ILE C 243 -24.09 4.55 28.05
N ASN C 244 -25.38 4.88 28.36
CA ASN C 244 -25.78 5.32 29.70
C ASN C 244 -26.71 4.27 30.33
N PRO C 245 -26.78 4.18 31.66
CA PRO C 245 -26.09 4.97 32.69
C PRO C 245 -24.64 4.53 32.89
N ILE C 246 -23.97 5.17 33.85
CA ILE C 246 -22.52 5.05 33.94
C ILE C 246 -22.11 3.63 34.31
N ASN C 247 -22.93 2.92 35.10
CA ASN C 247 -22.60 1.56 35.49
C ASN C 247 -22.75 0.57 34.34
N SER C 248 -23.27 0.99 33.20
CA SER C 248 -23.36 0.13 32.02
C SER C 248 -22.18 0.28 31.08
N LYS C 249 -21.28 1.23 31.33
CA LYS C 249 -20.17 1.50 30.41
C LYS C 249 -19.08 0.44 30.49
N ALA C 250 -18.50 0.15 29.33
CA ALA C 250 -17.34 -0.73 29.18
C ALA C 250 -16.11 0.14 28.98
N HIS C 251 -15.43 0.48 30.08
CA HIS C 251 -14.28 1.38 29.98
C HIS C 251 -13.08 0.71 29.31
N GLY C 252 -12.42 1.45 28.42
CA GLY C 252 -11.28 0.91 27.71
C GLY C 252 -11.62 0.11 26.48
N PHE C 253 -12.90 -0.03 26.13
CA PHE C 253 -13.29 -0.76 24.94
C PHE C 253 -12.58 -0.17 23.73
N PRO C 254 -11.91 -0.99 22.90
CA PRO C 254 -11.10 -0.45 21.80
C PRO C 254 -11.95 0.01 20.63
N CYS C 255 -12.32 1.29 20.61
CA CYS C 255 -13.20 1.79 19.56
C CYS C 255 -12.63 1.47 18.19
N GLY C 256 -13.49 1.00 17.30
CA GLY C 256 -13.10 0.72 15.93
C GLY C 256 -12.31 -0.57 15.76
N THR C 257 -12.18 -1.39 16.79
CA THR C 257 -11.47 -2.65 16.65
C THR C 257 -12.14 -3.51 15.57
N PRO C 258 -11.38 -4.18 14.71
CA PRO C 258 -11.99 -4.84 13.55
C PRO C 258 -13.02 -5.91 13.90
N LEU C 259 -12.85 -6.67 14.99
CA LEU C 259 -13.80 -7.71 15.30
C LEU C 259 -15.17 -7.17 15.67
N HIS C 260 -15.26 -5.89 16.03
CA HIS C 260 -16.55 -5.33 16.41
C HIS C 260 -17.20 -4.55 15.27
N ALA C 261 -16.54 -4.44 14.13
CA ALA C 261 -17.11 -3.67 13.02
C ALA C 261 -18.44 -4.27 12.57
N ASP C 262 -19.42 -3.39 12.34
CA ASP C 262 -20.69 -3.78 11.74
C ASP C 262 -21.49 -4.75 12.61
N LYS C 263 -21.27 -4.70 13.93
CA LYS C 263 -21.96 -5.58 14.87
C LYS C 263 -22.57 -4.79 16.01
N VAL C 264 -23.70 -5.27 16.52
CA VAL C 264 -24.34 -4.72 17.71
C VAL C 264 -24.76 -5.88 18.60
N VAL C 265 -24.27 -5.89 19.84
CA VAL C 265 -24.68 -6.89 20.82
C VAL C 265 -25.79 -6.26 21.66
N VAL C 266 -26.97 -6.88 21.62
CA VAL C 266 -28.14 -6.42 22.38
C VAL C 266 -28.24 -7.25 23.66
N LEU C 267 -28.42 -6.58 24.78
CA LEU C 267 -28.73 -7.23 26.05
C LEU C 267 -30.20 -7.02 26.38
N THR C 268 -30.87 -8.09 26.81
CA THR C 268 -32.15 -7.95 27.51
C THR C 268 -32.29 -9.14 28.48
N HIS C 269 -33.39 -9.15 29.22
CA HIS C 269 -33.60 -10.16 30.28
C HIS C 269 -34.97 -10.80 30.09
N GLU C 270 -35.03 -12.14 30.05
CA GLU C 270 -36.33 -12.80 29.87
C GLU C 270 -37.32 -12.39 30.96
N PHE C 271 -36.84 -12.04 32.16
CA PHE C 271 -37.81 -11.73 33.21
C PHE C 271 -38.57 -10.43 32.92
N LEU C 272 -38.14 -9.66 31.92
CA LEU C 272 -38.90 -8.49 31.51
C LEU C 272 -40.06 -8.84 30.59
N TYR C 273 -40.21 -10.11 30.22
CA TYR C 273 -41.23 -10.53 29.27
C TYR C 273 -42.29 -11.39 29.94
N GLU C 274 -42.52 -11.11 31.22
CA GLU C 274 -43.43 -11.86 32.09
C GLU C 274 -44.44 -10.89 32.69
N ASP C 275 -45.72 -11.25 32.64
CA ASP C 275 -46.76 -10.53 33.38
C ASP C 275 -46.67 -10.97 34.84
N GLY C 276 -46.22 -10.08 35.72
CA GLY C 276 -46.04 -10.49 37.09
C GLY C 276 -45.51 -9.34 37.90
N LYS C 277 -44.57 -9.63 38.81
CA LYS C 277 -44.12 -8.66 39.82
C LYS C 277 -43.37 -7.47 39.23
N ARG C 278 -42.91 -7.51 37.98
CA ARG C 278 -42.22 -6.37 37.40
C ARG C 278 -43.09 -5.56 36.44
N GLY C 279 -44.33 -5.97 36.22
CA GLY C 279 -45.22 -5.26 35.33
C GLY C 279 -45.84 -6.21 34.34
N MET C 280 -46.46 -5.64 33.32
CA MET C 280 -47.16 -6.44 32.31
C MET C 280 -46.23 -6.80 31.15
N GLY C 281 -45.14 -7.50 31.50
CA GLY C 281 -44.07 -7.72 30.53
C GLY C 281 -44.44 -8.64 29.39
N ALA C 282 -45.27 -9.66 29.64
CA ALA C 282 -45.65 -10.54 28.54
C ALA C 282 -46.61 -9.83 27.60
N THR C 283 -47.57 -9.10 28.16
CA THR C 283 -48.55 -8.37 27.35
C THR C 283 -47.89 -7.24 26.56
N GLN C 284 -47.02 -6.46 27.20
CA GLN C 284 -46.42 -5.33 26.52
C GLN C 284 -45.19 -5.73 25.69
N ASN C 285 -44.34 -6.61 26.21
CA ASN C 285 -43.01 -6.75 25.59
C ASN C 285 -42.84 -7.94 24.66
N LEU C 286 -43.60 -9.02 24.78
CA LEU C 286 -43.47 -10.05 23.75
C LEU C 286 -43.91 -9.56 22.37
N PRO C 287 -44.94 -8.72 22.22
CA PRO C 287 -45.18 -8.11 20.90
C PRO C 287 -44.06 -7.20 20.43
N LYS C 288 -43.45 -6.42 21.33
CA LYS C 288 -42.32 -5.59 20.92
C LYS C 288 -41.17 -6.45 20.39
N LEU C 289 -40.89 -7.56 21.07
CA LEU C 289 -39.80 -8.44 20.63
C LEU C 289 -40.12 -8.98 19.23
N ALA C 290 -41.34 -9.48 19.03
CA ALA C 290 -41.68 -10.03 17.73
C ALA C 290 -41.57 -8.96 16.64
N LYS C 291 -42.08 -7.76 16.91
CA LYS C 291 -41.99 -6.69 15.93
C LYS C 291 -40.55 -6.33 15.62
N PHE C 292 -39.71 -6.26 16.66
CA PHE C 292 -38.31 -5.87 16.46
C PHE C 292 -37.60 -6.84 15.51
N LEU C 293 -37.78 -8.15 15.73
CA LEU C 293 -37.20 -9.14 14.83
C LEU C 293 -37.66 -8.90 13.40
N ARG C 294 -38.96 -8.65 13.23
CA ARG C 294 -39.53 -8.48 11.90
C ARG C 294 -38.97 -7.23 11.23
N ILE C 295 -38.96 -6.09 11.94
CA ILE C 295 -38.50 -4.87 11.29
C ILE C 295 -37.00 -4.89 11.11
N ALA C 296 -36.25 -5.52 12.02
CA ALA C 296 -34.81 -5.62 11.82
C ALA C 296 -34.46 -6.44 10.59
N LYS C 297 -35.15 -7.58 10.40
CA LYS C 297 -34.84 -8.43 9.24
C LYS C 297 -35.26 -7.75 7.95
N GLU C 298 -36.40 -7.06 7.97
CA GLU C 298 -36.82 -6.33 6.76
C GLU C 298 -35.86 -5.18 6.45
N ALA C 299 -35.27 -4.57 7.48
CA ALA C 299 -34.28 -3.50 7.28
C ALA C 299 -32.92 -4.03 6.83
N GLY C 300 -32.72 -5.34 6.78
CA GLY C 300 -31.49 -5.90 6.24
C GLY C 300 -30.48 -6.38 7.26
N TYR C 301 -30.81 -6.31 8.54
CA TYR C 301 -29.94 -6.91 9.56
C TYR C 301 -30.06 -8.41 9.52
N VAL C 302 -29.00 -9.09 9.94
CA VAL C 302 -29.08 -10.52 10.20
C VAL C 302 -28.77 -10.74 11.68
N PHE C 303 -29.36 -11.78 12.24
CA PHE C 303 -29.13 -12.15 13.64
C PHE C 303 -28.16 -13.32 13.71
N ASP C 304 -27.23 -13.26 14.66
CA ASP C 304 -26.30 -14.35 14.86
C ASP C 304 -26.11 -14.57 16.36
N THR C 305 -25.38 -15.63 16.71
CA THR C 305 -25.11 -15.95 18.10
C THR C 305 -23.66 -15.65 18.45
N ILE C 306 -23.39 -15.48 19.75
CA ILE C 306 -22.09 -14.99 20.19
C ILE C 306 -20.96 -15.97 19.86
N ASP C 307 -21.26 -17.26 19.72
CA ASP C 307 -20.19 -18.19 19.34
C ASP C 307 -19.62 -17.88 17.96
N ASN C 308 -20.35 -17.15 17.11
CA ASN C 308 -19.81 -16.71 15.82
C ASN C 308 -19.30 -15.27 15.83
N TYR C 309 -19.35 -14.59 16.98
CA TYR C 309 -18.86 -13.22 17.04
C TYR C 309 -17.40 -13.15 16.62
N THR C 310 -16.57 -14.05 17.15
CA THR C 310 -15.26 -14.29 16.54
C THR C 310 -15.40 -15.43 15.54
N PRO C 311 -15.21 -15.18 14.25
CA PRO C 311 -15.57 -16.21 13.26
C PRO C 311 -14.74 -17.48 13.44
N VAL C 312 -15.40 -18.61 13.28
CA VAL C 312 -14.72 -19.90 13.35
C VAL C 312 -13.85 -20.09 12.11
N TRP C 313 -12.61 -20.56 12.31
CA TRP C 313 -11.72 -20.89 11.20
C TRP C 313 -12.39 -21.86 10.24
N GLN C 314 -12.25 -21.62 8.93
CA GLN C 314 -12.93 -22.46 7.95
C GLN C 314 -12.01 -22.74 6.76
N VAL C 315 -11.89 -24.02 6.41
CA VAL C 315 -11.13 -24.43 5.23
C VAL C 315 -11.64 -23.70 4.02
N GLY C 316 -10.73 -23.19 3.18
CA GLY C 316 -11.12 -22.44 2.00
C GLY C 316 -11.29 -20.94 2.20
N ASN C 317 -11.37 -20.43 3.43
CA ASN C 317 -11.49 -19.00 3.62
C ASN C 317 -10.17 -18.31 3.33
N ALA C 318 -10.26 -17.08 2.83
CA ALA C 318 -9.11 -16.23 2.62
C ALA C 318 -8.93 -15.38 3.87
N TYR C 319 -7.71 -15.38 4.40
CA TYR C 319 -7.41 -14.62 5.61
C TYR C 319 -6.33 -13.60 5.30
N ALA C 320 -6.54 -12.39 5.76
CA ALA C 320 -5.51 -11.37 5.69
C ALA C 320 -4.70 -11.40 6.98
N ALA C 321 -3.47 -10.93 6.90
CA ALA C 321 -2.66 -10.77 8.10
C ALA C 321 -3.41 -9.90 9.09
N GLY C 322 -3.48 -10.35 10.33
CA GLY C 322 -4.21 -9.64 11.37
C GLY C 322 -5.66 -10.07 11.56
N ASP C 323 -6.21 -10.92 10.70
CA ASP C 323 -7.57 -11.44 10.90
C ASP C 323 -7.61 -12.36 12.12
N TYR C 324 -8.71 -12.27 12.89
CA TYR C 324 -8.92 -13.15 14.05
C TYR C 324 -9.92 -14.25 13.72
N VAL C 325 -9.66 -15.46 14.25
CA VAL C 325 -10.57 -16.59 14.19
C VAL C 325 -10.56 -17.30 15.54
N THR C 326 -11.53 -18.18 15.74
CA THR C 326 -11.38 -19.20 16.76
C THR C 326 -11.21 -20.55 16.09
N HIS C 327 -10.40 -21.39 16.71
CA HIS C 327 -10.22 -22.75 16.23
C HIS C 327 -10.20 -23.65 17.45
N SER C 328 -11.15 -24.59 17.49
CA SER C 328 -11.34 -25.45 18.67
C SER C 328 -11.39 -24.63 19.95
N GLY C 329 -12.08 -23.48 19.91
CA GLY C 329 -12.27 -22.67 21.08
C GLY C 329 -11.16 -21.69 21.41
N THR C 330 -10.03 -21.74 20.71
CA THR C 330 -8.90 -20.84 20.96
C THR C 330 -8.87 -19.73 19.92
N VAL C 331 -8.60 -18.51 20.37
CA VAL C 331 -8.50 -17.36 19.46
C VAL C 331 -7.13 -17.36 18.80
N TYR C 332 -7.10 -17.12 17.49
CA TYR C 332 -5.85 -16.99 16.76
C TYR C 332 -5.88 -15.76 15.86
N LYS C 333 -4.69 -15.26 15.55
CA LYS C 333 -4.51 -14.09 14.69
C LYS C 333 -3.60 -14.48 13.54
N ALA C 334 -4.01 -14.15 12.32
CA ALA C 334 -3.26 -14.59 11.15
C ALA C 334 -1.96 -13.81 11.03
N VAL C 335 -0.87 -14.54 10.79
CA VAL C 335 0.44 -13.93 10.62
C VAL C 335 0.62 -13.47 9.19
N THR C 336 0.11 -14.27 8.27
CA THR C 336 0.41 -14.18 6.84
C THR C 336 -0.89 -14.34 6.08
N ALA C 337 -1.12 -13.48 5.09
CA ALA C 337 -2.26 -13.64 4.22
C ALA C 337 -2.15 -14.96 3.46
N HIS C 338 -3.23 -15.74 3.45
CA HIS C 338 -3.23 -17.06 2.85
C HIS C 338 -4.66 -17.57 2.71
N ILE C 339 -4.82 -18.63 1.93
CA ILE C 339 -6.09 -19.35 1.82
C ILE C 339 -5.99 -20.61 2.68
N ALA C 340 -6.91 -20.76 3.62
CA ALA C 340 -6.87 -21.89 4.55
C ALA C 340 -7.09 -23.21 3.81
N GLN C 341 -6.30 -24.22 4.19
CA GLN C 341 -6.50 -25.59 3.72
C GLN C 341 -6.64 -26.52 4.92
N GLN C 342 -7.15 -27.73 4.68
CA GLN C 342 -7.55 -28.58 5.80
C GLN C 342 -6.37 -28.94 6.70
N ASP C 343 -5.15 -29.04 6.16
CA ASP C 343 -4.02 -29.40 7.01
C ASP C 343 -3.37 -28.23 7.69
N TRP C 344 -3.79 -27.00 7.38
CA TRP C 344 -3.16 -25.80 7.90
C TRP C 344 -4.02 -25.08 8.95
N ALA C 345 -4.65 -25.85 9.84
CA ALA C 345 -5.41 -25.26 10.94
C ALA C 345 -4.46 -24.54 11.92
N PRO C 346 -4.94 -23.50 12.57
CA PRO C 346 -4.15 -22.87 13.65
C PRO C 346 -3.73 -23.91 14.69
N SER C 347 -2.57 -23.70 15.29
CA SER C 347 -2.07 -24.60 16.31
C SER C 347 -0.96 -23.89 17.08
N SER C 348 -0.44 -24.58 18.09
CA SER C 348 0.67 -24.03 18.86
C SER C 348 1.99 -24.04 18.10
N THR C 349 2.06 -24.61 16.90
CA THR C 349 3.28 -24.59 16.10
C THR C 349 3.09 -23.99 14.71
N SER C 350 1.88 -23.52 14.39
CA SER C 350 1.60 -22.98 13.05
C SER C 350 2.42 -21.73 12.80
N SER C 351 3.02 -21.65 11.61
CA SER C 351 3.65 -20.40 11.22
C SER C 351 2.66 -19.37 10.68
N LEU C 352 1.43 -19.79 10.37
CA LEU C 352 0.44 -18.93 9.75
C LEU C 352 -0.41 -18.16 10.75
N TRP C 353 -0.38 -18.54 12.03
CA TRP C 353 -1.28 -18.03 13.06
C TRP C 353 -0.48 -17.89 14.34
N THR C 354 -0.82 -16.90 15.17
CA THR C 354 -0.38 -16.92 16.56
C THR C 354 -1.61 -17.00 17.45
N ASN C 355 -1.43 -17.59 18.63
CA ASN C 355 -2.46 -17.60 19.66
C ASN C 355 -2.71 -16.18 20.14
N ALA C 356 -3.97 -15.74 20.10
CA ALA C 356 -4.29 -14.40 20.60
C ALA C 356 -5.42 -14.46 21.62
N ASP C 357 -5.48 -15.54 22.42
CA ASP C 357 -6.44 -15.61 23.52
C ASP C 357 -6.24 -14.43 24.45
N PRO C 358 -7.32 -13.98 25.13
CA PRO C 358 -7.21 -12.87 26.10
C PRO C 358 -6.64 -13.31 27.45
N ALA C 359 -5.96 -14.46 27.48
CA ALA C 359 -5.36 -15.02 28.69
C ALA C 359 -4.01 -14.35 29.00
N THR C 360 -3.58 -14.48 30.24
CA THR C 360 -2.28 -13.93 30.63
C THR C 360 -1.28 -14.96 31.16
N ASN C 361 -1.66 -16.25 31.26
CA ASN C 361 -0.67 -17.28 31.49
C ASN C 361 0.24 -17.39 30.29
N TRP C 362 1.52 -17.65 30.53
CA TRP C 362 2.44 -17.85 29.40
C TRP C 362 1.95 -19.01 28.56
N THR C 363 1.93 -18.80 27.25
CA THR C 363 1.35 -19.74 26.29
C THR C 363 2.25 -19.80 25.05
N LEU C 364 2.32 -20.98 24.42
CA LEU C 364 3.09 -21.16 23.20
CA LEU C 364 3.09 -21.16 23.19
C LEU C 364 2.50 -20.39 22.02
N ASN C 365 3.38 -19.89 21.14
CA ASN C 365 3.00 -19.31 19.86
C ASN C 365 2.16 -18.03 20.03
N VAL C 366 2.50 -17.23 21.02
CA VAL C 366 1.86 -15.94 21.26
C VAL C 366 2.82 -14.84 20.84
N SER C 367 2.30 -13.81 20.17
CA SER C 367 3.15 -12.68 19.83
C SER C 367 3.16 -11.72 21.02
N TYR C 368 4.19 -11.81 21.84
CA TYR C 368 4.33 -11.00 23.04
C TYR C 368 5.00 -9.67 22.73
N GLU C 369 4.57 -8.63 23.44
CA GLU C 369 5.12 -7.29 23.29
C GLU C 369 5.79 -6.87 24.60
N ALA C 370 6.82 -6.03 24.49
CA ALA C 370 7.43 -5.50 25.71
C ALA C 370 6.36 -4.84 26.56
N GLY C 371 6.39 -5.14 27.87
CA GLY C 371 5.42 -4.64 28.82
C GLY C 371 4.33 -5.63 29.17
N ASP C 372 4.10 -6.64 28.33
CA ASP C 372 3.20 -7.73 28.68
C ASP C 372 3.70 -8.42 29.94
N VAL C 373 2.78 -8.92 30.76
CA VAL C 373 3.13 -9.72 31.91
C VAL C 373 2.51 -11.10 31.72
N VAL C 374 3.30 -12.15 31.95
CA VAL C 374 2.82 -13.53 31.83
C VAL C 374 3.01 -14.21 33.18
N THR C 375 2.23 -15.27 33.40
CA THR C 375 2.38 -16.13 34.56
C THR C 375 2.84 -17.51 34.13
N TYR C 376 3.81 -18.06 34.85
CA TYR C 376 4.40 -19.34 34.45
C TYR C 376 4.92 -20.00 35.71
N GLN C 377 4.49 -21.24 35.96
CA GLN C 377 4.87 -21.97 37.18
C GLN C 377 4.62 -21.12 38.42
N GLY C 378 3.51 -20.40 38.43
CA GLY C 378 3.10 -19.63 39.59
C GLY C 378 3.79 -18.29 39.76
N LEU C 379 4.71 -17.92 38.86
CA LEU C 379 5.46 -16.68 38.99
C LEU C 379 5.10 -15.74 37.84
N ARG C 380 5.09 -14.45 38.14
CA ARG C 380 4.84 -13.44 37.12
C ARG C 380 6.15 -12.97 36.50
N TYR C 381 6.11 -12.73 35.18
CA TYR C 381 7.27 -12.25 34.43
C TYR C 381 6.87 -11.11 33.51
N LEU C 382 7.73 -10.09 33.45
CA LEU C 382 7.62 -9.00 32.50
C LEU C 382 8.33 -9.37 31.21
N VAL C 383 7.67 -9.12 30.08
CA VAL C 383 8.29 -9.27 28.77
C VAL C 383 9.14 -8.05 28.48
N ASN C 384 10.45 -8.27 28.27
CA ASN C 384 11.38 -7.18 27.99
C ASN C 384 11.53 -6.92 26.51
N VAL C 385 11.36 -7.95 25.69
CA VAL C 385 11.66 -7.92 24.26
C VAL C 385 10.52 -8.57 23.49
N PRO C 386 9.96 -7.93 22.47
CA PRO C 386 8.90 -8.57 21.69
C PRO C 386 9.40 -9.82 20.99
N HIS C 387 8.56 -10.84 20.98
CA HIS C 387 8.95 -12.10 20.37
C HIS C 387 7.72 -12.99 20.32
N VAL C 388 7.79 -14.04 19.49
CA VAL C 388 6.77 -15.09 19.48
C VAL C 388 7.26 -16.22 20.37
N SER C 389 6.46 -16.58 21.37
CA SER C 389 6.86 -17.61 22.30
C SER C 389 6.99 -18.97 21.62
N GLN C 390 7.93 -19.78 22.12
CA GLN C 390 8.09 -21.16 21.68
C GLN C 390 8.56 -22.00 22.86
N ALA C 391 8.54 -23.32 22.68
CA ALA C 391 8.67 -24.24 23.81
C ALA C 391 9.96 -24.05 24.58
N ASP C 392 11.06 -23.73 23.90
CA ASP C 392 12.31 -23.63 24.65
C ASP C 392 12.61 -22.22 25.11
N TRP C 393 11.74 -21.27 24.82
CA TRP C 393 11.87 -19.92 25.37
C TRP C 393 10.98 -19.72 26.59
N THR C 394 11.02 -20.65 27.55
CA THR C 394 10.22 -20.50 28.75
C THR C 394 10.70 -19.31 29.59
N PRO C 395 9.80 -18.63 30.29
CA PRO C 395 10.19 -17.44 31.06
C PRO C 395 11.32 -17.68 32.05
N ASN C 396 11.32 -18.82 32.74
CA ASN C 396 12.33 -19.04 33.78
C ASN C 396 13.71 -19.30 33.22
N THR C 397 13.84 -19.61 31.92
CA THR C 397 15.15 -19.86 31.33
C THR C 397 15.63 -18.75 30.41
N GLN C 398 14.82 -17.74 30.13
CA GLN C 398 15.17 -16.75 29.11
C GLN C 398 15.23 -15.39 29.77
N ASN C 399 16.38 -15.07 30.38
CA ASN C 399 16.48 -13.84 31.16
C ASN C 399 16.50 -12.58 30.30
N THR C 400 16.89 -12.68 29.03
CA THR C 400 16.83 -11.52 28.15
C THR C 400 15.39 -11.19 27.75
N LEU C 401 14.59 -12.22 27.45
CA LEU C 401 13.21 -12.01 27.05
C LEU C 401 12.28 -11.69 28.21
N PHE C 402 12.55 -12.23 29.41
CA PHE C 402 11.64 -12.11 30.56
C PHE C 402 12.39 -11.73 31.82
N THR C 403 11.77 -10.91 32.66
CA THR C 403 12.32 -10.64 33.99
C THR C 403 11.26 -11.00 35.03
N ALA C 404 11.62 -11.90 35.94
CA ALA C 404 10.72 -12.27 37.02
C ALA C 404 10.40 -11.05 37.86
N LEU C 405 9.15 -10.92 38.28
CA LEU C 405 8.76 -9.75 39.06
C LEU C 405 8.93 -10.03 40.54
N ALA D 3 -13.41 14.50 38.36
CA ALA D 3 -13.61 15.38 37.21
C ALA D 3 -12.52 15.19 36.15
N PRO D 4 -12.88 15.42 34.87
CA PRO D 4 -11.89 15.23 33.80
C PRO D 4 -10.76 16.24 33.90
N LYS D 5 -9.63 15.89 33.29
CA LYS D 5 -8.53 16.84 33.17
C LYS D 5 -9.01 18.12 32.50
N GLY D 6 -9.87 18.00 31.49
CA GLY D 6 -10.31 19.17 30.75
C GLY D 6 -11.29 18.74 29.69
N THR D 7 -11.82 19.73 28.98
CA THR D 7 -12.73 19.47 27.88
C THR D 7 -12.09 20.00 26.60
N ILE D 8 -12.06 19.17 25.58
CA ILE D 8 -11.57 19.56 24.26
C ILE D 8 -12.77 19.76 23.35
N TYR D 9 -12.80 20.90 22.65
CA TYR D 9 -13.80 21.20 21.63
C TYR D 9 -13.09 21.06 20.29
N LEU D 10 -13.31 19.93 19.63
CA LEU D 10 -12.71 19.70 18.33
C LEU D 10 -13.58 20.39 17.28
N THR D 11 -13.01 21.37 16.59
CA THR D 11 -13.78 22.16 15.64
C THR D 11 -13.11 22.09 14.28
N PHE D 12 -13.94 21.97 13.24
CA PHE D 12 -13.49 21.79 11.86
C PHE D 12 -14.02 22.92 11.00
N ASP D 13 -13.14 23.59 10.27
CA ASP D 13 -13.48 24.75 9.45
C ASP D 13 -13.47 24.42 7.95
N ASP D 14 -14.38 25.07 7.23
CA ASP D 14 -14.36 25.27 5.77
C ASP D 14 -15.05 24.15 4.99
N GLY D 15 -15.67 23.19 5.67
CA GLY D 15 -16.58 22.29 4.99
C GLY D 15 -17.84 23.02 4.58
N PRO D 16 -18.85 22.30 4.06
CA PRO D 16 -18.89 20.85 3.85
C PRO D 16 -18.23 20.47 2.52
N ILE D 17 -17.28 19.54 2.56
CA ILE D 17 -16.62 19.02 1.35
C ILE D 17 -16.58 17.50 1.44
N ASN D 18 -16.10 16.84 0.37
CA ASN D 18 -16.13 15.38 0.37
C ASN D 18 -15.33 14.81 1.55
N ALA D 19 -14.21 15.45 1.85
CA ALA D 19 -13.35 15.01 2.95
C ALA D 19 -14.04 15.10 4.31
N SER D 20 -15.05 15.98 4.46
CA SER D 20 -15.82 16.05 5.70
C SER D 20 -16.41 14.69 6.05
N ILE D 21 -16.85 13.93 5.04
CA ILE D 21 -17.46 12.62 5.30
C ILE D 21 -16.49 11.69 6.01
N ASP D 22 -15.24 11.65 5.52
CA ASP D 22 -14.22 10.79 6.13
C ASP D 22 -13.91 11.23 7.56
N VAL D 23 -13.79 12.53 7.79
CA VAL D 23 -13.55 13.05 9.14
C VAL D 23 -14.71 12.67 10.06
N ILE D 24 -15.94 12.87 9.61
CA ILE D 24 -17.11 12.56 10.43
C ILE D 24 -17.17 11.07 10.75
N ASN D 25 -16.87 10.22 9.76
CA ASN D 25 -16.85 8.78 10.02
C ASN D 25 -15.83 8.43 11.10
N VAL D 26 -14.67 9.09 11.12
CA VAL D 26 -13.69 8.84 12.17
C VAL D 26 -14.25 9.26 13.53
N LEU D 27 -14.79 10.48 13.63
CA LEU D 27 -15.39 10.89 14.90
C LEU D 27 -16.46 9.92 15.35
N ASN D 28 -17.33 9.50 14.42
CA ASN D 28 -18.42 8.62 14.79
C ASN D 28 -17.92 7.28 15.29
N GLU D 29 -16.89 6.72 14.64
CA GLU D 29 -16.35 5.42 15.07
C GLU D 29 -15.77 5.48 16.48
N GLN D 30 -15.33 6.66 16.93
CA GLN D 30 -14.79 6.81 18.28
C GLN D 30 -15.81 7.42 19.24
N GLY D 31 -17.07 7.55 18.82
CA GLY D 31 -18.11 8.07 19.67
C GLY D 31 -17.94 9.52 20.08
N VAL D 32 -17.38 10.36 19.20
CA VAL D 32 -17.05 11.76 19.52
C VAL D 32 -17.89 12.65 18.61
N LYS D 33 -18.32 13.79 19.12
CA LYS D 33 -19.02 14.81 18.34
C LYS D 33 -18.11 16.01 18.12
N GLY D 34 -18.18 16.59 16.92
CA GLY D 34 -17.40 17.77 16.58
C GLY D 34 -18.31 18.95 16.26
N THR D 35 -17.70 20.12 16.13
CA THR D 35 -18.37 21.34 15.68
C THR D 35 -17.81 21.74 14.32
N PHE D 36 -18.70 21.95 13.35
CA PHE D 36 -18.30 22.20 11.97
C PHE D 36 -18.71 23.61 11.58
N TYR D 37 -17.71 24.43 11.24
CA TYR D 37 -17.94 25.82 10.80
C TYR D 37 -17.96 25.81 9.28
N PHE D 38 -19.17 25.89 8.72
CA PHE D 38 -19.41 25.55 7.31
C PHE D 38 -19.57 26.80 6.46
N ASN D 39 -19.13 26.69 5.19
CA ASN D 39 -19.26 27.71 4.16
C ASN D 39 -20.13 27.09 3.07
N ALA D 40 -21.34 27.64 2.88
CA ALA D 40 -22.28 27.00 1.95
C ALA D 40 -21.89 27.14 0.48
N TRP D 41 -20.86 27.94 0.13
CA TRP D 41 -20.50 27.99 -1.29
C TRP D 41 -20.05 26.63 -1.82
N HIS D 42 -19.62 25.72 -0.95
CA HIS D 42 -19.32 24.37 -1.42
C HIS D 42 -20.57 23.62 -1.86
N LEU D 43 -21.71 23.93 -1.25
CA LEU D 43 -22.97 23.34 -1.70
C LEU D 43 -23.31 23.81 -3.12
N ASP D 44 -22.94 25.04 -3.46
CA ASP D 44 -23.13 25.56 -4.80
C ASP D 44 -22.08 25.06 -5.78
N GLY D 45 -21.04 24.40 -5.29
CA GLY D 45 -20.07 23.80 -6.18
C GLY D 45 -19.03 24.74 -6.71
N ILE D 46 -18.86 25.91 -6.09
CA ILE D 46 -17.97 26.96 -6.58
C ILE D 46 -16.79 27.19 -5.64
N GLY D 47 -16.60 26.34 -4.63
CA GLY D 47 -15.57 26.56 -3.64
C GLY D 47 -14.21 25.96 -3.97
N ASP D 48 -14.06 25.38 -5.15
CA ASP D 48 -12.78 24.89 -5.67
C ASP D 48 -12.18 23.78 -4.80
N GLU D 49 -13.04 22.93 -4.25
CA GLU D 49 -12.62 21.70 -3.59
C GLU D 49 -13.30 20.51 -4.25
N ASN D 50 -12.91 19.30 -3.85
CA ASN D 50 -13.72 18.12 -4.15
C ASN D 50 -14.98 18.22 -3.31
N GLU D 51 -16.10 18.59 -3.93
CA GLU D 51 -17.25 18.96 -3.13
C GLU D 51 -18.56 18.50 -3.74
N ASP D 52 -18.52 17.54 -4.68
CA ASP D 52 -19.76 17.01 -5.24
C ASP D 52 -20.63 16.33 -4.18
N ARG D 53 -20.03 15.85 -3.08
CA ARG D 53 -20.78 15.26 -1.98
C ARG D 53 -20.97 16.22 -0.81
N ALA D 54 -20.87 17.53 -1.04
CA ALA D 54 -21.06 18.51 0.02
C ALA D 54 -22.41 18.36 0.72
N LEU D 55 -23.50 18.16 -0.04
CA LEU D 55 -24.81 18.02 0.60
C LEU D 55 -24.87 16.75 1.43
N GLU D 56 -24.36 15.64 0.89
CA GLU D 56 -24.27 14.40 1.67
C GLU D 56 -23.51 14.63 2.97
N ALA D 57 -22.42 15.38 2.90
CA ALA D 57 -21.62 15.65 4.09
C ALA D 57 -22.41 16.46 5.11
N LEU D 58 -23.11 17.50 4.65
CA LEU D 58 -23.91 18.31 5.58
C LEU D 58 -24.98 17.46 6.26
N LYS D 59 -25.68 16.63 5.48
CA LYS D 59 -26.69 15.75 6.05
C LYS D 59 -26.08 14.75 7.03
N LEU D 60 -24.91 14.18 6.69
CA LEU D 60 -24.28 13.23 7.60
C LEU D 60 -23.92 13.91 8.93
N ALA D 61 -23.35 15.11 8.87
CA ALA D 61 -23.04 15.85 10.09
C ALA D 61 -24.28 16.02 10.95
N LEU D 62 -25.38 16.48 10.35
CA LEU D 62 -26.62 16.71 11.09
C LEU D 62 -27.21 15.39 11.59
N ASP D 63 -27.25 14.37 10.75
CA ASP D 63 -27.92 13.12 11.12
C ASP D 63 -27.18 12.35 12.20
N THR D 64 -25.86 12.54 12.34
CA THR D 64 -25.11 11.80 13.35
C THR D 64 -24.70 12.69 14.52
N GLY D 65 -25.31 13.87 14.65
CA GLY D 65 -25.30 14.57 15.93
C GLY D 65 -24.23 15.62 16.11
N HIS D 66 -23.48 15.95 15.06
CA HIS D 66 -22.47 17.00 15.16
C HIS D 66 -23.13 18.37 15.05
N VAL D 67 -22.47 19.38 15.59
CA VAL D 67 -23.03 20.72 15.62
C VAL D 67 -22.59 21.46 14.37
N VAL D 68 -23.53 22.07 13.66
CA VAL D 68 -23.24 22.85 12.45
C VAL D 68 -23.35 24.33 12.80
N ALA D 69 -22.31 25.10 12.48
CA ALA D 69 -22.22 26.51 12.81
C ALA D 69 -21.78 27.29 11.57
N ASN D 70 -21.79 28.62 11.71
CA ASN D 70 -21.79 29.55 10.58
C ASN D 70 -20.40 30.14 10.35
N HIS D 71 -19.83 29.89 9.17
CA HIS D 71 -18.48 30.37 8.86
C HIS D 71 -18.47 31.36 7.70
N SER D 72 -19.67 31.83 7.28
CA SER D 72 -19.98 32.76 6.17
C SER D 72 -20.14 32.00 4.86
N TYR D 73 -20.83 32.61 3.89
CA TYR D 73 -21.17 31.93 2.64
C TYR D 73 -19.93 31.43 1.90
N ALA D 74 -18.97 32.31 1.65
CA ALA D 74 -17.84 31.96 0.79
C ALA D 74 -16.51 32.36 1.40
N HIS D 75 -16.43 32.40 2.74
CA HIS D 75 -15.15 32.57 3.40
C HIS D 75 -14.47 33.90 3.04
N MET D 76 -15.28 34.94 2.75
CA MET D 76 -14.83 36.29 2.38
C MET D 76 -14.04 36.31 1.08
N VAL D 77 -14.17 35.28 0.23
CA VAL D 77 -13.41 35.25 -1.02
C VAL D 77 -13.88 36.33 -1.99
N HIS D 78 -15.10 36.87 -1.81
CA HIS D 78 -15.50 38.03 -2.61
C HIS D 78 -14.58 39.22 -2.40
N ASN D 79 -13.85 39.27 -1.31
CA ASN D 79 -12.91 40.37 -1.06
C ASN D 79 -11.51 40.09 -1.62
N CYS D 80 -11.31 38.90 -2.18
CA CYS D 80 -10.04 38.47 -2.75
C CYS D 80 -9.95 38.71 -4.26
N VAL D 81 -11.08 38.96 -4.91
CA VAL D 81 -11.17 39.09 -6.36
C VAL D 81 -11.89 40.39 -6.67
N ASP D 82 -11.83 40.81 -7.94
CA ASP D 82 -12.52 42.04 -8.34
C ASP D 82 -14.03 41.85 -8.42
N GLU D 83 -14.48 40.72 -8.95
CA GLU D 83 -15.90 40.43 -9.13
C GLU D 83 -16.16 38.99 -8.73
N PHE D 84 -16.94 38.80 -7.66
CA PHE D 84 -17.17 37.45 -7.18
C PHE D 84 -18.04 36.67 -8.16
N GLY D 85 -17.64 35.43 -8.45
CA GLY D 85 -18.40 34.55 -9.28
C GLY D 85 -17.96 33.12 -9.11
N PRO D 86 -18.43 32.24 -10.00
CA PRO D 86 -18.19 30.80 -9.81
C PRO D 86 -16.74 30.38 -9.94
N THR D 87 -15.85 31.20 -10.50
CA THR D 87 -14.43 30.85 -10.57
C THR D 87 -13.58 31.59 -9.53
N SER D 88 -14.18 32.38 -8.64
CA SER D 88 -13.40 33.21 -7.73
C SER D 88 -12.57 32.35 -6.77
N GLY D 89 -13.13 31.21 -6.34
CA GLY D 89 -12.40 30.32 -5.46
C GLY D 89 -11.12 29.80 -6.09
N ALA D 90 -11.20 29.37 -7.35
CA ALA D 90 -9.98 28.92 -8.03
C ALA D 90 -8.99 30.07 -8.23
N GLU D 91 -9.49 31.27 -8.58
CA GLU D 91 -8.61 32.42 -8.80
C GLU D 91 -7.86 32.81 -7.53
N CYS D 92 -8.56 32.85 -6.39
CA CYS D 92 -7.89 33.20 -5.15
C CYS D 92 -6.93 32.09 -4.72
N ASN D 93 -7.25 30.84 -5.02
CA ASN D 93 -6.34 29.74 -4.70
C ASN D 93 -5.07 29.83 -5.54
N ALA D 94 -5.18 30.38 -6.75
CA ALA D 94 -4.01 30.51 -7.61
C ALA D 94 -3.07 31.60 -7.10
N THR D 95 -3.61 32.66 -6.48
CA THR D 95 -2.78 33.72 -5.95
C THR D 95 -2.41 33.51 -4.49
N GLY D 96 -3.22 32.77 -3.75
CA GLY D 96 -3.03 32.59 -2.32
C GLY D 96 -3.21 33.84 -1.48
N ASP D 97 -3.94 34.84 -1.99
CA ASP D 97 -4.10 36.13 -1.31
C ASP D 97 -5.35 36.21 -0.42
N HIS D 98 -5.79 35.08 0.13
CA HIS D 98 -7.03 35.06 0.92
C HIS D 98 -6.99 36.06 2.08
N GLN D 99 -5.86 36.17 2.78
CA GLN D 99 -5.72 37.08 3.91
C GLN D 99 -5.57 38.55 3.52
N ILE D 100 -5.39 38.88 2.25
CA ILE D 100 -5.14 40.27 1.87
C ILE D 100 -6.47 40.95 1.54
N ASN D 101 -6.74 42.07 2.22
CA ASN D 101 -8.00 42.81 2.06
C ASN D 101 -9.21 41.90 2.32
N ALA D 102 -9.05 40.94 3.25
CA ALA D 102 -10.07 39.90 3.44
C ALA D 102 -11.39 40.47 3.96
N TYR D 103 -11.33 41.57 4.72
CA TYR D 103 -12.53 42.28 5.17
C TYR D 103 -12.43 43.69 4.62
N GLN D 104 -13.53 44.18 4.06
CA GLN D 104 -13.51 45.52 3.45
C GLN D 104 -14.73 46.32 3.92
N ASP D 105 -15.92 46.00 3.39
CA ASP D 105 -17.16 46.62 3.85
C ASP D 105 -17.78 45.71 4.91
N PRO D 106 -17.65 46.06 6.20
CA PRO D 106 -18.04 45.10 7.25
C PRO D 106 -19.52 44.81 7.23
N VAL D 107 -20.37 45.77 6.88
CA VAL D 107 -21.80 45.51 6.82
C VAL D 107 -22.11 44.45 5.76
N TYR D 108 -21.49 44.58 4.58
CA TYR D 108 -21.67 43.53 3.57
C TYR D 108 -21.04 42.22 4.02
N ASP D 109 -19.80 42.27 4.54
CA ASP D 109 -19.13 41.04 4.95
C ASP D 109 -19.94 40.30 6.00
N ALA D 110 -20.49 41.04 6.96
CA ALA D 110 -21.34 40.41 7.97
C ALA D 110 -22.58 39.77 7.34
N SER D 111 -23.16 40.44 6.32
CA SER D 111 -24.33 39.90 5.64
C SER D 111 -24.03 38.59 4.92
N THR D 112 -22.76 38.25 4.68
CA THR D 112 -22.52 36.95 4.08
C THR D 112 -22.71 35.82 5.09
N PHE D 113 -22.80 36.14 6.38
CA PHE D 113 -23.21 35.12 7.35
C PHE D 113 -24.72 34.87 7.26
N ALA D 114 -25.50 35.93 7.04
CA ALA D 114 -26.93 35.75 6.80
C ALA D 114 -27.18 35.01 5.50
N ASP D 115 -26.42 35.32 4.45
CA ASP D 115 -26.58 34.62 3.17
C ASP D 115 -26.29 33.14 3.32
N ASN D 116 -25.30 32.80 4.16
CA ASN D 116 -24.99 31.39 4.41
C ASN D 116 -26.24 30.64 4.85
N LEU D 117 -27.02 31.22 5.78
CA LEU D 117 -28.23 30.57 6.27
C LEU D 117 -29.24 30.34 5.16
N VAL D 118 -29.40 31.32 4.27
CA VAL D 118 -30.33 31.21 3.16
C VAL D 118 -29.94 30.04 2.28
N VAL D 119 -28.65 29.87 2.02
CA VAL D 119 -28.23 28.79 1.13
C VAL D 119 -28.39 27.43 1.81
N PHE D 120 -28.05 27.31 3.10
CA PHE D 120 -28.31 26.06 3.82
C PHE D 120 -29.79 25.68 3.73
N GLU D 121 -30.67 26.65 3.96
CA GLU D 121 -32.10 26.37 3.93
C GLU D 121 -32.62 26.15 2.53
N ARG D 122 -31.86 26.49 1.49
CA ARG D 122 -32.29 26.16 0.14
C ARG D 122 -31.96 24.71 -0.20
N TYR D 123 -30.77 24.26 0.21
CA TYR D 123 -30.39 22.87 -0.07
C TYR D 123 -31.05 21.90 0.89
N LEU D 124 -31.37 22.36 2.10
CA LEU D 124 -31.95 21.50 3.15
C LEU D 124 -33.08 22.28 3.81
N PRO D 125 -34.23 22.37 3.13
CA PRO D 125 -35.28 23.27 3.62
C PRO D 125 -35.77 22.97 5.04
N ASN D 126 -35.56 21.75 5.56
CA ASN D 126 -35.94 21.47 6.94
C ASN D 126 -34.76 21.53 7.92
N ILE D 127 -33.71 22.26 7.58
CA ILE D 127 -32.52 22.25 8.44
C ILE D 127 -32.81 22.82 9.83
N ASN D 128 -33.79 23.72 9.95
CA ASN D 128 -34.05 24.31 11.26
C ASN D 128 -34.83 23.39 12.18
N SER D 129 -35.24 22.21 11.71
CA SER D 129 -35.85 21.17 12.55
C SER D 129 -34.80 20.26 13.22
N TYR D 130 -33.52 20.51 13.00
CA TYR D 130 -32.44 19.76 13.65
C TYR D 130 -31.98 20.50 14.89
N PRO D 131 -32.01 19.87 16.07
CA PRO D 131 -31.56 20.58 17.28
C PRO D 131 -30.08 20.94 17.25
N ASN D 132 -29.29 20.23 16.44
CA ASN D 132 -27.84 20.45 16.40
C ASN D 132 -27.42 21.41 15.30
N TYR D 133 -28.37 22.02 14.61
CA TYR D 133 -28.08 23.12 13.68
C TYR D 133 -28.02 24.42 14.46
N PHE D 134 -26.83 25.00 14.56
CA PHE D 134 -26.60 26.25 15.28
C PHE D 134 -26.16 27.37 14.34
N GLY D 135 -26.58 27.30 13.08
CA GLY D 135 -26.14 28.27 12.10
C GLY D 135 -26.49 29.70 12.44
N GLU D 136 -27.60 29.92 13.15
CA GLU D 136 -28.04 31.27 13.49
C GLU D 136 -27.47 31.76 14.83
N GLU D 137 -26.75 30.92 15.56
CA GLU D 137 -26.35 31.26 16.92
C GLU D 137 -24.85 31.19 17.16
N LEU D 138 -24.10 30.42 16.36
CA LEU D 138 -22.66 30.23 16.58
C LEU D 138 -21.92 30.56 15.29
N ALA D 139 -20.86 31.34 15.40
CA ALA D 139 -20.09 31.72 14.22
C ALA D 139 -18.61 31.71 14.53
N ARG D 140 -17.79 31.67 13.48
CA ARG D 140 -16.36 31.91 13.57
C ARG D 140 -15.97 32.70 12.34
N LEU D 141 -15.17 33.77 12.52
CA LEU D 141 -14.82 34.58 11.35
C LEU D 141 -13.66 33.95 10.59
N PRO D 142 -13.75 33.90 9.25
CA PRO D 142 -12.61 33.51 8.42
C PRO D 142 -11.33 34.22 8.84
N TYR D 143 -10.26 33.43 8.98
CA TYR D 143 -8.89 33.88 9.20
C TYR D 143 -8.61 34.37 10.61
N THR D 144 -9.64 34.49 11.45
CA THR D 144 -9.55 35.44 12.57
C THR D 144 -9.83 34.76 13.91
N ASN D 145 -8.84 34.81 14.80
CA ASN D 145 -9.00 34.26 16.16
C ASN D 145 -9.68 35.30 17.03
N GLY D 146 -10.97 35.52 16.75
CA GLY D 146 -11.76 36.52 17.42
C GLY D 146 -12.88 35.85 18.21
N TRP D 147 -13.23 36.46 19.35
CA TRP D 147 -14.15 35.84 20.31
C TRP D 147 -15.20 36.87 20.72
N ARG D 148 -16.46 36.43 20.76
CA ARG D 148 -17.57 37.21 21.33
C ARG D 148 -18.37 36.21 22.16
N ILE D 149 -18.11 36.16 23.46
CA ILE D 149 -18.67 35.13 24.34
C ILE D 149 -19.64 35.73 25.35
N THR D 150 -19.17 36.72 26.12
CA THR D 150 -20.02 37.45 27.06
C THR D 150 -19.68 38.92 26.97
N LYS D 151 -20.49 39.71 27.67
CA LYS D 151 -20.26 41.14 27.80
C LYS D 151 -18.82 41.43 28.25
N ASP D 152 -18.21 40.53 29.02
CA ASP D 152 -16.87 40.70 29.55
C ASP D 152 -15.87 39.68 29.01
N PHE D 153 -16.20 39.01 27.90
CA PHE D 153 -15.30 37.99 27.36
C PHE D 153 -15.33 38.20 25.86
N LYS D 154 -14.38 38.99 25.36
CA LYS D 154 -14.26 39.28 23.94
C LYS D 154 -12.77 39.36 23.58
N ALA D 155 -12.48 39.14 22.30
CA ALA D 155 -11.10 39.27 21.84
C ALA D 155 -11.10 39.44 20.33
N ASP D 156 -10.05 40.09 19.81
CA ASP D 156 -9.94 40.26 18.36
C ASP D 156 -8.55 39.85 17.86
N GLY D 157 -8.50 39.28 16.67
CA GLY D 157 -7.20 38.98 16.08
C GLY D 157 -6.67 40.23 15.42
N LEU D 158 -5.78 40.99 16.09
CA LEU D 158 -5.39 42.29 15.56
C LEU D 158 -4.37 42.21 14.43
N CYS D 159 -3.85 41.02 14.12
CA CYS D 159 -2.96 40.83 12.97
C CYS D 159 -3.50 39.77 12.02
N ALA D 160 -4.80 39.47 12.05
CA ALA D 160 -5.28 38.28 11.36
C ALA D 160 -5.26 38.44 9.85
N THR D 161 -5.59 39.62 9.37
CA THR D 161 -5.63 39.89 7.94
C THR D 161 -4.89 41.19 7.69
N SER D 162 -4.58 41.45 6.42
CA SER D 162 -3.60 42.46 6.06
C SER D 162 -4.14 43.31 4.93
N ASP D 163 -3.57 44.51 4.78
CA ASP D 163 -3.87 45.37 3.66
C ASP D 163 -2.92 45.16 2.48
N ASP D 164 -1.84 44.41 2.66
CA ASP D 164 -0.82 44.33 1.62
C ASP D 164 -0.02 43.04 1.68
N LEU D 165 0.78 42.90 2.73
CA LEU D 165 1.77 41.83 2.85
C LEU D 165 1.26 40.74 3.77
N LYS D 166 1.59 39.49 3.42
CA LYS D 166 1.36 38.35 4.28
C LYS D 166 2.39 38.31 5.40
N PRO D 167 2.10 37.59 6.49
CA PRO D 167 3.00 37.61 7.66
C PRO D 167 4.49 37.37 7.39
N TRP D 168 4.83 36.32 6.61
CA TRP D 168 6.21 35.96 6.38
C TRP D 168 6.96 36.90 5.44
N GLU D 169 6.25 37.68 4.64
CA GLU D 169 6.90 38.50 3.64
C GLU D 169 7.70 39.62 4.31
N PRO D 170 8.89 39.94 3.80
CA PRO D 170 9.67 41.05 4.39
C PRO D 170 8.89 42.35 4.34
N GLY D 171 9.09 43.17 5.37
CA GLY D 171 8.36 44.42 5.50
C GLY D 171 7.04 44.32 6.23
N TYR D 172 6.54 43.10 6.46
CA TYR D 172 5.29 42.91 7.19
C TYR D 172 5.36 43.52 8.58
N VAL D 173 4.39 44.39 8.87
CA VAL D 173 4.29 45.09 10.14
C VAL D 173 2.87 44.92 10.65
N CYS D 174 2.73 44.39 11.86
CA CYS D 174 1.47 44.44 12.58
C CYS D 174 1.62 45.44 13.72
N ASP D 175 0.93 46.57 13.62
CA ASP D 175 0.91 47.58 14.66
C ASP D 175 -0.36 47.36 15.47
N LEU D 176 -0.22 46.76 16.65
CA LEU D 176 -1.38 46.49 17.48
C LEU D 176 -2.16 47.75 17.86
N ASP D 177 -1.53 48.93 17.82
CA ASP D 177 -2.24 50.15 18.13
C ASP D 177 -2.94 50.75 16.93
N ASN D 178 -2.44 50.48 15.72
CA ASN D 178 -3.09 50.90 14.48
C ASN D 178 -3.15 49.69 13.56
N PRO D 179 -4.17 48.84 13.73
CA PRO D 179 -4.25 47.62 12.90
C PRO D 179 -4.62 47.95 11.46
N SER D 180 -4.47 46.95 10.60
CA SER D 180 -4.82 47.08 9.20
C SER D 180 -6.30 47.44 9.02
N ASN D 181 -6.63 48.02 7.86
CA ASN D 181 -8.04 48.28 7.56
C ASN D 181 -8.85 46.98 7.52
N SER D 182 -8.26 45.90 7.00
CA SER D 182 -8.96 44.60 7.00
C SER D 182 -9.27 44.14 8.43
N VAL D 183 -8.29 44.24 9.33
CA VAL D 183 -8.55 43.86 10.71
C VAL D 183 -9.63 44.75 11.32
N LYS D 184 -9.59 46.06 11.04
CA LYS D 184 -10.60 46.93 11.64
C LYS D 184 -12.00 46.59 11.13
N ALA D 185 -12.14 46.24 9.85
CA ALA D 185 -13.43 45.78 9.33
C ALA D 185 -13.87 44.46 10.00
N SER D 186 -12.96 43.51 10.20
CA SER D 186 -13.34 42.25 10.84
C SER D 186 -13.84 42.46 12.27
N ILE D 187 -13.28 43.45 12.99
CA ILE D 187 -13.77 43.79 14.33
C ILE D 187 -15.22 44.27 14.27
N GLU D 188 -15.55 45.10 13.27
CA GLU D 188 -16.93 45.53 13.12
C GLU D 188 -17.84 44.37 12.72
N VAL D 189 -17.33 43.43 11.93
CA VAL D 189 -18.12 42.22 11.63
C VAL D 189 -18.44 41.46 12.92
N GLN D 190 -17.45 41.27 13.79
CA GLN D 190 -17.72 40.61 15.07
C GLN D 190 -18.85 41.32 15.81
N ASN D 191 -18.80 42.66 15.86
CA ASN D 191 -19.79 43.39 16.64
C ASN D 191 -21.16 43.29 16.00
N ILE D 192 -21.22 43.29 14.67
CA ILE D 192 -22.50 43.13 13.98
C ILE D 192 -23.11 41.78 14.33
N LEU D 193 -22.31 40.72 14.25
CA LEU D 193 -22.83 39.39 14.55
C LEU D 193 -23.28 39.27 16.01
N ALA D 194 -22.50 39.82 16.94
CA ALA D 194 -22.90 39.80 18.35
C ALA D 194 -24.25 40.48 18.54
N ASN D 195 -24.47 41.62 17.86
CA ASN D 195 -25.74 42.31 17.98
C ASN D 195 -26.89 41.53 17.34
N LYS D 196 -26.61 40.57 16.45
CA LYS D 196 -27.61 39.66 15.92
C LYS D 196 -27.79 38.42 16.79
N GLY D 197 -27.12 38.35 17.93
CA GLY D 197 -27.29 37.22 18.83
C GLY D 197 -26.28 36.10 18.67
N TYR D 198 -25.30 36.24 17.79
CA TYR D 198 -24.27 35.22 17.68
C TYR D 198 -23.29 35.28 18.84
N GLN D 199 -22.75 34.13 19.21
CA GLN D 199 -21.44 34.07 19.83
C GLN D 199 -20.42 33.68 18.76
N THR D 200 -19.21 34.21 18.86
CA THR D 200 -18.12 33.76 18.00
C THR D 200 -17.04 33.17 18.86
N HIS D 201 -16.45 32.06 18.39
CA HIS D 201 -15.41 31.34 19.11
C HIS D 201 -14.17 31.26 18.22
N GLY D 202 -13.02 31.53 18.82
CA GLY D 202 -11.74 31.32 18.17
C GLY D 202 -11.16 29.98 18.50
N TRP D 203 -9.86 29.94 18.76
CA TRP D 203 -9.24 28.66 19.09
C TRP D 203 -8.01 28.87 19.96
N ASP D 204 -7.65 27.79 20.66
CA ASP D 204 -6.45 27.67 21.49
C ASP D 204 -5.27 27.08 20.74
N VAL D 205 -5.54 26.05 19.92
CA VAL D 205 -4.52 25.30 19.22
C VAL D 205 -5.06 24.98 17.82
N ASP D 206 -4.15 24.96 16.83
CA ASP D 206 -4.50 24.76 15.42
C ASP D 206 -3.76 23.52 14.93
N TRP D 207 -4.49 22.45 14.61
CA TRP D 207 -3.84 21.23 14.08
C TRP D 207 -3.62 21.49 12.61
N SER D 208 -2.39 21.85 12.26
CA SER D 208 -2.23 22.53 10.98
C SER D 208 -0.81 22.36 10.45
N PRO D 209 -0.52 22.85 9.25
CA PRO D 209 0.86 23.17 8.90
C PRO D 209 1.36 24.32 9.77
N GLU D 210 2.68 24.48 9.80
CA GLU D 210 3.30 25.54 10.60
C GLU D 210 2.80 26.92 10.17
N ASN D 211 2.84 27.21 8.87
CA ASN D 211 2.23 28.41 8.31
C ASN D 211 1.50 28.04 7.02
N TRP D 212 0.68 28.98 6.52
CA TRP D 212 -0.17 28.63 5.35
C TRP D 212 0.51 28.90 4.02
N GLY D 213 1.79 29.27 4.03
CA GLY D 213 2.54 29.42 2.76
C GLY D 213 3.26 28.12 2.42
N ILE D 214 3.36 27.21 3.39
CA ILE D 214 4.05 25.91 3.19
C ILE D 214 3.39 25.16 2.03
N PRO D 215 4.17 24.64 1.05
CA PRO D 215 3.60 23.82 0.01
C PRO D 215 3.16 22.50 0.63
N MET D 216 2.11 21.88 0.09
CA MET D 216 1.63 20.57 0.59
C MET D 216 1.42 20.68 2.11
N PRO D 217 0.40 21.45 2.57
CA PRO D 217 0.19 21.65 3.99
C PRO D 217 -0.42 20.47 4.75
N ALA D 218 -0.50 19.28 4.15
CA ALA D 218 -1.19 18.17 4.83
C ALA D 218 -0.20 17.12 5.32
N ASN D 219 0.93 17.05 4.65
CA ASN D 219 1.90 15.97 4.94
C ASN D 219 2.60 16.17 6.29
N SER D 220 2.77 17.40 6.71
CA SER D 220 3.55 17.66 7.90
C SER D 220 2.70 17.80 9.16
N LEU D 221 1.46 17.33 9.15
CA LEU D 221 0.59 17.54 10.31
C LEU D 221 1.18 16.87 11.54
N THR D 222 1.21 17.61 12.66
CA THR D 222 1.73 17.11 13.93
C THR D 222 1.21 15.72 14.24
N GLU D 223 2.11 14.82 14.65
CA GLU D 223 1.66 13.50 15.07
C GLU D 223 0.74 13.62 16.28
N ALA D 224 -0.09 12.59 16.49
CA ALA D 224 -1.11 12.67 17.53
C ALA D 224 -0.50 12.85 18.92
N GLU D 225 0.57 12.11 19.24
CA GLU D 225 1.13 12.24 20.58
C GLU D 225 1.69 13.63 20.80
N ALA D 226 2.41 14.17 19.83
CA ALA D 226 2.89 15.53 19.98
C ALA D 226 1.75 16.54 20.04
N PHE D 227 0.66 16.29 19.32
CA PHE D 227 -0.45 17.25 19.37
C PHE D 227 -1.13 17.22 20.73
N LEU D 228 -1.28 16.03 21.32
CA LEU D 228 -1.81 15.96 22.68
C LEU D 228 -0.94 16.76 23.63
N GLY D 229 0.38 16.76 23.41
CA GLY D 229 1.26 17.63 24.17
C GLY D 229 0.96 19.11 23.99
N TYR D 230 0.59 19.52 22.77
CA TYR D 230 0.19 20.91 22.56
C TYR D 230 -1.10 21.23 23.32
N VAL D 231 -2.04 20.29 23.32
CA VAL D 231 -3.29 20.45 24.06
C VAL D 231 -3.01 20.57 25.56
N ASP D 232 -2.15 19.69 26.08
CA ASP D 232 -1.73 19.79 27.49
C ASP D 232 -1.14 21.17 27.77
N ALA D 233 -0.31 21.69 26.86
CA ALA D 233 0.33 22.98 27.12
C ALA D 233 -0.67 24.12 27.08
N ALA D 234 -1.74 23.98 26.29
CA ALA D 234 -2.75 25.02 26.18
C ALA D 234 -3.70 25.05 27.38
N LEU D 235 -3.86 23.92 28.07
CA LEU D 235 -4.85 23.85 29.13
C LEU D 235 -4.53 24.90 30.20
N ASN D 236 -5.43 25.87 30.37
CA ASN D 236 -5.34 26.89 31.42
C ASN D 236 -4.11 27.78 31.30
N SER D 237 -3.56 27.95 30.10
CA SER D 237 -2.38 28.79 29.94
C SER D 237 -2.63 29.97 29.00
N CYS D 238 -3.90 30.35 28.81
CA CYS D 238 -4.29 31.47 27.95
C CYS D 238 -3.69 31.33 26.54
N ALA D 239 -3.86 30.14 25.96
CA ALA D 239 -3.21 29.84 24.69
C ALA D 239 -3.61 30.76 23.53
N PRO D 240 -4.83 31.34 23.47
CA PRO D 240 -5.12 32.24 22.34
C PRO D 240 -4.22 33.47 22.31
N THR D 241 -3.60 33.87 23.43
CA THR D 241 -2.70 35.02 23.42
C THR D 241 -1.24 34.66 23.12
N THR D 242 -0.86 33.40 23.32
CA THR D 242 0.54 32.98 23.13
C THR D 242 0.75 32.15 21.87
N ILE D 243 -0.33 31.78 21.17
CA ILE D 243 -0.22 30.96 19.97
C ILE D 243 0.59 31.70 18.91
N ASN D 244 1.34 30.92 18.11
CA ASN D 244 2.03 31.39 16.91
C ASN D 244 1.41 30.74 15.69
N PRO D 245 1.48 31.37 14.50
CA PRO D 245 2.11 32.66 14.19
C PRO D 245 1.27 33.86 14.64
N ILE D 246 1.80 35.07 14.44
CA ILE D 246 1.18 36.28 14.98
C ILE D 246 -0.24 36.48 14.45
N ASN D 247 -0.50 36.07 13.20
CA ASN D 247 -1.85 36.25 12.66
C ASN D 247 -2.90 35.32 13.27
N SER D 248 -2.48 34.36 14.10
CA SER D 248 -3.41 33.47 14.79
C SER D 248 -3.73 33.92 16.21
N LYS D 249 -3.13 34.99 16.70
CA LYS D 249 -3.30 35.42 18.08
C LYS D 249 -4.67 36.06 18.29
N ALA D 250 -5.26 35.83 19.47
CA ALA D 250 -6.50 36.48 19.89
C ALA D 250 -6.18 37.60 20.88
N HIS D 251 -5.90 38.80 20.37
CA HIS D 251 -5.48 39.90 21.23
C HIS D 251 -6.63 40.38 22.10
N GLY D 252 -6.31 40.71 23.35
CA GLY D 252 -7.30 41.13 24.31
C GLY D 252 -8.03 40.01 25.01
N PHE D 253 -7.78 38.76 24.63
CA PHE D 253 -8.40 37.63 25.30
C PHE D 253 -8.17 37.75 26.80
N PRO D 254 -9.22 37.75 27.63
CA PRO D 254 -9.04 37.96 29.07
C PRO D 254 -8.48 36.72 29.76
N CYS D 255 -7.16 36.69 30.00
CA CYS D 255 -6.57 35.51 30.61
C CYS D 255 -7.20 35.23 31.96
N GLY D 256 -7.58 33.96 32.18
CA GLY D 256 -8.21 33.54 33.43
C GLY D 256 -9.71 33.70 33.47
N THR D 257 -10.35 34.09 32.37
CA THR D 257 -11.80 34.30 32.39
C THR D 257 -12.50 32.98 32.74
N PRO D 258 -13.60 33.03 33.52
CA PRO D 258 -14.11 31.77 34.11
C PRO D 258 -14.65 30.78 33.11
N LEU D 259 -15.25 31.23 32.01
CA LEU D 259 -15.78 30.27 31.04
C LEU D 259 -14.68 29.49 30.33
N HIS D 260 -13.45 30.00 30.30
CA HIS D 260 -12.41 29.28 29.58
C HIS D 260 -11.63 28.30 30.45
N ALA D 261 -11.91 28.24 31.76
CA ALA D 261 -11.17 27.34 32.65
C ALA D 261 -11.32 25.88 32.22
N ASP D 262 -10.20 25.15 32.12
CA ASP D 262 -10.21 23.71 31.88
C ASP D 262 -10.70 23.33 30.50
N LYS D 263 -10.51 24.20 29.51
CA LYS D 263 -11.05 24.01 28.17
C LYS D 263 -9.98 24.29 27.13
N VAL D 264 -9.98 23.50 26.06
CA VAL D 264 -9.09 23.75 24.93
C VAL D 264 -9.94 23.64 23.68
N VAL D 265 -9.99 24.70 22.87
CA VAL D 265 -10.68 24.65 21.58
C VAL D 265 -9.64 24.37 20.52
N VAL D 266 -9.81 23.28 19.78
CA VAL D 266 -8.90 22.88 18.71
C VAL D 266 -9.51 23.27 17.37
N LEU D 267 -8.72 23.96 16.55
CA LEU D 267 -9.06 24.24 15.16
C LEU D 267 -8.36 23.25 14.24
N THR D 268 -9.09 22.69 13.27
CA THR D 268 -8.44 22.06 12.14
C THR D 268 -9.37 22.20 10.94
N HIS D 269 -8.96 21.65 9.80
CA HIS D 269 -9.69 21.81 8.54
C HIS D 269 -9.85 20.44 7.91
N GLU D 270 -11.08 20.09 7.50
CA GLU D 270 -11.24 18.77 6.88
C GLU D 270 -10.40 18.64 5.61
N PHE D 271 -10.10 19.75 4.93
CA PHE D 271 -9.36 19.57 3.68
C PHE D 271 -7.93 19.09 3.93
N LEU D 272 -7.49 19.05 5.19
CA LEU D 272 -6.20 18.46 5.53
C LEU D 272 -6.25 16.95 5.66
N TYR D 273 -7.44 16.36 5.57
CA TYR D 273 -7.65 14.94 5.78
C TYR D 273 -8.05 14.24 4.49
N GLU D 274 -7.63 14.81 3.36
CA GLU D 274 -7.89 14.29 2.03
C GLU D 274 -6.58 14.01 1.30
N ASP D 275 -6.51 12.88 0.58
CA ASP D 275 -5.41 12.62 -0.34
C ASP D 275 -5.67 13.43 -1.61
N GLY D 276 -4.89 14.48 -1.81
CA GLY D 276 -5.23 15.37 -2.91
C GLY D 276 -4.19 16.43 -3.11
N LYS D 277 -4.63 17.63 -3.52
CA LYS D 277 -3.69 18.66 -3.93
C LYS D 277 -2.83 19.20 -2.79
N ARG D 278 -3.20 18.94 -1.53
CA ARG D 278 -2.40 19.42 -0.40
C ARG D 278 -1.50 18.33 0.18
N GLY D 279 -1.52 17.13 -0.36
CA GLY D 279 -0.73 16.02 0.16
C GLY D 279 -1.62 14.85 0.52
N MET D 280 -1.01 13.86 1.18
CA MET D 280 -1.67 12.59 1.46
C MET D 280 -2.42 12.65 2.79
N GLY D 281 -3.34 13.61 2.88
CA GLY D 281 -4.02 13.88 4.14
C GLY D 281 -4.91 12.77 4.64
N ALA D 282 -5.53 12.01 3.73
CA ALA D 282 -6.36 10.90 4.21
C ALA D 282 -5.48 9.75 4.72
N THR D 283 -4.49 9.34 3.91
CA THR D 283 -3.63 8.23 4.31
C THR D 283 -2.87 8.54 5.59
N GLN D 284 -2.36 9.76 5.72
CA GLN D 284 -1.52 10.09 6.88
C GLN D 284 -2.30 10.64 8.07
N ASN D 285 -3.31 11.49 7.83
CA ASN D 285 -3.87 12.28 8.93
C ASN D 285 -5.15 11.72 9.52
N LEU D 286 -5.93 10.95 8.76
CA LEU D 286 -7.06 10.28 9.40
C LEU D 286 -6.60 9.31 10.48
N PRO D 287 -5.50 8.53 10.32
CA PRO D 287 -5.03 7.75 11.47
C PRO D 287 -4.58 8.62 12.63
N LYS D 288 -4.00 9.80 12.36
CA LYS D 288 -3.61 10.71 13.44
C LYS D 288 -4.83 11.17 14.23
N LEU D 289 -5.89 11.57 13.53
CA LEU D 289 -7.10 12.00 14.21
C LEU D 289 -7.66 10.87 15.06
N ALA D 290 -7.72 9.64 14.52
CA ALA D 290 -8.28 8.51 15.26
C ALA D 290 -7.46 8.21 16.51
N LYS D 291 -6.13 8.25 16.38
CA LYS D 291 -5.28 8.00 17.52
C LYS D 291 -5.42 9.09 18.56
N PHE D 292 -5.46 10.36 18.11
CA PHE D 292 -5.62 11.46 19.04
C PHE D 292 -6.89 11.34 19.87
N LEU D 293 -8.01 10.96 19.25
CA LEU D 293 -9.24 10.78 20.01
C LEU D 293 -9.05 9.75 21.12
N ARG D 294 -8.44 8.61 20.79
CA ARG D 294 -8.19 7.57 21.79
C ARG D 294 -7.27 8.06 22.91
N ILE D 295 -6.11 8.63 22.56
CA ILE D 295 -5.13 8.97 23.61
C ILE D 295 -5.52 10.20 24.40
N ALA D 296 -6.38 11.06 23.87
CA ALA D 296 -6.87 12.18 24.67
C ALA D 296 -7.84 11.69 25.72
N LYS D 297 -8.72 10.75 25.36
CA LYS D 297 -9.61 10.16 26.35
C LYS D 297 -8.82 9.42 27.41
N GLU D 298 -7.75 8.74 27.01
CA GLU D 298 -6.91 8.02 27.98
C GLU D 298 -6.25 8.99 28.96
N ALA D 299 -5.88 10.17 28.49
CA ALA D 299 -5.29 11.19 29.34
C ALA D 299 -6.31 11.92 30.21
N GLY D 300 -7.60 11.58 30.10
CA GLY D 300 -8.62 12.16 30.95
C GLY D 300 -9.41 13.31 30.33
N TYR D 301 -9.19 13.64 29.07
CA TYR D 301 -10.01 14.67 28.44
C TYR D 301 -11.35 14.10 28.01
N VAL D 302 -12.35 14.97 27.95
CA VAL D 302 -13.62 14.64 27.35
C VAL D 302 -13.82 15.58 26.17
N PHE D 303 -14.56 15.12 25.16
CA PHE D 303 -14.82 15.94 23.99
C PHE D 303 -16.24 16.49 24.06
N ASP D 304 -16.40 17.76 23.68
CA ASP D 304 -17.72 18.36 23.67
C ASP D 304 -17.82 19.30 22.46
N THR D 305 -19.03 19.78 22.22
CA THR D 305 -19.30 20.67 21.10
C THR D 305 -19.50 22.10 21.60
N ILE D 306 -19.32 23.07 20.70
CA ILE D 306 -19.25 24.49 21.07
C ILE D 306 -20.59 24.99 21.63
N ASP D 307 -21.70 24.36 21.25
CA ASP D 307 -22.98 24.78 21.85
C ASP D 307 -23.03 24.52 23.34
N ASN D 308 -22.12 23.72 23.90
CA ASN D 308 -22.03 23.52 25.33
C ASN D 308 -20.87 24.26 25.98
N TYR D 309 -20.11 25.05 25.21
CA TYR D 309 -18.97 25.76 25.77
C TYR D 309 -19.43 26.72 26.86
N THR D 310 -20.50 27.47 26.60
CA THR D 310 -21.25 28.14 27.66
C THR D 310 -22.37 27.18 28.04
N PRO D 311 -22.38 26.63 29.26
CA PRO D 311 -23.31 25.54 29.57
C PRO D 311 -24.76 25.97 29.43
N VAL D 312 -25.58 25.08 28.87
CA VAL D 312 -26.99 25.38 28.72
C VAL D 312 -27.67 25.28 30.08
N TRP D 313 -28.53 26.26 30.39
CA TRP D 313 -29.24 26.27 31.66
C TRP D 313 -30.05 24.98 31.82
N GLN D 314 -29.99 24.36 33.01
CA GLN D 314 -30.68 23.08 33.19
C GLN D 314 -31.42 23.05 34.52
N VAL D 315 -32.72 22.72 34.49
CA VAL D 315 -33.47 22.56 35.72
C VAL D 315 -32.72 21.62 36.63
N GLY D 316 -32.61 21.98 37.90
CA GLY D 316 -31.98 21.13 38.89
C GLY D 316 -30.50 21.37 39.10
N ASN D 317 -29.83 22.05 38.17
CA ASN D 317 -28.42 22.37 38.37
C ASN D 317 -28.26 23.46 39.43
N ALA D 318 -27.17 23.38 40.17
CA ALA D 318 -26.83 24.40 41.15
C ALA D 318 -25.95 25.44 40.47
N TYR D 319 -26.27 26.71 40.69
CA TYR D 319 -25.49 27.82 40.12
C TYR D 319 -24.95 28.67 41.26
N ALA D 320 -23.67 29.04 41.17
CA ALA D 320 -23.11 30.02 42.07
C ALA D 320 -23.29 31.41 41.47
N ALA D 321 -23.33 32.43 42.33
CA ALA D 321 -23.33 33.80 41.84
C ALA D 321 -22.17 33.99 40.85
N GLY D 322 -22.45 34.64 39.72
CA GLY D 322 -21.44 34.84 38.70
C GLY D 322 -21.33 33.77 37.64
N ASP D 323 -21.98 32.61 37.81
CA ASP D 323 -21.93 31.55 36.79
C ASP D 323 -22.61 32.01 35.51
N TYR D 324 -22.08 31.59 34.37
CA TYR D 324 -22.69 31.87 33.08
C TYR D 324 -23.40 30.64 32.53
N VAL D 325 -24.58 30.87 31.93
CA VAL D 325 -25.32 29.85 31.18
C VAL D 325 -25.80 30.49 29.87
N THR D 326 -26.24 29.63 28.93
CA THR D 326 -27.13 30.11 27.88
C THR D 326 -28.53 29.54 28.11
N HIS D 327 -29.52 30.33 27.75
CA HIS D 327 -30.92 29.92 27.82
C HIS D 327 -31.61 30.45 26.58
N SER D 328 -32.17 29.54 25.78
CA SER D 328 -32.81 29.94 24.53
C SER D 328 -31.87 30.81 23.71
N GLY D 329 -30.58 30.46 23.73
CA GLY D 329 -29.58 31.12 22.92
C GLY D 329 -29.00 32.41 23.47
N THR D 330 -29.48 32.91 24.60
CA THR D 330 -28.99 34.14 25.20
C THR D 330 -28.08 33.80 26.38
N VAL D 331 -27.00 34.56 26.55
CA VAL D 331 -26.07 34.34 27.66
C VAL D 331 -26.57 35.08 28.89
N TYR D 332 -26.56 34.40 30.03
CA TYR D 332 -26.98 35.00 31.28
C TYR D 332 -25.92 34.76 32.35
N LYS D 333 -25.89 35.64 33.34
CA LYS D 333 -24.97 35.53 34.47
C LYS D 333 -25.78 35.50 35.76
N ALA D 334 -25.50 34.52 36.61
CA ALA D 334 -26.30 34.34 37.82
C ALA D 334 -26.08 35.48 38.81
N VAL D 335 -27.17 36.02 39.34
CA VAL D 335 -27.11 37.09 40.33
C VAL D 335 -26.78 36.53 41.71
N THR D 336 -27.41 35.41 42.08
CA THR D 336 -27.24 34.84 43.41
C THR D 336 -27.12 33.34 43.26
N ALA D 337 -26.55 32.70 44.29
CA ALA D 337 -26.47 31.26 44.28
C ALA D 337 -27.86 30.66 44.46
N HIS D 338 -28.18 29.63 43.68
CA HIS D 338 -29.50 29.03 43.76
C HIS D 338 -29.49 27.71 42.98
N ILE D 339 -30.57 26.95 43.13
CA ILE D 339 -30.80 25.74 42.34
C ILE D 339 -31.90 26.06 41.33
N ALA D 340 -31.63 25.79 40.05
CA ALA D 340 -32.59 26.10 38.99
C ALA D 340 -33.85 25.27 39.10
N GLN D 341 -34.99 25.92 38.89
CA GLN D 341 -36.32 25.31 38.90
C GLN D 341 -37.03 25.67 37.61
N GLN D 342 -37.95 24.79 37.17
CA GLN D 342 -38.54 24.93 35.83
C GLN D 342 -39.28 26.25 35.63
N ASP D 343 -39.92 26.80 36.68
CA ASP D 343 -40.67 28.03 36.52
C ASP D 343 -39.85 29.29 36.74
N TRP D 344 -38.55 29.14 36.95
CA TRP D 344 -37.71 30.27 37.27
C TRP D 344 -36.57 30.38 36.28
N ALA D 345 -36.86 30.31 34.98
CA ALA D 345 -35.80 30.30 33.97
C ALA D 345 -35.24 31.72 33.78
N PRO D 346 -34.03 31.85 33.25
CA PRO D 346 -33.51 33.18 32.89
C PRO D 346 -34.45 33.86 31.91
N SER D 347 -34.51 35.19 31.96
CA SER D 347 -35.39 35.97 31.10
C SER D 347 -34.95 37.43 31.19
N SER D 348 -35.62 38.26 30.40
CA SER D 348 -35.39 39.70 30.45
C SER D 348 -35.95 40.36 31.71
N THR D 349 -36.68 39.63 32.57
CA THR D 349 -37.11 40.19 33.85
C THR D 349 -36.68 39.39 35.07
N SER D 350 -35.95 38.29 34.88
CA SER D 350 -35.60 37.41 35.98
C SER D 350 -34.80 38.15 37.06
N SER D 351 -35.13 37.89 38.33
CA SER D 351 -34.31 38.43 39.42
C SER D 351 -33.07 37.58 39.71
N LEU D 352 -32.97 36.37 39.13
CA LEU D 352 -31.88 35.44 39.41
C LEU D 352 -30.73 35.53 38.41
N TRP D 353 -30.94 36.22 37.30
CA TRP D 353 -30.01 36.26 36.18
C TRP D 353 -30.01 37.66 35.59
N THR D 354 -28.87 38.09 35.04
CA THR D 354 -28.83 39.22 34.13
C THR D 354 -28.34 38.76 32.77
N ASN D 355 -28.79 39.46 31.74
CA ASN D 355 -28.35 39.19 30.38
C ASN D 355 -26.89 39.62 30.26
N ALA D 356 -26.03 38.70 29.80
CA ALA D 356 -24.61 39.02 29.62
C ALA D 356 -24.15 38.71 28.20
N ASP D 357 -25.04 38.84 27.22
CA ASP D 357 -24.66 38.69 25.81
C ASP D 357 -23.53 39.65 25.45
N PRO D 358 -22.67 39.27 24.50
CA PRO D 358 -21.58 40.16 24.05
C PRO D 358 -22.02 41.28 23.13
N ALA D 359 -23.32 41.56 23.09
CA ALA D 359 -23.87 42.57 22.20
C ALA D 359 -23.63 43.97 22.77
N THR D 360 -23.67 44.98 21.91
CA THR D 360 -23.50 46.36 22.35
C THR D 360 -24.72 47.25 22.14
N ASN D 361 -25.79 46.77 21.50
CA ASN D 361 -27.04 47.50 21.53
C ASN D 361 -27.60 47.48 22.95
N TRP D 362 -28.32 48.54 23.31
CA TRP D 362 -28.97 48.56 24.62
C TRP D 362 -29.95 47.41 24.70
N THR D 363 -29.89 46.67 25.82
CA THR D 363 -30.63 45.43 26.01
C THR D 363 -31.20 45.40 27.43
N LEU D 364 -32.36 44.75 27.61
CA LEU D 364 -33.00 44.65 28.92
C LEU D 364 -32.24 43.70 29.86
N ASN D 365 -32.27 44.05 31.14
CA ASN D 365 -31.78 43.19 32.23
C ASN D 365 -30.27 42.94 32.13
N VAL D 366 -29.53 43.94 31.65
CA VAL D 366 -28.08 43.88 31.58
C VAL D 366 -27.49 44.65 32.76
N SER D 367 -26.46 44.09 33.38
CA SER D 367 -25.77 44.81 34.45
C SER D 367 -24.74 45.75 33.80
N TYR D 368 -25.13 47.00 33.61
CA TYR D 368 -24.27 47.98 32.95
C TYR D 368 -23.31 48.62 33.95
N GLU D 369 -22.10 48.91 33.49
CA GLU D 369 -21.11 49.57 34.31
C GLU D 369 -20.82 50.95 33.76
N ALA D 370 -20.42 51.86 34.63
CA ALA D 370 -20.08 53.22 34.22
C ALA D 370 -18.96 53.18 33.21
N GLY D 371 -19.14 53.89 32.09
CA GLY D 371 -18.21 53.85 31.00
C GLY D 371 -18.59 52.90 29.86
N ASP D 372 -19.54 51.99 30.07
CA ASP D 372 -20.05 51.18 28.96
C ASP D 372 -20.68 52.10 27.92
N VAL D 373 -20.70 51.64 26.67
CA VAL D 373 -21.37 52.39 25.60
C VAL D 373 -22.43 51.47 25.00
N VAL D 374 -23.63 52.02 24.78
CA VAL D 374 -24.73 51.27 24.19
C VAL D 374 -25.26 52.04 22.98
N THR D 375 -25.87 51.31 22.06
CA THR D 375 -26.58 51.92 20.93
C THR D 375 -28.08 51.69 21.08
N TYR D 376 -28.85 52.75 20.85
CA TYR D 376 -30.30 52.71 20.99
C TYR D 376 -30.89 53.73 20.04
N GLN D 377 -31.81 53.28 19.18
CA GLN D 377 -32.46 54.15 18.19
C GLN D 377 -31.43 54.91 17.37
N GLY D 378 -30.37 54.20 16.99
CA GLY D 378 -29.34 54.74 16.14
C GLY D 378 -28.36 55.69 16.79
N LEU D 379 -28.48 55.94 18.10
CA LEU D 379 -27.57 56.82 18.80
C LEU D 379 -26.75 56.05 19.82
N ARG D 380 -25.49 56.49 20.01
CA ARG D 380 -24.63 55.89 21.02
C ARG D 380 -24.73 56.67 22.32
N TYR D 381 -24.74 55.95 23.44
CA TYR D 381 -24.91 56.55 24.75
C TYR D 381 -23.86 56.01 25.71
N LEU D 382 -23.33 56.90 26.56
CA LEU D 382 -22.44 56.48 27.63
C LEU D 382 -23.24 56.17 28.89
N VAL D 383 -22.92 55.06 29.55
CA VAL D 383 -23.47 54.76 30.86
C VAL D 383 -22.70 55.57 31.89
N ASN D 384 -23.41 56.43 32.63
CA ASN D 384 -22.81 57.24 33.68
C ASN D 384 -22.78 56.55 35.04
N VAL D 385 -23.78 55.71 35.34
CA VAL D 385 -24.00 55.13 36.65
C VAL D 385 -24.28 53.64 36.48
N PRO D 386 -23.61 52.75 37.21
CA PRO D 386 -23.93 51.32 37.10
C PRO D 386 -25.36 51.03 37.50
N HIS D 387 -26.02 50.15 36.75
CA HIS D 387 -27.42 49.84 37.02
C HIS D 387 -27.77 48.59 36.21
N VAL D 388 -28.88 47.96 36.56
CA VAL D 388 -29.45 46.88 35.74
C VAL D 388 -30.56 47.49 34.89
N SER D 389 -30.43 47.35 33.57
CA SER D 389 -31.38 47.97 32.66
C SER D 389 -32.76 47.35 32.82
N GLN D 390 -33.78 48.18 32.61
CA GLN D 390 -35.17 47.72 32.61
C GLN D 390 -35.93 48.59 31.61
N ALA D 391 -37.14 48.17 31.29
CA ALA D 391 -37.83 48.69 30.11
C ALA D 391 -38.13 50.18 30.21
N ASP D 392 -38.34 50.72 31.40
CA ASP D 392 -38.64 52.14 31.49
C ASP D 392 -37.40 52.98 31.78
N TRP D 393 -36.20 52.39 31.74
CA TRP D 393 -34.96 53.11 31.87
C TRP D 393 -34.21 53.14 30.53
N THR D 394 -34.93 53.40 29.45
CA THR D 394 -34.30 53.46 28.14
C THR D 394 -33.37 54.67 28.06
N PRO D 395 -32.29 54.56 27.28
CA PRO D 395 -31.27 55.63 27.27
C PRO D 395 -31.79 57.00 26.87
N ASN D 396 -32.74 57.07 25.95
CA ASN D 396 -33.25 58.37 25.53
C ASN D 396 -34.09 59.07 26.61
N THR D 397 -34.54 58.35 27.64
CA THR D 397 -35.38 58.95 28.67
C THR D 397 -34.68 59.09 30.02
N GLN D 398 -33.42 58.67 30.15
CA GLN D 398 -32.76 58.65 31.46
C GLN D 398 -31.45 59.40 31.36
N ASN D 399 -31.49 60.73 31.54
CA ASN D 399 -30.25 61.47 31.34
C ASN D 399 -29.34 61.43 32.55
N THR D 400 -29.78 60.83 33.66
CA THR D 400 -28.90 60.51 34.78
C THR D 400 -28.09 59.25 34.51
N LEU D 401 -28.77 58.19 34.05
CA LEU D 401 -28.08 56.92 33.80
C LEU D 401 -27.23 56.97 32.55
N PHE D 402 -27.64 57.73 31.53
CA PHE D 402 -26.99 57.74 30.22
C PHE D 402 -26.75 59.17 29.72
N THR D 403 -25.69 59.32 28.93
CA THR D 403 -25.42 60.57 28.23
C THR D 403 -25.13 60.26 26.77
N ALA D 404 -25.91 60.85 25.86
CA ALA D 404 -25.65 60.60 24.45
C ALA D 404 -24.23 61.07 24.10
N LEU D 405 -23.52 60.26 23.32
CA LEU D 405 -22.14 60.60 22.98
C LEU D 405 -22.06 61.84 22.11
N ARG D 406 -22.97 61.97 21.14
CA ARG D 406 -22.93 63.12 20.24
C ARG D 406 -22.94 64.45 20.98
N SER D 407 -23.42 64.46 22.23
CA SER D 407 -23.33 65.65 23.07
C SER D 407 -21.88 65.97 23.43
#